data_1FKZ
# 
_entry.id   1FKZ 
# 
_audit_conform.dict_name       mmcif_pdbx.dic 
_audit_conform.dict_version    5.392 
_audit_conform.dict_location   http://mmcif.pdb.org/dictionaries/ascii/mmcif_pdbx.dic 
# 
loop_
_database_2.database_id 
_database_2.database_code 
_database_2.pdbx_database_accession 
_database_2.pdbx_DOI 
PDB   1FKZ         pdb_00001fkz 10.2210/pdb1fkz/pdb 
WWPDB D_1000173327 ?            ?                   
# 
loop_
_pdbx_audit_revision_history.ordinal 
_pdbx_audit_revision_history.data_content_type 
_pdbx_audit_revision_history.major_revision 
_pdbx_audit_revision_history.minor_revision 
_pdbx_audit_revision_history.revision_date 
1 'Structure model' 1 0 1997-03-12 
2 'Structure model' 1 1 2008-03-24 
3 'Structure model' 1 2 2011-07-13 
4 'Structure model' 1 3 2022-02-23 
5 'Structure model' 1 4 2024-05-22 
# 
_pdbx_audit_revision_details.ordinal             1 
_pdbx_audit_revision_details.revision_ordinal    1 
_pdbx_audit_revision_details.data_content_type   'Structure model' 
_pdbx_audit_revision_details.provider            repository 
_pdbx_audit_revision_details.type                'Initial release' 
_pdbx_audit_revision_details.description         ? 
_pdbx_audit_revision_details.details             ? 
# 
loop_
_pdbx_audit_revision_group.ordinal 
_pdbx_audit_revision_group.revision_ordinal 
_pdbx_audit_revision_group.data_content_type 
_pdbx_audit_revision_group.group 
1 2 'Structure model' 'Version format compliance' 
2 3 'Structure model' 'Version format compliance' 
3 4 'Structure model' 'Data collection'           
4 4 'Structure model' 'Database references'       
5 4 'Structure model' 'Derived calculations'      
6 4 'Structure model' Other                       
7 5 'Structure model' 'Data collection'           
# 
loop_
_pdbx_audit_revision_category.ordinal 
_pdbx_audit_revision_category.revision_ordinal 
_pdbx_audit_revision_category.data_content_type 
_pdbx_audit_revision_category.category 
1 4 'Structure model' database_2            
2 4 'Structure model' pdbx_database_status  
3 4 'Structure model' pdbx_nmr_software     
4 4 'Structure model' pdbx_struct_assembly  
5 4 'Structure model' pdbx_struct_oper_list 
6 5 'Structure model' chem_comp_atom        
7 5 'Structure model' chem_comp_bond        
# 
loop_
_pdbx_audit_revision_item.ordinal 
_pdbx_audit_revision_item.revision_ordinal 
_pdbx_audit_revision_item.data_content_type 
_pdbx_audit_revision_item.item 
1 4 'Structure model' '_database_2.pdbx_DOI'                
2 4 'Structure model' '_database_2.pdbx_database_accession' 
3 4 'Structure model' '_pdbx_database_status.process_site'  
4 4 'Structure model' '_pdbx_nmr_software.name'             
# 
_pdbx_database_status.status_code                     REL 
_pdbx_database_status.entry_id                        1FKZ 
_pdbx_database_status.recvd_initial_deposition_date   1996-10-09 
_pdbx_database_status.deposit_site                    ? 
_pdbx_database_status.process_site                    BNL 
_pdbx_database_status.SG_entry                        . 
_pdbx_database_status.pdb_format_compatible           Y 
_pdbx_database_status.status_code_mr                  ? 
_pdbx_database_status.status_code_sf                  ? 
_pdbx_database_status.status_code_cs                  ? 
_pdbx_database_status.status_code_nmr_data            ? 
_pdbx_database_status.methods_development_category    ? 
# 
_pdbx_database_related.db_name        PDB 
_pdbx_database_related.db_id          1FKY 
_pdbx_database_related.details        'ENSEMBLE OF 2 STRUCTURES' 
_pdbx_database_related.content_type   unspecified 
# 
loop_
_audit_author.name 
_audit_author.pdbx_ordinal 
'Boulard, Y.'      1 
'Cognet, J.A.H.'   2 
'Fazakerley, G.V.' 3 
# 
loop_
_citation.id 
_citation.title 
_citation.journal_abbrev 
_citation.journal_volume 
_citation.page_first 
_citation.page_last 
_citation.year 
_citation.journal_id_ASTM 
_citation.country 
_citation.journal_id_ISSN 
_citation.journal_id_CSD 
_citation.book_publisher 
_citation.pdbx_database_id_PubMed 
_citation.pdbx_database_id_DOI 
primary 
;Solution structure as a function of pH of two central mismatches, C . T and C . C, in the 29 to 39 K-ras gene sequence, by nuclear magnetic resonance and molecular dynamics.
;
J.Mol.Biol.    268 331 347 1997 JMOBAK UK 0022-2836 0070 ? 9159474 10.1006/jmbi.1997.0975 
1       
;Solution Structure of an Oncogenic DNA Duplex, the K-Ras Gene and the Sequence Containing a Central C.A or A.G Mismatch as a Function of Ph: Nuclear Magnetic Resonance and Molecular Dynamics Studies
;
J.Mol.Biol.    246 194 ?   1995 JMOBAK UK 0022-2836 0070 ? ?       ?                      
2       
;Helical Parameters, Fluctuations, Alternative Hydrogen Bonding, and Bending in Oligonucleotides Containing a Mismatched Base-Pair by Noesy Distance Restrained and Distance Free Molecular Dynamics
;
J.Mol.Biol.    246 209 ?   1995 JMOBAK UK 0022-2836 0070 ? ?       ?                      
3       
'Solution Structure of Two Mismatches A.A and T.T in the K-Ras Gene Context by Nuclear Magnetic Resonance and Molecular Dynamics' 
Eur.J.Biochem. 228 279 ?   1995 EJBCAI IX 0014-2956 0262 ? ?       ?                      
# 
loop_
_citation_author.citation_id 
_citation_author.name 
_citation_author.ordinal 
_citation_author.identifier_ORCID 
primary 'Boulard, Y.'      1  ? 
primary 'Cognet, J.A.'     2  ? 
primary 'Fazakerley, G.V.' 3  ? 
1       'Boulard, Y.'      4  ? 
1       'Cognet, J.A.'     5  ? 
1       'Gabarro-Arpa, J.' 6  ? 
1       'Le Bret, M.'      7  ? 
1       'Carbonnaux, C.'   8  ? 
1       'Fazakerley, G.V.' 9  ? 
2       'Cognet, J.A.'     10 ? 
2       'Boulard, Y.'      11 ? 
2       'Fazakerley, G.V.' 12 ? 
3       'Gervais, V.'      13 ? 
3       'Cognet, J.A.'     14 ? 
3       'Le Bret, M.'      15 ? 
3       'Sowers, L.C.'     16 ? 
3       'Fazakerley, G.V.' 17 ? 
# 
loop_
_entity.id 
_entity.type 
_entity.src_method 
_entity.pdbx_description 
_entity.formula_weight 
_entity.pdbx_number_of_molecules 
_entity.pdbx_ec 
_entity.pdbx_mutation 
_entity.pdbx_fragment 
_entity.details 
1 polymer syn 
;DNA (5'-D(*GP*CP*CP*AP*CP*CP*AP*GP*CP*TP*C)-3')
;
3279.151 1 ? ? ? ? 
2 polymer syn 
;DNA (5'-D(*GP*AP*GP*CP*TP*CP*GP*TP*GP*GP*C)-3')
;
3390.209 1 ? ? ? ? 
# 
loop_
_entity_poly.entity_id 
_entity_poly.type 
_entity_poly.nstd_linkage 
_entity_poly.nstd_monomer 
_entity_poly.pdbx_seq_one_letter_code 
_entity_poly.pdbx_seq_one_letter_code_can 
_entity_poly.pdbx_strand_id 
_entity_poly.pdbx_target_identifier 
1 polydeoxyribonucleotide no no '(DG)(DC)(DC)(DA)(DC)(DC)(DA)(DG)(DC)(DT)(DC)' GCCACCAGCTC A ? 
2 polydeoxyribonucleotide no no '(DG)(DA)(DG)(DC)(DT)(DC)(DG)(DT)(DG)(DG)(DC)' GAGCTCGTGGC B ? 
# 
loop_
_entity_poly_seq.entity_id 
_entity_poly_seq.num 
_entity_poly_seq.mon_id 
_entity_poly_seq.hetero 
1 1  DG n 
1 2  DC n 
1 3  DC n 
1 4  DA n 
1 5  DC n 
1 6  DC n 
1 7  DA n 
1 8  DG n 
1 9  DC n 
1 10 DT n 
1 11 DC n 
2 1  DG n 
2 2  DA n 
2 3  DG n 
2 4  DC n 
2 5  DT n 
2 6  DC n 
2 7  DG n 
2 8  DT n 
2 9  DG n 
2 10 DG n 
2 11 DC n 
# 
loop_
_chem_comp.id 
_chem_comp.type 
_chem_comp.mon_nstd_flag 
_chem_comp.name 
_chem_comp.pdbx_synonyms 
_chem_comp.formula 
_chem_comp.formula_weight 
DA 'DNA linking' y "2'-DEOXYADENOSINE-5'-MONOPHOSPHATE" ? 'C10 H14 N5 O6 P' 331.222 
DC 'DNA linking' y "2'-DEOXYCYTIDINE-5'-MONOPHOSPHATE"  ? 'C9 H14 N3 O7 P'  307.197 
DG 'DNA linking' y "2'-DEOXYGUANOSINE-5'-MONOPHOSPHATE" ? 'C10 H14 N5 O7 P' 347.221 
DT 'DNA linking' y "THYMIDINE-5'-MONOPHOSPHATE"         ? 'C10 H15 N2 O8 P' 322.208 
# 
loop_
_pdbx_poly_seq_scheme.asym_id 
_pdbx_poly_seq_scheme.entity_id 
_pdbx_poly_seq_scheme.seq_id 
_pdbx_poly_seq_scheme.mon_id 
_pdbx_poly_seq_scheme.ndb_seq_num 
_pdbx_poly_seq_scheme.pdb_seq_num 
_pdbx_poly_seq_scheme.auth_seq_num 
_pdbx_poly_seq_scheme.pdb_mon_id 
_pdbx_poly_seq_scheme.auth_mon_id 
_pdbx_poly_seq_scheme.pdb_strand_id 
_pdbx_poly_seq_scheme.pdb_ins_code 
_pdbx_poly_seq_scheme.hetero 
A 1 1  DG 1  1  1  DG G A . n 
A 1 2  DC 2  2  2  DC C A . n 
A 1 3  DC 3  3  3  DC C A . n 
A 1 4  DA 4  4  4  DA A A . n 
A 1 5  DC 5  5  5  DC C A . n 
A 1 6  DC 6  6  6  DC C A . n 
A 1 7  DA 7  7  7  DA A A . n 
A 1 8  DG 8  8  8  DG G A . n 
A 1 9  DC 9  9  9  DC C A . n 
A 1 10 DT 10 10 10 DT T A . n 
A 1 11 DC 11 11 11 DC C A . n 
B 2 1  DG 1  12 12 DG G B . n 
B 2 2  DA 2  13 13 DA A B . n 
B 2 3  DG 3  14 14 DG G B . n 
B 2 4  DC 4  15 15 DC C B . n 
B 2 5  DT 5  16 16 DT T B . n 
B 2 6  DC 6  17 17 DC C B . n 
B 2 7  DG 7  18 18 DG G B . n 
B 2 8  DT 8  19 19 DT T B . n 
B 2 9  DG 9  20 20 DG G B . n 
B 2 10 DG 10 21 21 DG G B . n 
B 2 11 DC 11 22 22 DC C B . n 
# 
_software.name             AMBER 
_software.classification   refinement 
_software.version          . 
_software.citation_id      ? 
_software.pdbx_ordinal     1 
# 
_cell.entry_id           1FKZ 
_cell.length_a           1.000 
_cell.length_b           1.000 
_cell.length_c           1.000 
_cell.angle_alpha        90.00 
_cell.angle_beta         90.00 
_cell.angle_gamma        90.00 
_cell.Z_PDB              1 
_cell.pdbx_unique_axis   ? 
# 
_symmetry.entry_id                         1FKZ 
_symmetry.space_group_name_H-M             'P 1' 
_symmetry.pdbx_full_space_group_name_H-M   ? 
_symmetry.cell_setting                     ? 
_symmetry.Int_Tables_number                1 
# 
_exptl.entry_id          1FKZ 
_exptl.method            'SOLUTION NMR' 
_exptl.crystals_number   ? 
# 
_struct.entry_id                  1FKZ 
_struct.title                     
'NMR STUDY OF B-DNA CONTAINING A MISMATCHED BASE PAIR IN THE 29-39 K-RAS GENE SEQUENCE: CC CT C+C C+T, 2 STRUCTURES' 
_struct.pdbx_model_details        ? 
_struct.pdbx_CASP_flag            ? 
_struct.pdbx_model_type_details   ? 
# 
_struct_keywords.entry_id        1FKZ 
_struct_keywords.pdbx_keywords   DNA 
_struct_keywords.text            'DEOXYRIBONUCLEIC ACID, B-DNA, K-RAS, DNA' 
# 
loop_
_struct_asym.id 
_struct_asym.pdbx_blank_PDB_chainid_flag 
_struct_asym.pdbx_modified 
_struct_asym.entity_id 
_struct_asym.details 
A N N 1 ? 
B N N 2 ? 
# 
loop_
_struct_ref.id 
_struct_ref.entity_id 
_struct_ref.db_name 
_struct_ref.db_code 
_struct_ref.pdbx_db_accession 
_struct_ref.pdbx_db_isoform 
_struct_ref.pdbx_seq_one_letter_code 
_struct_ref.pdbx_align_begin 
1 1 PDB 1FKZ 1FKZ ? ? ? 
2 2 PDB 1FKZ 1FKZ ? ? ? 
# 
loop_
_struct_ref_seq.align_id 
_struct_ref_seq.ref_id 
_struct_ref_seq.pdbx_PDB_id_code 
_struct_ref_seq.pdbx_strand_id 
_struct_ref_seq.seq_align_beg 
_struct_ref_seq.pdbx_seq_align_beg_ins_code 
_struct_ref_seq.seq_align_end 
_struct_ref_seq.pdbx_seq_align_end_ins_code 
_struct_ref_seq.pdbx_db_accession 
_struct_ref_seq.db_align_beg 
_struct_ref_seq.pdbx_db_align_beg_ins_code 
_struct_ref_seq.db_align_end 
_struct_ref_seq.pdbx_db_align_end_ins_code 
_struct_ref_seq.pdbx_auth_seq_align_beg 
_struct_ref_seq.pdbx_auth_seq_align_end 
1 1 1FKZ A 1 ? 11 ? 1FKZ 1  ? 11 ? 1  11 
2 2 1FKZ B 1 ? 11 ? 1FKZ 12 ? 22 ? 12 22 
# 
_pdbx_struct_assembly.id                   1 
_pdbx_struct_assembly.details              author_defined_assembly 
_pdbx_struct_assembly.method_details       ? 
_pdbx_struct_assembly.oligomeric_details   dimeric 
_pdbx_struct_assembly.oligomeric_count     2 
# 
_pdbx_struct_assembly_gen.assembly_id       1 
_pdbx_struct_assembly_gen.oper_expression   1 
_pdbx_struct_assembly_gen.asym_id_list      A,B 
# 
_pdbx_struct_oper_list.id                   1 
_pdbx_struct_oper_list.type                 'identity operation' 
_pdbx_struct_oper_list.name                 1_555 
_pdbx_struct_oper_list.symmetry_operation   x,y,z 
_pdbx_struct_oper_list.matrix[1][1]         1.0000000000 
_pdbx_struct_oper_list.matrix[1][2]         0.0000000000 
_pdbx_struct_oper_list.matrix[1][3]         0.0000000000 
_pdbx_struct_oper_list.vector[1]            0.0000000000 
_pdbx_struct_oper_list.matrix[2][1]         0.0000000000 
_pdbx_struct_oper_list.matrix[2][2]         1.0000000000 
_pdbx_struct_oper_list.matrix[2][3]         0.0000000000 
_pdbx_struct_oper_list.vector[2]            0.0000000000 
_pdbx_struct_oper_list.matrix[3][1]         0.0000000000 
_pdbx_struct_oper_list.matrix[3][2]         0.0000000000 
_pdbx_struct_oper_list.matrix[3][3]         1.0000000000 
_pdbx_struct_oper_list.vector[3]            0.0000000000 
# 
_struct_biol.id   1 
# 
loop_
_struct_conn.id 
_struct_conn.conn_type_id 
_struct_conn.pdbx_leaving_atom_flag 
_struct_conn.pdbx_PDB_id 
_struct_conn.ptnr1_label_asym_id 
_struct_conn.ptnr1_label_comp_id 
_struct_conn.ptnr1_label_seq_id 
_struct_conn.ptnr1_label_atom_id 
_struct_conn.pdbx_ptnr1_label_alt_id 
_struct_conn.pdbx_ptnr1_PDB_ins_code 
_struct_conn.pdbx_ptnr1_standard_comp_id 
_struct_conn.ptnr1_symmetry 
_struct_conn.ptnr2_label_asym_id 
_struct_conn.ptnr2_label_comp_id 
_struct_conn.ptnr2_label_seq_id 
_struct_conn.ptnr2_label_atom_id 
_struct_conn.pdbx_ptnr2_label_alt_id 
_struct_conn.pdbx_ptnr2_PDB_ins_code 
_struct_conn.ptnr1_auth_asym_id 
_struct_conn.ptnr1_auth_comp_id 
_struct_conn.ptnr1_auth_seq_id 
_struct_conn.ptnr2_auth_asym_id 
_struct_conn.ptnr2_auth_comp_id 
_struct_conn.ptnr2_auth_seq_id 
_struct_conn.ptnr2_symmetry 
_struct_conn.pdbx_ptnr3_label_atom_id 
_struct_conn.pdbx_ptnr3_label_seq_id 
_struct_conn.pdbx_ptnr3_label_comp_id 
_struct_conn.pdbx_ptnr3_label_asym_id 
_struct_conn.pdbx_ptnr3_label_alt_id 
_struct_conn.pdbx_ptnr3_PDB_ins_code 
_struct_conn.details 
_struct_conn.pdbx_dist_value 
_struct_conn.pdbx_value_order 
_struct_conn.pdbx_role 
hydrog1  hydrog ? ? A DG 1  N1 ? ? ? 1_555 B DC 11 N3 ? ? A DG 1  B DC 22 1_555 ? ? ? ? ? ? WATSON-CRICK    ? ? ? 
hydrog2  hydrog ? ? A DG 1  N2 ? ? ? 1_555 B DC 11 O2 ? ? A DG 1  B DC 22 1_555 ? ? ? ? ? ? WATSON-CRICK    ? ? ? 
hydrog3  hydrog ? ? A DG 1  O6 ? ? ? 1_555 B DC 11 N4 ? ? A DG 1  B DC 22 1_555 ? ? ? ? ? ? WATSON-CRICK    ? ? ? 
hydrog4  hydrog ? ? A DC 2  N4 ? ? ? 1_555 B DG 9  O6 ? ? A DC 2  B DG 20 1_555 ? ? ? ? ? ? 'DC-DG PAIR'    ? ? ? 
hydrog5  hydrog ? ? A DC 2  N3 ? ? ? 1_555 B DG 10 N1 ? ? A DC 2  B DG 21 1_555 ? ? ? ? ? ? WATSON-CRICK    ? ? ? 
hydrog6  hydrog ? ? A DC 2  N4 ? ? ? 1_555 B DG 10 O6 ? ? A DC 2  B DG 21 1_555 ? ? ? ? ? ? WATSON-CRICK    ? ? ? 
hydrog7  hydrog ? ? A DC 2  O2 ? ? ? 1_555 B DG 10 N2 ? ? A DC 2  B DG 21 1_555 ? ? ? ? ? ? WATSON-CRICK    ? ? ? 
hydrog8  hydrog ? ? A DC 3  N4 ? ? ? 1_555 B DT 8  O4 ? ? A DC 3  B DT 19 1_555 ? ? ? ? ? ? 'DC-DT MISPAIR' ? ? ? 
hydrog9  hydrog ? ? A DC 3  N3 ? ? ? 1_555 B DG 9  N1 ? ? A DC 3  B DG 20 1_555 ? ? ? ? ? ? WATSON-CRICK    ? ? ? 
hydrog10 hydrog ? ? A DC 3  N4 ? ? ? 1_555 B DG 9  O6 ? ? A DC 3  B DG 20 1_555 ? ? ? ? ? ? WATSON-CRICK    ? ? ? 
hydrog11 hydrog ? ? A DC 3  O2 ? ? ? 1_555 B DG 9  N2 ? ? A DC 3  B DG 20 1_555 ? ? ? ? ? ? WATSON-CRICK    ? ? ? 
hydrog12 hydrog ? ? A DA 4  N1 ? ? ? 1_555 B DG 7  N1 ? ? A DA 4  B DG 18 1_555 ? ? ? ? ? ? TYPE_8_PAIR     ? ? ? 
hydrog13 hydrog ? ? A DA 4  N6 ? ? ? 1_555 B DG 7  O6 ? ? A DA 4  B DG 18 1_555 ? ? ? ? ? ? TYPE_8_PAIR     ? ? ? 
hydrog14 hydrog ? ? A DA 4  N1 ? ? ? 1_555 B DT 8  N3 ? ? A DA 4  B DT 19 1_555 ? ? ? ? ? ? WATSON-CRICK    ? ? ? 
hydrog15 hydrog ? ? A DA 4  N6 ? ? ? 1_555 B DT 8  O4 ? ? A DA 4  B DT 19 1_555 ? ? ? ? ? ? WATSON-CRICK    ? ? ? 
hydrog16 hydrog ? ? A DC 5  N3 ? ? ? 1_555 B DG 7  N1 ? ? A DC 5  B DG 18 1_555 ? ? ? ? ? ? WATSON-CRICK    ? ? ? 
hydrog17 hydrog ? ? A DC 5  N4 ? ? ? 1_555 B DG 7  O6 ? ? A DC 5  B DG 18 1_555 ? ? ? ? ? ? WATSON-CRICK    ? ? ? 
hydrog18 hydrog ? ? A DC 5  O2 ? ? ? 1_555 B DG 7  N2 ? ? A DC 5  B DG 18 1_555 ? ? ? ? ? ? WATSON-CRICK    ? ? ? 
hydrog19 hydrog ? ? A DC 6  N4 ? ? ? 1_555 B DT 5  O4 ? ? A DC 6  B DT 16 1_555 ? ? ? ? ? ? 'DC-DT MISPAIR' ? ? ? 
hydrog20 hydrog ? ? A DC 6  N3 ? ? ? 1_555 B DC 6  N4 ? ? A DC 6  B DC 17 1_555 ? ? ? ? ? ? 'DC-DC MISPAIR' ? ? ? 
hydrog21 hydrog ? ? A DA 7  N1 ? ? ? 1_555 B DT 5  N3 ? ? A DA 7  B DT 16 1_555 ? ? ? ? ? ? WATSON-CRICK    ? ? ? 
hydrog22 hydrog ? ? A DA 7  N6 ? ? ? 1_555 B DT 5  O4 ? ? A DA 7  B DT 16 1_555 ? ? ? ? ? ? WATSON-CRICK    ? ? ? 
hydrog23 hydrog ? ? A DG 8  N1 ? ? ? 1_555 B DC 4  N3 ? ? A DG 8  B DC 15 1_555 ? ? ? ? ? ? WATSON-CRICK    ? ? ? 
hydrog24 hydrog ? ? A DG 8  N2 ? ? ? 1_555 B DC 4  O2 ? ? A DG 8  B DC 15 1_555 ? ? ? ? ? ? WATSON-CRICK    ? ? ? 
hydrog25 hydrog ? ? A DG 8  O6 ? ? ? 1_555 B DC 4  N4 ? ? A DG 8  B DC 15 1_555 ? ? ? ? ? ? WATSON-CRICK    ? ? ? 
hydrog26 hydrog ? ? A DC 9  N3 ? ? ? 1_555 B DG 3  N1 ? ? A DC 9  B DG 14 1_555 ? ? ? ? ? ? WATSON-CRICK    ? ? ? 
hydrog27 hydrog ? ? A DC 9  N4 ? ? ? 1_555 B DG 3  O6 ? ? A DC 9  B DG 14 1_555 ? ? ? ? ? ? WATSON-CRICK    ? ? ? 
hydrog28 hydrog ? ? A DC 9  O2 ? ? ? 1_555 B DG 3  N2 ? ? A DC 9  B DG 14 1_555 ? ? ? ? ? ? WATSON-CRICK    ? ? ? 
hydrog29 hydrog ? ? A DT 10 N3 ? ? ? 1_555 B DA 2  N1 ? ? A DT 10 B DA 13 1_555 ? ? ? ? ? ? WATSON-CRICK    ? ? ? 
hydrog30 hydrog ? ? A DT 10 O4 ? ? ? 1_555 B DA 2  N6 ? ? A DT 10 B DA 13 1_555 ? ? ? ? ? ? WATSON-CRICK    ? ? ? 
hydrog31 hydrog ? ? A DC 11 N3 ? ? ? 1_555 B DG 1  N1 ? ? A DC 11 B DG 12 1_555 ? ? ? ? ? ? WATSON-CRICK    ? ? ? 
hydrog32 hydrog ? ? A DC 11 N4 ? ? ? 1_555 B DG 1  O6 ? ? A DC 11 B DG 12 1_555 ? ? ? ? ? ? WATSON-CRICK    ? ? ? 
hydrog33 hydrog ? ? A DC 11 O2 ? ? ? 1_555 B DG 1  N2 ? ? A DC 11 B DG 12 1_555 ? ? ? ? ? ? WATSON-CRICK    ? ? ? 
# 
_struct_conn_type.id          hydrog 
_struct_conn_type.criteria    ? 
_struct_conn_type.reference   ? 
# 
loop_
_pdbx_validate_rmsd_angle.id 
_pdbx_validate_rmsd_angle.PDB_model_num 
_pdbx_validate_rmsd_angle.auth_atom_id_1 
_pdbx_validate_rmsd_angle.auth_asym_id_1 
_pdbx_validate_rmsd_angle.auth_comp_id_1 
_pdbx_validate_rmsd_angle.auth_seq_id_1 
_pdbx_validate_rmsd_angle.PDB_ins_code_1 
_pdbx_validate_rmsd_angle.label_alt_id_1 
_pdbx_validate_rmsd_angle.auth_atom_id_2 
_pdbx_validate_rmsd_angle.auth_asym_id_2 
_pdbx_validate_rmsd_angle.auth_comp_id_2 
_pdbx_validate_rmsd_angle.auth_seq_id_2 
_pdbx_validate_rmsd_angle.PDB_ins_code_2 
_pdbx_validate_rmsd_angle.label_alt_id_2 
_pdbx_validate_rmsd_angle.auth_atom_id_3 
_pdbx_validate_rmsd_angle.auth_asym_id_3 
_pdbx_validate_rmsd_angle.auth_comp_id_3 
_pdbx_validate_rmsd_angle.auth_seq_id_3 
_pdbx_validate_rmsd_angle.PDB_ins_code_3 
_pdbx_validate_rmsd_angle.label_alt_id_3 
_pdbx_validate_rmsd_angle.angle_value 
_pdbx_validate_rmsd_angle.angle_target_value 
_pdbx_validate_rmsd_angle.angle_deviation 
_pdbx_validate_rmsd_angle.angle_standard_deviation 
_pdbx_validate_rmsd_angle.linker_flag 
1  1 "O4'" A DG 1  ? ? "C1'" A DG 1  ? ? N9 A DG 1  ? ? 110.54 108.30 2.24 0.30 N 
2  1 "O4'" A DC 2  ? ? "C1'" A DC 2  ? ? N1 A DC 2  ? ? 111.39 108.30 3.09 0.30 N 
3  1 "O4'" A DC 3  ? ? "C1'" A DC 3  ? ? N1 A DC 3  ? ? 110.60 108.30 2.30 0.30 N 
4  1 "O4'" A DC 5  ? ? "C1'" A DC 5  ? ? N1 A DC 5  ? ? 111.08 108.30 2.78 0.30 N 
5  1 "O4'" A DC 6  ? ? "C1'" A DC 6  ? ? N1 A DC 6  ? ? 110.48 108.30 2.18 0.30 N 
6  1 "O4'" A DA 7  ? ? "C1'" A DA 7  ? ? N9 A DA 7  ? ? 110.29 108.30 1.99 0.30 N 
7  1 "O4'" A DG 8  ? ? "C1'" A DG 8  ? ? N9 A DG 8  ? ? 110.70 108.30 2.40 0.30 N 
8  1 "O4'" A DC 11 ? ? "C1'" A DC 11 ? ? N1 A DC 11 ? ? 110.72 108.30 2.42 0.30 N 
9  1 "O4'" B DA 13 ? ? "C1'" B DA 13 ? ? N9 B DA 13 ? ? 110.74 108.30 2.44 0.30 N 
10 1 "O4'" B DG 14 ? ? "C1'" B DG 14 ? ? N9 B DG 14 ? ? 111.12 108.30 2.82 0.30 N 
11 1 "O4'" B DC 15 ? ? "C1'" B DC 15 ? ? N1 B DC 15 ? ? 111.15 108.30 2.85 0.30 N 
12 1 "O4'" B DT 16 ? ? "C1'" B DT 16 ? ? N1 B DT 16 ? ? 111.02 108.30 2.72 0.30 N 
13 1 "O4'" B DC 17 ? ? "C1'" B DC 17 ? ? N1 B DC 17 ? ? 112.31 108.30 4.01 0.30 N 
14 1 "O4'" B DG 18 ? ? "C1'" B DG 18 ? ? N9 B DG 18 ? ? 110.51 108.30 2.21 0.30 N 
15 1 "O4'" B DT 19 ? ? "C1'" B DT 19 ? ? N1 B DT 19 ? ? 110.25 108.30 1.95 0.30 N 
16 1 "O4'" B DG 21 ? ? "C1'" B DG 21 ? ? N9 B DG 21 ? ? 110.17 108.30 1.87 0.30 N 
17 1 "O4'" B DC 22 ? ? "C1'" B DC 22 ? ? N1 B DC 22 ? ? 110.32 108.30 2.02 0.30 N 
18 2 "O4'" A DG 1  ? ? "C1'" A DG 1  ? ? N9 A DG 1  ? ? 111.03 108.30 2.73 0.30 N 
19 2 "O4'" A DC 2  ? ? "C1'" A DC 2  ? ? N1 A DC 2  ? ? 110.70 108.30 2.40 0.30 N 
20 2 "O4'" A DC 3  ? ? "C1'" A DC 3  ? ? N1 A DC 3  ? ? 110.43 108.30 2.13 0.30 N 
21 2 "O4'" A DA 4  ? ? "C1'" A DA 4  ? ? N9 A DA 4  ? ? 110.34 108.30 2.04 0.30 N 
22 2 "O4'" A DC 5  ? ? "C1'" A DC 5  ? ? N1 A DC 5  ? ? 111.36 108.30 3.06 0.30 N 
23 2 "O4'" A DC 6  ? ? "C1'" A DC 6  ? ? N1 A DC 6  ? ? 110.49 108.30 2.19 0.30 N 
24 2 "O4'" A DA 7  ? ? "C1'" A DA 7  ? ? N9 A DA 7  ? ? 110.10 108.30 1.80 0.30 N 
25 2 "O4'" A DG 8  ? ? "C1'" A DG 8  ? ? N9 A DG 8  ? ? 110.98 108.30 2.68 0.30 N 
26 2 "O4'" A DC 9  ? ? "C1'" A DC 9  ? ? N1 A DC 9  ? ? 110.16 108.30 1.86 0.30 N 
27 2 "O4'" A DC 11 ? ? "C1'" A DC 11 ? ? N1 A DC 11 ? ? 110.17 108.30 1.87 0.30 N 
28 2 "O4'" B DG 12 ? ? "C1'" B DG 12 ? ? N9 B DG 12 ? ? 110.19 108.30 1.89 0.30 N 
29 2 "O4'" B DA 13 ? ? "C1'" B DA 13 ? ? N9 B DA 13 ? ? 110.57 108.30 2.27 0.30 N 
30 2 "O4'" B DG 14 ? ? "C1'" B DG 14 ? ? N9 B DG 14 ? ? 111.89 108.30 3.59 0.30 N 
31 2 "O4'" B DC 15 ? ? "C1'" B DC 15 ? ? N1 B DC 15 ? ? 111.28 108.30 2.98 0.30 N 
32 2 "O4'" B DT 16 ? ? "C1'" B DT 16 ? ? N1 B DT 16 ? ? 111.41 108.30 3.11 0.30 N 
33 2 "O4'" B DC 17 ? ? "C1'" B DC 17 ? ? N1 B DC 17 ? ? 112.06 108.30 3.76 0.30 N 
34 2 "O4'" B DT 19 ? ? "C1'" B DT 19 ? ? N1 B DT 19 ? ? 110.39 108.30 2.09 0.30 N 
35 2 "O4'" B DG 20 ? ? "C1'" B DG 20 ? ? N9 B DG 20 ? ? 110.16 108.30 1.86 0.30 N 
36 2 "O4'" B DG 21 ? ? "C1'" B DG 21 ? ? N9 B DG 21 ? ? 110.26 108.30 1.96 0.30 N 
37 2 "O4'" B DC 22 ? ? "C1'" B DC 22 ? ? N1 B DC 22 ? ? 110.16 108.30 1.86 0.30 N 
# 
loop_
_pdbx_validate_planes.id 
_pdbx_validate_planes.PDB_model_num 
_pdbx_validate_planes.auth_comp_id 
_pdbx_validate_planes.auth_asym_id 
_pdbx_validate_planes.auth_seq_id 
_pdbx_validate_planes.PDB_ins_code 
_pdbx_validate_planes.label_alt_id 
_pdbx_validate_planes.rmsd 
_pdbx_validate_planes.type 
1 1 DA A 4  ? ? 0.053 'SIDE CHAIN' 
2 1 DC B 22 ? ? 0.060 'SIDE CHAIN' 
3 2 DC A 11 ? ? 0.060 'SIDE CHAIN' 
# 
_pdbx_nmr_ensemble.entry_id                             1FKZ 
_pdbx_nmr_ensemble.conformers_calculated_total_number   ? 
_pdbx_nmr_ensemble.conformers_submitted_total_number    2 
_pdbx_nmr_ensemble.conformer_selection_criteria         ? 
# 
_pdbx_nmr_refine.entry_id           1FKZ 
_pdbx_nmr_refine.method             ? 
_pdbx_nmr_refine.details            'MORCAD BY LEBRET ALSO WAS USED.' 
_pdbx_nmr_refine.software_ordinal   1 
# 
_pdbx_nmr_software.classification   refinement 
_pdbx_nmr_software.name             Amber 
_pdbx_nmr_software.version          ? 
_pdbx_nmr_software.authors          'PEARLMAN,CASE,CALDWELL,ROSS,CHEATHAM, FERGUSON,SEIBEL,CH' 
_pdbx_nmr_software.ordinal          1 
# 
loop_
_chem_comp_atom.comp_id 
_chem_comp_atom.atom_id 
_chem_comp_atom.type_symbol 
_chem_comp_atom.pdbx_aromatic_flag 
_chem_comp_atom.pdbx_stereo_config 
_chem_comp_atom.pdbx_ordinal 
DA OP3    O N N 1   
DA P      P N N 2   
DA OP1    O N N 3   
DA OP2    O N N 4   
DA "O5'"  O N N 5   
DA "C5'"  C N N 6   
DA "C4'"  C N R 7   
DA "O4'"  O N N 8   
DA "C3'"  C N S 9   
DA "O3'"  O N N 10  
DA "C2'"  C N N 11  
DA "C1'"  C N R 12  
DA N9     N Y N 13  
DA C8     C Y N 14  
DA N7     N Y N 15  
DA C5     C Y N 16  
DA C6     C Y N 17  
DA N6     N N N 18  
DA N1     N Y N 19  
DA C2     C Y N 20  
DA N3     N Y N 21  
DA C4     C Y N 22  
DA HOP3   H N N 23  
DA HOP2   H N N 24  
DA "H5'"  H N N 25  
DA "H5''" H N N 26  
DA "H4'"  H N N 27  
DA "H3'"  H N N 28  
DA "HO3'" H N N 29  
DA "H2'"  H N N 30  
DA "H2''" H N N 31  
DA "H1'"  H N N 32  
DA H8     H N N 33  
DA H61    H N N 34  
DA H62    H N N 35  
DA H2     H N N 36  
DC OP3    O N N 37  
DC P      P N N 38  
DC OP1    O N N 39  
DC OP2    O N N 40  
DC "O5'"  O N N 41  
DC "C5'"  C N N 42  
DC "C4'"  C N R 43  
DC "O4'"  O N N 44  
DC "C3'"  C N S 45  
DC "O3'"  O N N 46  
DC "C2'"  C N N 47  
DC "C1'"  C N R 48  
DC N1     N N N 49  
DC C2     C N N 50  
DC O2     O N N 51  
DC N3     N N N 52  
DC C4     C N N 53  
DC N4     N N N 54  
DC C5     C N N 55  
DC C6     C N N 56  
DC HOP3   H N N 57  
DC HOP2   H N N 58  
DC "H5'"  H N N 59  
DC "H5''" H N N 60  
DC "H4'"  H N N 61  
DC "H3'"  H N N 62  
DC "HO3'" H N N 63  
DC "H2'"  H N N 64  
DC "H2''" H N N 65  
DC "H1'"  H N N 66  
DC H41    H N N 67  
DC H42    H N N 68  
DC H5     H N N 69  
DC H6     H N N 70  
DG OP3    O N N 71  
DG P      P N N 72  
DG OP1    O N N 73  
DG OP2    O N N 74  
DG "O5'"  O N N 75  
DG "C5'"  C N N 76  
DG "C4'"  C N R 77  
DG "O4'"  O N N 78  
DG "C3'"  C N S 79  
DG "O3'"  O N N 80  
DG "C2'"  C N N 81  
DG "C1'"  C N R 82  
DG N9     N Y N 83  
DG C8     C Y N 84  
DG N7     N Y N 85  
DG C5     C Y N 86  
DG C6     C N N 87  
DG O6     O N N 88  
DG N1     N N N 89  
DG C2     C N N 90  
DG N2     N N N 91  
DG N3     N N N 92  
DG C4     C Y N 93  
DG HOP3   H N N 94  
DG HOP2   H N N 95  
DG "H5'"  H N N 96  
DG "H5''" H N N 97  
DG "H4'"  H N N 98  
DG "H3'"  H N N 99  
DG "HO3'" H N N 100 
DG "H2'"  H N N 101 
DG "H2''" H N N 102 
DG "H1'"  H N N 103 
DG H8     H N N 104 
DG H1     H N N 105 
DG H21    H N N 106 
DG H22    H N N 107 
DT OP3    O N N 108 
DT P      P N N 109 
DT OP1    O N N 110 
DT OP2    O N N 111 
DT "O5'"  O N N 112 
DT "C5'"  C N N 113 
DT "C4'"  C N R 114 
DT "O4'"  O N N 115 
DT "C3'"  C N S 116 
DT "O3'"  O N N 117 
DT "C2'"  C N N 118 
DT "C1'"  C N R 119 
DT N1     N N N 120 
DT C2     C N N 121 
DT O2     O N N 122 
DT N3     N N N 123 
DT C4     C N N 124 
DT O4     O N N 125 
DT C5     C N N 126 
DT C7     C N N 127 
DT C6     C N N 128 
DT HOP3   H N N 129 
DT HOP2   H N N 130 
DT "H5'"  H N N 131 
DT "H5''" H N N 132 
DT "H4'"  H N N 133 
DT "H3'"  H N N 134 
DT "HO3'" H N N 135 
DT "H2'"  H N N 136 
DT "H2''" H N N 137 
DT "H1'"  H N N 138 
DT H3     H N N 139 
DT H71    H N N 140 
DT H72    H N N 141 
DT H73    H N N 142 
DT H6     H N N 143 
# 
loop_
_chem_comp_bond.comp_id 
_chem_comp_bond.atom_id_1 
_chem_comp_bond.atom_id_2 
_chem_comp_bond.value_order 
_chem_comp_bond.pdbx_aromatic_flag 
_chem_comp_bond.pdbx_stereo_config 
_chem_comp_bond.pdbx_ordinal 
DA OP3   P      sing N N 1   
DA OP3   HOP3   sing N N 2   
DA P     OP1    doub N N 3   
DA P     OP2    sing N N 4   
DA P     "O5'"  sing N N 5   
DA OP2   HOP2   sing N N 6   
DA "O5'" "C5'"  sing N N 7   
DA "C5'" "C4'"  sing N N 8   
DA "C5'" "H5'"  sing N N 9   
DA "C5'" "H5''" sing N N 10  
DA "C4'" "O4'"  sing N N 11  
DA "C4'" "C3'"  sing N N 12  
DA "C4'" "H4'"  sing N N 13  
DA "O4'" "C1'"  sing N N 14  
DA "C3'" "O3'"  sing N N 15  
DA "C3'" "C2'"  sing N N 16  
DA "C3'" "H3'"  sing N N 17  
DA "O3'" "HO3'" sing N N 18  
DA "C2'" "C1'"  sing N N 19  
DA "C2'" "H2'"  sing N N 20  
DA "C2'" "H2''" sing N N 21  
DA "C1'" N9     sing N N 22  
DA "C1'" "H1'"  sing N N 23  
DA N9    C8     sing Y N 24  
DA N9    C4     sing Y N 25  
DA C8    N7     doub Y N 26  
DA C8    H8     sing N N 27  
DA N7    C5     sing Y N 28  
DA C5    C6     sing Y N 29  
DA C5    C4     doub Y N 30  
DA C6    N6     sing N N 31  
DA C6    N1     doub Y N 32  
DA N6    H61    sing N N 33  
DA N6    H62    sing N N 34  
DA N1    C2     sing Y N 35  
DA C2    N3     doub Y N 36  
DA C2    H2     sing N N 37  
DA N3    C4     sing Y N 38  
DC OP3   P      sing N N 39  
DC OP3   HOP3   sing N N 40  
DC P     OP1    doub N N 41  
DC P     OP2    sing N N 42  
DC P     "O5'"  sing N N 43  
DC OP2   HOP2   sing N N 44  
DC "O5'" "C5'"  sing N N 45  
DC "C5'" "C4'"  sing N N 46  
DC "C5'" "H5'"  sing N N 47  
DC "C5'" "H5''" sing N N 48  
DC "C4'" "O4'"  sing N N 49  
DC "C4'" "C3'"  sing N N 50  
DC "C4'" "H4'"  sing N N 51  
DC "O4'" "C1'"  sing N N 52  
DC "C3'" "O3'"  sing N N 53  
DC "C3'" "C2'"  sing N N 54  
DC "C3'" "H3'"  sing N N 55  
DC "O3'" "HO3'" sing N N 56  
DC "C2'" "C1'"  sing N N 57  
DC "C2'" "H2'"  sing N N 58  
DC "C2'" "H2''" sing N N 59  
DC "C1'" N1     sing N N 60  
DC "C1'" "H1'"  sing N N 61  
DC N1    C2     sing N N 62  
DC N1    C6     sing N N 63  
DC C2    O2     doub N N 64  
DC C2    N3     sing N N 65  
DC N3    C4     doub N N 66  
DC C4    N4     sing N N 67  
DC C4    C5     sing N N 68  
DC N4    H41    sing N N 69  
DC N4    H42    sing N N 70  
DC C5    C6     doub N N 71  
DC C5    H5     sing N N 72  
DC C6    H6     sing N N 73  
DG OP3   P      sing N N 74  
DG OP3   HOP3   sing N N 75  
DG P     OP1    doub N N 76  
DG P     OP2    sing N N 77  
DG P     "O5'"  sing N N 78  
DG OP2   HOP2   sing N N 79  
DG "O5'" "C5'"  sing N N 80  
DG "C5'" "C4'"  sing N N 81  
DG "C5'" "H5'"  sing N N 82  
DG "C5'" "H5''" sing N N 83  
DG "C4'" "O4'"  sing N N 84  
DG "C4'" "C3'"  sing N N 85  
DG "C4'" "H4'"  sing N N 86  
DG "O4'" "C1'"  sing N N 87  
DG "C3'" "O3'"  sing N N 88  
DG "C3'" "C2'"  sing N N 89  
DG "C3'" "H3'"  sing N N 90  
DG "O3'" "HO3'" sing N N 91  
DG "C2'" "C1'"  sing N N 92  
DG "C2'" "H2'"  sing N N 93  
DG "C2'" "H2''" sing N N 94  
DG "C1'" N9     sing N N 95  
DG "C1'" "H1'"  sing N N 96  
DG N9    C8     sing Y N 97  
DG N9    C4     sing Y N 98  
DG C8    N7     doub Y N 99  
DG C8    H8     sing N N 100 
DG N7    C5     sing Y N 101 
DG C5    C6     sing N N 102 
DG C5    C4     doub Y N 103 
DG C6    O6     doub N N 104 
DG C6    N1     sing N N 105 
DG N1    C2     sing N N 106 
DG N1    H1     sing N N 107 
DG C2    N2     sing N N 108 
DG C2    N3     doub N N 109 
DG N2    H21    sing N N 110 
DG N2    H22    sing N N 111 
DG N3    C4     sing N N 112 
DT OP3   P      sing N N 113 
DT OP3   HOP3   sing N N 114 
DT P     OP1    doub N N 115 
DT P     OP2    sing N N 116 
DT P     "O5'"  sing N N 117 
DT OP2   HOP2   sing N N 118 
DT "O5'" "C5'"  sing N N 119 
DT "C5'" "C4'"  sing N N 120 
DT "C5'" "H5'"  sing N N 121 
DT "C5'" "H5''" sing N N 122 
DT "C4'" "O4'"  sing N N 123 
DT "C4'" "C3'"  sing N N 124 
DT "C4'" "H4'"  sing N N 125 
DT "O4'" "C1'"  sing N N 126 
DT "C3'" "O3'"  sing N N 127 
DT "C3'" "C2'"  sing N N 128 
DT "C3'" "H3'"  sing N N 129 
DT "O3'" "HO3'" sing N N 130 
DT "C2'" "C1'"  sing N N 131 
DT "C2'" "H2'"  sing N N 132 
DT "C2'" "H2''" sing N N 133 
DT "C1'" N1     sing N N 134 
DT "C1'" "H1'"  sing N N 135 
DT N1    C2     sing N N 136 
DT N1    C6     sing N N 137 
DT C2    O2     doub N N 138 
DT C2    N3     sing N N 139 
DT N3    C4     sing N N 140 
DT N3    H3     sing N N 141 
DT C4    O4     doub N N 142 
DT C4    C5     sing N N 143 
DT C5    C7     sing N N 144 
DT C5    C6     doub N N 145 
DT C7    H71    sing N N 146 
DT C7    H72    sing N N 147 
DT C7    H73    sing N N 148 
DT C6    H6     sing N N 149 
# 
loop_
_ndb_struct_conf_na.entry_id 
_ndb_struct_conf_na.feature 
1FKZ 'double helix'         
1FKZ 'b-form double helix'  
1FKZ 'mismatched base pair' 
1FKZ 'triple helix'         
# 
loop_
_ndb_struct_na_base_pair.model_number 
_ndb_struct_na_base_pair.i_label_asym_id 
_ndb_struct_na_base_pair.i_label_comp_id 
_ndb_struct_na_base_pair.i_label_seq_id 
_ndb_struct_na_base_pair.i_symmetry 
_ndb_struct_na_base_pair.j_label_asym_id 
_ndb_struct_na_base_pair.j_label_comp_id 
_ndb_struct_na_base_pair.j_label_seq_id 
_ndb_struct_na_base_pair.j_symmetry 
_ndb_struct_na_base_pair.shear 
_ndb_struct_na_base_pair.stretch 
_ndb_struct_na_base_pair.stagger 
_ndb_struct_na_base_pair.buckle 
_ndb_struct_na_base_pair.propeller 
_ndb_struct_na_base_pair.opening 
_ndb_struct_na_base_pair.pair_number 
_ndb_struct_na_base_pair.pair_name 
_ndb_struct_na_base_pair.i_auth_asym_id 
_ndb_struct_na_base_pair.i_auth_seq_id 
_ndb_struct_na_base_pair.i_PDB_ins_code 
_ndb_struct_na_base_pair.j_auth_asym_id 
_ndb_struct_na_base_pair.j_auth_seq_id 
_ndb_struct_na_base_pair.j_PDB_ins_code 
_ndb_struct_na_base_pair.hbond_type_28 
_ndb_struct_na_base_pair.hbond_type_12 
1 A DG 1  1_555 B DC 11 1_555 -0.457 -0.209 0.546 -0.732  -18.657 -3.876 1  A_DG1:DC22_B  A 1  ? B 22 ? 19 1 
1 A DC 2  1_555 B DG 10 1_555 0.692  -0.347 0.698 -11.267 -17.310 -5.370 2  A_DC2:DG21_B  A 2  ? B 21 ? 19 1 
1 A DC 3  1_555 B DG 9  1_555 0.949  -0.423 0.693 -13.550 -12.747 -3.943 3  A_DC3:DG20_B  A 3  ? B 20 ? 19 1 
1 A DA 4  1_555 B DT 8  1_555 0.064  -0.225 0.851 -3.541  -9.542  -2.148 4  A_DA4:DT19_B  A 4  ? B 19 ? 20 1 
1 A DC 5  1_555 B DG 7  1_555 1.033  -0.445 0.880 -7.955  -8.772  -2.725 5  A_DC5:DG18_B  A 5  ? B 18 ? 19 1 
1 A DC 6  1_555 B DC 6  1_555 0.914  -2.010 1.667 -1.068  -14.473 -4.366 6  A_DC6:DC17_B  A 6  ? B 17 ? ?  ? 
1 A DA 7  1_555 B DT 5  1_555 -0.587 -0.285 0.768 9.541   -15.791 -0.662 7  A_DA7:DT16_B  A 7  ? B 16 ? 20 1 
1 A DG 8  1_555 B DC 4  1_555 -0.926 -0.445 0.866 11.286  -8.904  -4.717 8  A_DG8:DC15_B  A 8  ? B 15 ? 19 1 
1 A DC 9  1_555 B DG 3  1_555 -0.227 -0.149 0.758 5.082   -11.923 -4.329 9  A_DC9:DG14_B  A 9  ? B 14 ? 19 1 
1 A DT 10 1_555 B DA 2  1_555 -0.086 -0.075 0.228 8.764   -22.035 -6.409 10 A_DT10:DA13_B A 10 ? B 13 ? 20 1 
1 A DC 11 1_555 B DG 1  1_555 0.532  -0.243 0.459 -1.439  -21.401 -4.316 11 A_DC11:DG12_B A 11 ? B 12 ? 19 1 
# 
loop_
_ndb_struct_na_base_pair_step.model_number 
_ndb_struct_na_base_pair_step.i_label_asym_id_1 
_ndb_struct_na_base_pair_step.i_label_comp_id_1 
_ndb_struct_na_base_pair_step.i_label_seq_id_1 
_ndb_struct_na_base_pair_step.i_symmetry_1 
_ndb_struct_na_base_pair_step.j_label_asym_id_1 
_ndb_struct_na_base_pair_step.j_label_comp_id_1 
_ndb_struct_na_base_pair_step.j_label_seq_id_1 
_ndb_struct_na_base_pair_step.j_symmetry_1 
_ndb_struct_na_base_pair_step.i_label_asym_id_2 
_ndb_struct_na_base_pair_step.i_label_comp_id_2 
_ndb_struct_na_base_pair_step.i_label_seq_id_2 
_ndb_struct_na_base_pair_step.i_symmetry_2 
_ndb_struct_na_base_pair_step.j_label_asym_id_2 
_ndb_struct_na_base_pair_step.j_label_comp_id_2 
_ndb_struct_na_base_pair_step.j_label_seq_id_2 
_ndb_struct_na_base_pair_step.j_symmetry_2 
_ndb_struct_na_base_pair_step.shift 
_ndb_struct_na_base_pair_step.slide 
_ndb_struct_na_base_pair_step.rise 
_ndb_struct_na_base_pair_step.tilt 
_ndb_struct_na_base_pair_step.roll 
_ndb_struct_na_base_pair_step.twist 
_ndb_struct_na_base_pair_step.x_displacement 
_ndb_struct_na_base_pair_step.y_displacement 
_ndb_struct_na_base_pair_step.helical_rise 
_ndb_struct_na_base_pair_step.inclination 
_ndb_struct_na_base_pair_step.tip 
_ndb_struct_na_base_pair_step.helical_twist 
_ndb_struct_na_base_pair_step.step_number 
_ndb_struct_na_base_pair_step.step_name 
_ndb_struct_na_base_pair_step.i_auth_asym_id_1 
_ndb_struct_na_base_pair_step.i_auth_seq_id_1 
_ndb_struct_na_base_pair_step.i_PDB_ins_code_1 
_ndb_struct_na_base_pair_step.j_auth_asym_id_1 
_ndb_struct_na_base_pair_step.j_auth_seq_id_1 
_ndb_struct_na_base_pair_step.j_PDB_ins_code_1 
_ndb_struct_na_base_pair_step.i_auth_asym_id_2 
_ndb_struct_na_base_pair_step.i_auth_seq_id_2 
_ndb_struct_na_base_pair_step.i_PDB_ins_code_2 
_ndb_struct_na_base_pair_step.j_auth_asym_id_2 
_ndb_struct_na_base_pair_step.j_auth_seq_id_2 
_ndb_struct_na_base_pair_step.j_PDB_ins_code_2 
1 A DG 1  1_555 B DC 11 1_555 A DC 2  1_555 B DG 10 1_555 0.147  -0.994 3.419 1.248  -2.126  40.709 -1.179 -0.066 3.467 -3.052  
-1.792  40.781 1  AA_DG1DC2:DG21DC22_BB   A 1  ? B 22 ? A 2  ? B 21 ? 
1 A DC 2  1_555 B DG 10 1_555 A DC 3  1_555 B DG 9  1_555 0.256  -0.906 3.094 2.828  -1.765  38.891 -1.153 -0.057 3.141 -2.646  
-4.238  39.028 2  AA_DC2DC3:DG20DG21_BB   A 2  ? B 21 ? A 3  ? B 20 ? 
1 A DC 3  1_555 B DG 9  1_555 A DA 4  1_555 B DT 8  1_555 0.203  -0.809 2.621 0.677  -0.981  35.209 -1.220 -0.254 2.645 -1.622  
-1.119  35.229 3  AA_DC3DA4:DT19DG20_BB   A 3  ? B 20 ? A 4  ? B 19 ? 
1 A DA 4  1_555 B DT 8  1_555 A DC 5  1_555 B DG 7  1_555 -0.221 -0.801 3.384 -0.987 -4.647  39.522 -0.612 0.205  3.457 -6.843  
1.453   39.795 4  AA_DA4DC5:DG18DT19_BB   A 4  ? B 19 ? A 5  ? B 18 ? 
1 A DC 5  1_555 B DG 7  1_555 A DC 6  1_555 B DC 6  1_555 -0.231 -0.727 3.096 -9.545 -12.845 39.319 0.297  -0.649 3.147 -18.201 
13.526  42.332 5  AA_DC5DC6:DC17DG18_BB   A 5  ? B 18 ? A 6  ? B 17 ? 
1 A DC 6  1_555 B DC 6  1_555 A DA 7  1_555 B DT 5  1_555 -0.393 -1.137 2.718 7.030  -8.884  33.265 -0.734 1.563  2.784 -14.987 
-11.861 35.089 6  AA_DC6DA7:DT16DC17_BB   A 6  ? B 17 ? A 7  ? B 16 ? 
1 A DA 7  1_555 B DT 5  1_555 A DG 8  1_555 B DC 4  1_555 -0.088 -1.213 3.026 -3.009 -5.308  34.474 -1.254 -0.287 3.168 -8.870  
5.027   34.993 7  AA_DA7DG8:DC15DT16_BB   A 7  ? B 16 ? A 8  ? B 15 ? 
1 A DG 8  1_555 B DC 4  1_555 A DC 9  1_555 B DG 3  1_555 -0.361 -1.023 3.383 -1.752 -4.300  40.026 -0.974 0.315  3.482 -6.257  
2.550   40.284 8  AA_DG8DC9:DG14DC15_BB   A 8  ? B 15 ? A 9  ? B 14 ? 
1 A DC 9  1_555 B DG 3  1_555 A DT 10 1_555 B DA 2  1_555 -0.482 -0.817 2.965 1.500  -5.376  36.902 -0.622 0.936  3.029 -8.434  
-2.353  37.307 9  AA_DC9DT10:DA13DG14_BB  A 9  ? B 14 ? A 10 ? B 13 ? 
1 A DT 10 1_555 B DA 2  1_555 A DC 11 1_555 B DG 1  1_555 0.072  -0.964 3.319 -3.123 0.583   38.156 -1.544 -0.506 3.288 0.890   
4.767   38.283 10 AA_DT10DC11:DG12DA13_BB A 10 ? B 13 ? A 11 ? B 12 ? 
# 
_atom_sites.entry_id                    1FKZ 
_atom_sites.fract_transf_matrix[1][1]   1.000000 
_atom_sites.fract_transf_matrix[1][2]   0.000000 
_atom_sites.fract_transf_matrix[1][3]   0.000000 
_atom_sites.fract_transf_matrix[2][1]   0.000000 
_atom_sites.fract_transf_matrix[2][2]   1.000000 
_atom_sites.fract_transf_matrix[2][3]   0.000000 
_atom_sites.fract_transf_matrix[3][1]   0.000000 
_atom_sites.fract_transf_matrix[3][2]   0.000000 
_atom_sites.fract_transf_matrix[3][3]   1.000000 
_atom_sites.fract_transf_vector[1]      0.00000 
_atom_sites.fract_transf_vector[2]      0.00000 
_atom_sites.fract_transf_vector[3]      0.00000 
# 
loop_
_atom_type.symbol 
C 
H 
N 
O 
P 
# 
loop_
_atom_site.group_PDB 
_atom_site.id 
_atom_site.type_symbol 
_atom_site.label_atom_id 
_atom_site.label_alt_id 
_atom_site.label_comp_id 
_atom_site.label_asym_id 
_atom_site.label_entity_id 
_atom_site.label_seq_id 
_atom_site.pdbx_PDB_ins_code 
_atom_site.Cartn_x 
_atom_site.Cartn_y 
_atom_site.Cartn_z 
_atom_site.occupancy 
_atom_site.B_iso_or_equiv 
_atom_site.pdbx_formal_charge 
_atom_site.auth_seq_id 
_atom_site.auth_comp_id 
_atom_site.auth_asym_id 
_atom_site.auth_atom_id 
_atom_site.pdbx_PDB_model_num 
ATOM 1    O "O5'"  . DG A 1 1  ? 18.664  3.552   4.989   1.00 0.00 ? 1  DG A "O5'"  1 
ATOM 2    C "C5'"  . DG A 1 1  ? 19.648  2.633   5.413   1.00 0.00 ? 1  DG A "C5'"  1 
ATOM 3    C "C4'"  . DG A 1 1  ? 19.033  1.259   5.704   1.00 0.00 ? 1  DG A "C4'"  1 
ATOM 4    O "O4'"  . DG A 1 1  ? 18.051  1.390   6.721   1.00 0.00 ? 1  DG A "O4'"  1 
ATOM 5    C "C3'"  . DG A 1 1  ? 18.353  0.632   4.475   1.00 0.00 ? 1  DG A "C3'"  1 
ATOM 6    O "O3'"  . DG A 1 1  ? 18.763  -0.723  4.371   1.00 0.00 ? 1  DG A "O3'"  1 
ATOM 7    C "C2'"  . DG A 1 1  ? 16.873  0.772   4.825   1.00 0.00 ? 1  DG A "C2'"  1 
ATOM 8    C "C1'"  . DG A 1 1  ? 16.924  0.630   6.341   1.00 0.00 ? 1  DG A "C1'"  1 
ATOM 9    N N9     . DG A 1 1  ? 15.702  1.151   6.994   1.00 0.00 ? 1  DG A N9     1 
ATOM 10   C C8     . DG A 1 1  ? 15.171  2.415   6.933   1.00 0.00 ? 1  DG A C8     1 
ATOM 11   N N7     . DG A 1 1  ? 14.100  2.581   7.657   1.00 0.00 ? 1  DG A N7     1 
ATOM 12   C C5     . DG A 1 1  ? 13.902  1.340   8.249   1.00 0.00 ? 1  DG A C5     1 
ATOM 13   C C6     . DG A 1 1  ? 12.901  0.909   9.171   1.00 0.00 ? 1  DG A C6     1 
ATOM 14   O O6     . DG A 1 1  ? 12.000  1.576   9.672   1.00 0.00 ? 1  DG A O6     1 
ATOM 15   N N1     . DG A 1 1  ? 13.034  -0.436  9.512   1.00 0.00 ? 1  DG A N1     1 
ATOM 16   C C2     . DG A 1 1  ? 14.046  -1.260  9.055   1.00 0.00 ? 1  DG A C2     1 
ATOM 17   N N2     . DG A 1 1  ? 14.029  -2.536  9.451   1.00 0.00 ? 1  DG A N2     1 
ATOM 18   N N3     . DG A 1 1  ? 15.010  -0.844  8.220   1.00 0.00 ? 1  DG A N3     1 
ATOM 19   C C4     . DG A 1 1  ? 14.879  0.458   7.849   1.00 0.00 ? 1  DG A C4     1 
ATOM 20   H "H5'"  . DG A 1 1  ? 20.119  3.015   6.319   1.00 0.00 ? 1  DG A "H5'"  1 
ATOM 21   H "H5''" . DG A 1 1  ? 20.407  2.535   4.636   1.00 0.00 ? 1  DG A "H5''" 1 
ATOM 22   H "H4'"  . DG A 1 1  ? 19.823  0.598   6.063   1.00 0.00 ? 1  DG A "H4'"  1 
ATOM 23   H "H3'"  . DG A 1 1  ? 18.600  1.167   3.557   1.00 0.00 ? 1  DG A "H3'"  1 
ATOM 24   H "H2'"  . DG A 1 1  ? 16.534  1.769   4.546   1.00 0.00 ? 1  DG A "H2'"  1 
ATOM 25   H "H2''" . DG A 1 1  ? 16.234  0.024   4.359   1.00 0.00 ? 1  DG A "H2''" 1 
ATOM 26   H "H1'"  . DG A 1 1  ? 17.097  -0.415  6.601   1.00 0.00 ? 1  DG A "H1'"  1 
ATOM 27   H H8     . DG A 1 1  ? 15.602  3.209   6.341   1.00 0.00 ? 1  DG A H8     1 
ATOM 28   H H1     . DG A 1 1  ? 12.347  -0.811  10.155  1.00 0.00 ? 1  DG A H1     1 
ATOM 29   H H21    . DG A 1 1  ? 13.293  -2.871  10.057  1.00 0.00 ? 1  DG A H21    1 
ATOM 30   H H22    . DG A 1 1  ? 14.735  -3.173  9.112   1.00 0.00 ? 1  DG A H22    1 
ATOM 31   H "HO5'" . DG A 1 1  ? 18.273  3.231   4.175   1.00 0.00 ? 1  DG A "HO5'" 1 
ATOM 32   P P      . DC A 1 2  ? 18.248  -1.702  3.190   1.00 0.00 ? 2  DC A P      1 
ATOM 33   O OP1    . DC A 1 2  ? 19.306  -2.704  2.934   1.00 0.00 ? 2  DC A OP1    1 
ATOM 34   O OP2    . DC A 1 2  ? 17.741  -0.869  2.077   1.00 0.00 ? 2  DC A OP2    1 
ATOM 35   O "O5'"  . DC A 1 2  ? 16.995  -2.454  3.875   1.00 0.00 ? 2  DC A "O5'"  1 
ATOM 36   C "C5'"  . DC A 1 2  ? 17.189  -3.384  4.922   1.00 0.00 ? 2  DC A "C5'"  1 
ATOM 37   C "C4'"  . DC A 1 2  ? 15.848  -3.866  5.481   1.00 0.00 ? 2  DC A "C4'"  1 
ATOM 38   O "O4'"  . DC A 1 2  ? 15.094  -2.769  5.967   1.00 0.00 ? 2  DC A "O4'"  1 
ATOM 39   C "C3'"  . DC A 1 2  ? 14.970  -4.609  4.459   1.00 0.00 ? 2  DC A "C3'"  1 
ATOM 40   O "O3'"  . DC A 1 2  ? 14.766  -5.937  4.920   1.00 0.00 ? 2  DC A "O3'"  1 
ATOM 41   C "C2'"  . DC A 1 2  ? 13.687  -3.774  4.459   1.00 0.00 ? 2  DC A "C2'"  1 
ATOM 42   C "C1'"  . DC A 1 2  ? 13.733  -3.117  5.834   1.00 0.00 ? 2  DC A "C1'"  1 
ATOM 43   N N1     . DC A 1 2  ? 12.856  -1.917  5.924   1.00 0.00 ? 2  DC A N1     1 
ATOM 44   C C2     . DC A 1 2  ? 11.764  -1.930  6.797   1.00 0.00 ? 2  DC A C2     1 
ATOM 45   O O2     . DC A 1 2  ? 11.495  -2.912  7.483   1.00 0.00 ? 2  DC A O2     1 
ATOM 46   N N3     . DC A 1 2  ? 10.992  -0.812  6.889   1.00 0.00 ? 2  DC A N3     1 
ATOM 47   C C4     . DC A 1 2  ? 11.261  0.287   6.172   1.00 0.00 ? 2  DC A C4     1 
ATOM 48   N N4     . DC A 1 2  ? 10.468  1.354   6.318   1.00 0.00 ? 2  DC A N4     1 
ATOM 49   C C5     . DC A 1 2  ? 12.377  0.327   5.269   1.00 0.00 ? 2  DC A C5     1 
ATOM 50   C C6     . DC A 1 2  ? 13.136  -0.792  5.183   1.00 0.00 ? 2  DC A C6     1 
ATOM 51   H "H5'"  . DC A 1 2  ? 17.750  -2.913  5.730   1.00 0.00 ? 2  DC A "H5'"  1 
ATOM 52   H "H5''" . DC A 1 2  ? 17.751  -4.245  4.556   1.00 0.00 ? 2  DC A "H5''" 1 
ATOM 53   H "H4'"  . DC A 1 2  ? 16.050  -4.527  6.325   1.00 0.00 ? 2  DC A "H4'"  1 
ATOM 54   H "H3'"  . DC A 1 2  ? 15.426  -4.618  3.468   1.00 0.00 ? 2  DC A "H3'"  1 
ATOM 55   H "H2'"  . DC A 1 2  ? 13.765  -3.024  3.672   1.00 0.00 ? 2  DC A "H2'"  1 
ATOM 56   H "H2''" . DC A 1 2  ? 12.783  -4.359  4.317   1.00 0.00 ? 2  DC A "H2''" 1 
ATOM 57   H "H1'"  . DC A 1 2  ? 13.504  -3.868  6.591   1.00 0.00 ? 2  DC A "H1'"  1 
ATOM 58   H H41    . DC A 1 2  ? 9.699   1.309   6.976   1.00 0.00 ? 2  DC A H41    1 
ATOM 59   H H42    . DC A 1 2  ? 10.642  2.200   5.798   1.00 0.00 ? 2  DC A H42    1 
ATOM 60   H H5     . DC A 1 2  ? 12.632  1.191   4.675   1.00 0.00 ? 2  DC A H5     1 
ATOM 61   H H6     . DC A 1 2  ? 13.985  -0.796  4.517   1.00 0.00 ? 2  DC A H6     1 
ATOM 62   P P      . DC A 1 3  ? 13.861  -7.018  4.125   1.00 0.00 ? 3  DC A P      1 
ATOM 63   O OP1    . DC A 1 3  ? 14.392  -8.367  4.421   1.00 0.00 ? 3  DC A OP1    1 
ATOM 64   O OP2    . DC A 1 3  ? 13.722  -6.576  2.719   1.00 0.00 ? 3  DC A OP2    1 
ATOM 65   O "O5'"  . DC A 1 3  ? 12.422  -6.874  4.844   1.00 0.00 ? 3  DC A "O5'"  1 
ATOM 66   C "C5'"  . DC A 1 3  ? 12.241  -7.259  6.193   1.00 0.00 ? 3  DC A "C5'"  1 
ATOM 67   C "C4'"  . DC A 1 3  ? 10.833  -6.903  6.677   1.00 0.00 ? 3  DC A "C4'"  1 
ATOM 68   O "O4'"  . DC A 1 3  ? 10.616  -5.511  6.538   1.00 0.00 ? 3  DC A "O4'"  1 
ATOM 69   C "C3'"  . DC A 1 3  ? 9.709   -7.627  5.917   1.00 0.00 ? 3  DC A "C3'"  1 
ATOM 70   O "O3'"  . DC A 1 3  ? 8.921   -8.338  6.861   1.00 0.00 ? 3  DC A "O3'"  1 
ATOM 71   C "C2'"  . DC A 1 3  ? 8.952   -6.470  5.263   1.00 0.00 ? 3  DC A "C2'"  1 
ATOM 72   C "C1'"  . DC A 1 3  ? 9.254   -5.322  6.220   1.00 0.00 ? 3  DC A "C1'"  1 
ATOM 73   N N1     . DC A 1 3  ? 9.041   -3.982  5.604   1.00 0.00 ? 3  DC A N1     1 
ATOM 74   C C2     . DC A 1 3  ? 8.079   -3.128  6.146   1.00 0.00 ? 3  DC A C2     1 
ATOM 75   O O2     . DC A 1 3  ? 7.339   -3.483  7.060   1.00 0.00 ? 3  DC A O2     1 
ATOM 76   N N3     . DC A 1 3  ? 7.960   -1.872  5.633   1.00 0.00 ? 3  DC A N3     1 
ATOM 77   C C4     . DC A 1 3  ? 8.725   -1.455  4.616   1.00 0.00 ? 3  DC A C4     1 
ATOM 78   N N4     . DC A 1 3  ? 8.557   -0.210  4.158   1.00 0.00 ? 3  DC A N4     1 
ATOM 79   C C5     . DC A 1 3  ? 9.703   -2.323  4.021   1.00 0.00 ? 3  DC A C5     1 
ATOM 80   C C6     . DC A 1 3  ? 9.819   -3.566  4.549   1.00 0.00 ? 3  DC A C6     1 
ATOM 81   H "H5'"  . DC A 1 3  ? 12.962  -6.734  6.822   1.00 0.00 ? 3  DC A "H5'"  1 
ATOM 82   H "H5''" . DC A 1 3  ? 12.395  -8.333  6.298   1.00 0.00 ? 3  DC A "H5''" 1 
ATOM 83   H "H4'"  . DC A 1 3  ? 10.765  -7.150  7.738   1.00 0.00 ? 3  DC A "H4'"  1 
ATOM 84   H "H3'"  . DC A 1 3  ? 10.106  -8.313  5.166   1.00 0.00 ? 3  DC A "H3'"  1 
ATOM 85   H "H2'"  . DC A 1 3  ? 9.389   -6.284  4.282   1.00 0.00 ? 3  DC A "H2'"  1 
ATOM 86   H "H2''" . DC A 1 3  ? 7.883   -6.647  5.161   1.00 0.00 ? 3  DC A "H2''" 1 
ATOM 87   H "H1'"  . DC A 1 3  ? 8.674   -5.470  7.131   1.00 0.00 ? 3  DC A "H1'"  1 
ATOM 88   H H41    . DC A 1 3  ? 7.882   0.393   4.611   1.00 0.00 ? 3  DC A H41    1 
ATOM 89   H H42    . DC A 1 3  ? 9.109   0.134   3.385   1.00 0.00 ? 3  DC A H42    1 
ATOM 90   H H5     . DC A 1 3  ? 10.336  -2.032  3.197   1.00 0.00 ? 3  DC A H5     1 
ATOM 91   H H6     . DC A 1 3  ? 10.542  -4.245  4.127   1.00 0.00 ? 3  DC A H6     1 
ATOM 92   P P      . DA A 1 4  ? 7.619   -9.206  6.449   1.00 0.00 ? 4  DA A P      1 
ATOM 93   O OP1    . DA A 1 4  ? 7.560   -10.393 7.331   1.00 0.00 ? 4  DA A OP1    1 
ATOM 94   O OP2    . DA A 1 4  ? 7.611   -9.383  4.979   1.00 0.00 ? 4  DA A OP2    1 
ATOM 95   O "O5'"  . DA A 1 4  ? 6.403   -8.220  6.845   1.00 0.00 ? 4  DA A "O5'"  1 
ATOM 96   C "C5'"  . DA A 1 4  ? 6.119   -7.923  8.200   1.00 0.00 ? 4  DA A "C5'"  1 
ATOM 97   C "C4'"  . DA A 1 4  ? 4.939   -6.954  8.311   1.00 0.00 ? 4  DA A "C4'"  1 
ATOM 98   O "O4'"  . DA A 1 4  ? 5.266   -5.734  7.665   1.00 0.00 ? 4  DA A "O4'"  1 
ATOM 99   C "C3'"  . DA A 1 4  ? 3.646   -7.494  7.675   1.00 0.00 ? 4  DA A "C3'"  1 
ATOM 100  O "O3'"  . DA A 1 4  ? 2.586   -7.290  8.597   1.00 0.00 ? 4  DA A "O3'"  1 
ATOM 101  C "C2'"  . DA A 1 4  ? 3.526   -6.626  6.423   1.00 0.00 ? 4  DA A "C2'"  1 
ATOM 102  C "C1'"  . DA A 1 4  ? 4.147   -5.324  6.910   1.00 0.00 ? 4  DA A "C1'"  1 
ATOM 103  N N9     . DA A 1 4  ? 4.580   -4.454  5.795   1.00 0.00 ? 4  DA A N9     1 
ATOM 104  C C8     . DA A 1 4  ? 5.432   -4.748  4.758   1.00 0.00 ? 4  DA A C8     1 
ATOM 105  N N7     . DA A 1 4  ? 5.726   -3.732  3.997   1.00 0.00 ? 4  DA A N7     1 
ATOM 106  C C5     . DA A 1 4  ? 5.010   -2.684  4.566   1.00 0.00 ? 4  DA A C5     1 
ATOM 107  C C6     . DA A 1 4  ? 4.906   -1.314  4.257   1.00 0.00 ? 4  DA A C6     1 
ATOM 108  N N6     . DA A 1 4  ? 5.592   -0.738  3.264   1.00 0.00 ? 4  DA A N6     1 
ATOM 109  N N1     . DA A 1 4  ? 4.092   -0.550  5.009   1.00 0.00 ? 4  DA A N1     1 
ATOM 110  C C2     . DA A 1 4  ? 3.427   -1.105  6.018   1.00 0.00 ? 4  DA A C2     1 
ATOM 111  N N3     . DA A 1 4  ? 3.452   -2.371  6.419   1.00 0.00 ? 4  DA A N3     1 
ATOM 112  C C4     . DA A 1 4  ? 4.284   -3.121  5.645   1.00 0.00 ? 4  DA A C4     1 
ATOM 113  H "H5'"  . DA A 1 4  ? 6.992   -7.464  8.665   1.00 0.00 ? 4  DA A "H5'"  1 
ATOM 114  H "H5''" . DA A 1 4  ? 5.872   -8.840  8.738   1.00 0.00 ? 4  DA A "H5''" 1 
ATOM 115  H "H4'"  . DA A 1 4  ? 4.768   -6.750  9.369   1.00 0.00 ? 4  DA A "H4'"  1 
ATOM 116  H "H3'"  . DA A 1 4  ? 3.722   -8.552  7.421   1.00 0.00 ? 4  DA A "H3'"  1 
ATOM 117  H "H2'"  . DA A 1 4  ? 4.135   -7.070  5.635   1.00 0.00 ? 4  DA A "H2'"  1 
ATOM 118  H "H2''" . DA A 1 4  ? 2.507   -6.492  6.069   1.00 0.00 ? 4  DA A "H2''" 1 
ATOM 119  H "H1'"  . DA A 1 4  ? 3.442   -4.810  7.565   1.00 0.00 ? 4  DA A "H1'"  1 
ATOM 120  H H8     . DA A 1 4  ? 5.838   -5.734  4.594   1.00 0.00 ? 4  DA A H8     1 
ATOM 121  H H61    . DA A 1 4  ? 5.490   0.253   3.087   1.00 0.00 ? 4  DA A H61    1 
ATOM 122  H H62    . DA A 1 4  ? 6.216   -1.295  2.700   1.00 0.00 ? 4  DA A H62    1 
ATOM 123  H H2     . DA A 1 4  ? 2.790   -0.444  6.586   1.00 0.00 ? 4  DA A H2     1 
ATOM 124  P P      . DC A 1 5  ? 1.043   -7.656  8.276   1.00 0.00 ? 5  DC A P      1 
ATOM 125  O OP1    . DC A 1 5  ? 0.440   -8.228  9.499   1.00 0.00 ? 5  DC A OP1    1 
ATOM 126  O OP2    . DC A 1 5  ? 0.983   -8.412  7.005   1.00 0.00 ? 5  DC A OP2    1 
ATOM 127  O "O5'"  . DC A 1 5  ? 0.403   -6.195  8.029   1.00 0.00 ? 5  DC A "O5'"  1 
ATOM 128  C "C5'"  . DC A 1 5  ? 0.323   -5.254  9.086   1.00 0.00 ? 5  DC A "C5'"  1 
ATOM 129  C "C4'"  . DC A 1 5  ? -0.173  -3.894  8.584   1.00 0.00 ? 5  DC A "C4'"  1 
ATOM 130  O "O4'"  . DC A 1 5  ? 0.671   -3.442  7.538   1.00 0.00 ? 5  DC A "O4'"  1 
ATOM 131  C "C3'"  . DC A 1 5  ? -1.617  -3.912  8.051   1.00 0.00 ? 5  DC A "C3'"  1 
ATOM 132  O "O3'"  . DC A 1 5  ? -2.321  -2.830  8.645   1.00 0.00 ? 5  DC A "O3'"  1 
ATOM 133  C "C2'"  . DC A 1 5  ? -1.399  -3.723  6.551   1.00 0.00 ? 5  DC A "C2'"  1 
ATOM 134  C "C1'"  . DC A 1 5  ? -0.146  -2.858  6.545   1.00 0.00 ? 5  DC A "C1'"  1 
ATOM 135  N N1     . DC A 1 5  ? 0.538   -2.856  5.223   1.00 0.00 ? 5  DC A N1     1 
ATOM 136  C C2     . DC A 1 5  ? 0.691   -1.647  4.541   1.00 0.00 ? 5  DC A C2     1 
ATOM 137  O O2     . DC A 1 5  ? 0.217   -0.600  4.971   1.00 0.00 ? 5  DC A O2     1 
ATOM 138  N N3     . DC A 1 5  ? 1.412   -1.636  3.386   1.00 0.00 ? 5  DC A N3     1 
ATOM 139  C C4     . DC A 1 5  ? 1.974   -2.751  2.904   1.00 0.00 ? 5  DC A C4     1 
ATOM 140  N N4     . DC A 1 5  ? 2.749   -2.651  1.819   1.00 0.00 ? 5  DC A N4     1 
ATOM 141  C C5     . DC A 1 5  ? 1.810   -4.013  3.572   1.00 0.00 ? 5  DC A C5     1 
ATOM 142  C C6     . DC A 1 5  ? 1.091   -4.009  4.719   1.00 0.00 ? 5  DC A C6     1 
ATOM 143  H "H5'"  . DC A 1 5  ? 1.315   -5.111  9.520   1.00 0.00 ? 5  DC A "H5'"  1 
ATOM 144  H "H5''" . DC A 1 5  ? -0.350  -5.619  9.862   1.00 0.00 ? 5  DC A "H5''" 1 
ATOM 145  H "H4'"  . DC A 1 5  ? -0.104  -3.188  9.413   1.00 0.00 ? 5  DC A "H4'"  1 
ATOM 146  H "H3'"  . DC A 1 5  ? -2.122  -4.855  8.265   1.00 0.00 ? 5  DC A "H3'"  1 
ATOM 147  H "H2'"  . DC A 1 5  ? -1.204  -4.697  6.103   1.00 0.00 ? 5  DC A "H2'"  1 
ATOM 148  H "H2''" . DC A 1 5  ? -2.230  -3.246  6.037   1.00 0.00 ? 5  DC A "H2''" 1 
ATOM 149  H "H1'"  . DC A 1 5  ? -0.415  -1.858  6.888   1.00 0.00 ? 5  DC A "H1'"  1 
ATOM 150  H H41    . DC A 1 5  ? 2.919   -1.733  1.426   1.00 0.00 ? 5  DC A H41    1 
ATOM 151  H H42    . DC A 1 5  ? 3.215   -3.463  1.444   1.00 0.00 ? 5  DC A H42    1 
ATOM 152  H H5     . DC A 1 5  ? 2.242   -4.938  3.217   1.00 0.00 ? 5  DC A H5     1 
ATOM 153  H H6     . DC A 1 5  ? 0.961   -4.935  5.259   1.00 0.00 ? 5  DC A H6     1 
ATOM 154  P P      . DC A 1 6  ? -3.852  -2.448  8.283   1.00 0.00 ? 6  DC A P      1 
ATOM 155  O OP1    . DC A 1 6  ? -4.550  -2.090  9.538   1.00 0.00 ? 6  DC A OP1    1 
ATOM 156  O OP2    . DC A 1 6  ? -4.417  -3.498  7.407   1.00 0.00 ? 6  DC A OP2    1 
ATOM 157  O "O5'"  . DC A 1 6  ? -3.674  -1.103  7.406   1.00 0.00 ? 6  DC A "O5'"  1 
ATOM 158  C "C5'"  . DC A 1 6  ? -3.171  0.089   7.984   1.00 0.00 ? 6  DC A "C5'"  1 
ATOM 159  C "C4'"  . DC A 1 6  ? -3.099  1.205   6.937   1.00 0.00 ? 6  DC A "C4'"  1 
ATOM 160  O "O4'"  . DC A 1 6  ? -2.264  0.784   5.871   1.00 0.00 ? 6  DC A "O4'"  1 
ATOM 161  C "C3'"  . DC A 1 6  ? -4.475  1.564   6.355   1.00 0.00 ? 6  DC A "C3'"  1 
ATOM 162  O "O3'"  . DC A 1 6  ? -4.626  2.975   6.342   1.00 0.00 ? 6  DC A "O3'"  1 
ATOM 163  C "C2'"  . DC A 1 6  ? -4.382  0.996   4.942   1.00 0.00 ? 6  DC A "C2'"  1 
ATOM 164  C "C1'"  . DC A 1 6  ? -2.888  1.133   4.653   1.00 0.00 ? 6  DC A "C1'"  1 
ATOM 165  N N1     . DC A 1 6  ? -2.442  0.225   3.560   1.00 0.00 ? 6  DC A N1     1 
ATOM 166  C C2     . DC A 1 6  ? -1.927  0.762   2.375   1.00 0.00 ? 6  DC A C2     1 
ATOM 167  O O2     . DC A 1 6  ? -1.784  1.975   2.231   1.00 0.00 ? 6  DC A O2     1 
ATOM 168  N N3     . DC A 1 6  ? -1.597  -0.096  1.366   1.00 0.00 ? 6  DC A N3     1 
ATOM 169  C C4     . DC A 1 6  ? -1.736  -1.423  1.501   1.00 0.00 ? 6  DC A C4     1 
ATOM 170  N N4     . DC A 1 6  ? -1.462  -2.209  0.454   1.00 0.00 ? 6  DC A N4     1 
ATOM 171  C C5     . DC A 1 6  ? -2.204  -1.999  2.730   1.00 0.00 ? 6  DC A C5     1 
ATOM 172  C C6     . DC A 1 6  ? -2.545  -1.138  3.716   1.00 0.00 ? 6  DC A C6     1 
ATOM 173  H "H5'"  . DC A 1 6  ? -2.169  -0.090  8.377   1.00 0.00 ? 6  DC A "H5'"  1 
ATOM 174  H "H5''" . DC A 1 6  ? -3.818  0.412   8.801   1.00 0.00 ? 6  DC A "H5''" 1 
ATOM 175  H "H4'"  . DC A 1 6  ? -2.657  2.088   7.402   1.00 0.00 ? 6  DC A "H4'"  1 
ATOM 176  H "H3'"  . DC A 1 6  ? -5.285  1.105   6.924   1.00 0.00 ? 6  DC A "H3'"  1 
ATOM 177  H "H2'"  . DC A 1 6  ? -4.689  -0.049  4.969   1.00 0.00 ? 6  DC A "H2'"  1 
ATOM 178  H "H2''" . DC A 1 6  ? -4.987  1.533   4.215   1.00 0.00 ? 6  DC A "H2''" 1 
ATOM 179  H "H1'"  . DC A 1 6  ? -2.671  2.185   4.456   1.00 0.00 ? 6  DC A "H1'"  1 
ATOM 180  H H41    . DC A 1 6  ? -1.196  -1.796  -0.431  1.00 0.00 ? 6  DC A H41    1 
ATOM 181  H H42    . DC A 1 6  ? -1.566  -3.210  0.530   1.00 0.00 ? 6  DC A H42    1 
ATOM 182  H H5     . DC A 1 6  ? -2.307  -3.063  2.891   1.00 0.00 ? 6  DC A H5     1 
ATOM 183  H H6     . DC A 1 6  ? -2.910  -1.534  4.651   1.00 0.00 ? 6  DC A H6     1 
ATOM 184  P P      . DA A 1 7  ? -6.024  3.699   5.959   1.00 0.00 ? 7  DA A P      1 
ATOM 185  O OP1    . DA A 1 7  ? -6.405  4.591   7.076   1.00 0.00 ? 7  DA A OP1    1 
ATOM 186  O OP2    . DA A 1 7  ? -6.981  2.678   5.479   1.00 0.00 ? 7  DA A OP2    1 
ATOM 187  O "O5'"  . DA A 1 7  ? -5.607  4.615   4.697   1.00 0.00 ? 7  DA A "O5'"  1 
ATOM 188  C "C5'"  . DA A 1 7  ? -4.768  5.743   4.858   1.00 0.00 ? 7  DA A "C5'"  1 
ATOM 189  C "C4'"  . DA A 1 7  ? -4.350  6.320   3.500   1.00 0.00 ? 7  DA A "C4'"  1 
ATOM 190  O "O4'"  . DA A 1 7  ? -3.739  5.289   2.739   1.00 0.00 ? 7  DA A "O4'"  1 
ATOM 191  C "C3'"  . DA A 1 7  ? -5.519  6.882   2.677   1.00 0.00 ? 7  DA A "C3'"  1 
ATOM 192  O "O3'"  . DA A 1 7  ? -5.070  8.045   1.998   1.00 0.00 ? 7  DA A "O3'"  1 
ATOM 193  C "C2'"  . DA A 1 7  ? -5.811  5.726   1.725   1.00 0.00 ? 7  DA A "C2'"  1 
ATOM 194  C "C1'"  . DA A 1 7  ? -4.406  5.178   1.497   1.00 0.00 ? 7  DA A "C1'"  1 
ATOM 195  N N9     . DA A 1 7  ? -4.426  3.768   1.050   1.00 0.00 ? 7  DA A N9     1 
ATOM 196  C C8     . DA A 1 7  ? -5.094  2.699   1.596   1.00 0.00 ? 7  DA A C8     1 
ATOM 197  N N7     . DA A 1 7  ? -4.880  1.563   0.995   1.00 0.00 ? 7  DA A N7     1 
ATOM 198  C C5     . DA A 1 7  ? -4.002  1.899   -0.028  1.00 0.00 ? 7  DA A C5     1 
ATOM 199  C C6     . DA A 1 7  ? -3.370  1.144   -1.037  1.00 0.00 ? 7  DA A C6     1 
ATOM 200  N N6     . DA A 1 7  ? -3.550  -0.174  -1.182  1.00 0.00 ? 7  DA A N6     1 
ATOM 201  N N1     . DA A 1 7  ? -2.561  1.788   -1.901  1.00 0.00 ? 7  DA A N1     1 
ATOM 202  C C2     . DA A 1 7  ? -2.383  3.100   -1.771  1.00 0.00 ? 7  DA A C2     1 
ATOM 203  N N3     . DA A 1 7  ? -2.911  3.917   -0.866  1.00 0.00 ? 7  DA A N3     1 
ATOM 204  C C4     . DA A 1 7  ? -3.719  3.243   -0.005  1.00 0.00 ? 7  DA A C4     1 
ATOM 205  H "H5'"  . DA A 1 7  ? -3.865  5.446   5.393   1.00 0.00 ? 7  DA A "H5'"  1 
ATOM 206  H "H5''" . DA A 1 7  ? -5.283  6.510   5.437   1.00 0.00 ? 7  DA A "H5''" 1 
ATOM 207  H "H4'"  . DA A 1 7  ? -3.621  7.110   3.685   1.00 0.00 ? 7  DA A "H4'"  1 
ATOM 208  H "H3'"  . DA A 1 7  ? -6.381  7.121   3.302   1.00 0.00 ? 7  DA A "H3'"  1 
ATOM 209  H "H2'"  . DA A 1 7  ? -6.442  5.003   2.239   1.00 0.00 ? 7  DA A "H2'"  1 
ATOM 210  H "H2''" . DA A 1 7  ? -6.289  6.027   0.794   1.00 0.00 ? 7  DA A "H2''" 1 
ATOM 211  H "H1'"  . DA A 1 7  ? -3.897  5.813   0.772   1.00 0.00 ? 7  DA A "H1'"  1 
ATOM 212  H H8     . DA A 1 7  ? -5.749  2.790   2.450   1.00 0.00 ? 7  DA A H8     1 
ATOM 213  H H61    . DA A 1 7  ? -3.068  -0.685  -1.909  1.00 0.00 ? 7  DA A H61    1 
ATOM 214  H H62    . DA A 1 7  ? -4.157  -0.659  -0.537  1.00 0.00 ? 7  DA A H62    1 
ATOM 215  H H2     . DA A 1 7  ? -1.736  3.564   -2.499  1.00 0.00 ? 7  DA A H2     1 
ATOM 216  P P      . DG A 1 8  ? -6.007  8.892   0.985   1.00 0.00 ? 8  DG A P      1 
ATOM 217  O OP1    . DG A 1 8  ? -5.691  10.328  1.155   1.00 0.00 ? 8  DG A OP1    1 
ATOM 218  O OP2    . DG A 1 8  ? -7.407  8.433   1.133   1.00 0.00 ? 8  DG A OP2    1 
ATOM 219  O "O5'"  . DG A 1 8  ? -5.470  8.424   -0.464  1.00 0.00 ? 8  DG A "O5'"  1 
ATOM 220  C "C5'"  . DG A 1 8  ? -4.192  8.822   -0.928  1.00 0.00 ? 8  DG A "C5'"  1 
ATOM 221  C "C4'"  . DG A 1 8  ? -3.912  8.263   -2.326  1.00 0.00 ? 8  DG A "C4'"  1 
ATOM 222  O "O4'"  . DG A 1 8  ? -3.897  6.846   -2.279  1.00 0.00 ? 8  DG A "O4'"  1 
ATOM 223  C "C3'"  . DG A 1 8  ? -4.958  8.690   -3.372  1.00 0.00 ? 8  DG A "C3'"  1 
ATOM 224  O "O3'"  . DG A 1 8  ? -4.275  9.163   -4.525  1.00 0.00 ? 8  DG A "O3'"  1 
ATOM 225  C "C2'"  . DG A 1 8  ? -5.691  7.375   -3.628  1.00 0.00 ? 8  DG A "C2'"  1 
ATOM 226  C "C1'"  . DG A 1 8  ? -4.559  6.374   -3.432  1.00 0.00 ? 8  DG A "C1'"  1 
ATOM 227  N N9     . DG A 1 8  ? -5.058  4.999   -3.222  1.00 0.00 ? 8  DG A N9     1 
ATOM 228  C C8     . DG A 1 8  ? -5.919  4.541   -2.257  1.00 0.00 ? 8  DG A C8     1 
ATOM 229  N N7     . DG A 1 8  ? -6.136  3.257   -2.298  1.00 0.00 ? 8  DG A N7     1 
ATOM 230  C C5     . DG A 1 8  ? -5.360  2.824   -3.366  1.00 0.00 ? 8  DG A C5     1 
ATOM 231  C C6     . DG A 1 8  ? -5.159  1.508   -3.876  1.00 0.00 ? 8  DG A C6     1 
ATOM 232  O O6     . DG A 1 8  ? -5.630  0.459   -3.447  1.00 0.00 ? 8  DG A O6     1 
ATOM 233  N N1     . DG A 1 8  ? -4.307  1.486   -4.977  1.00 0.00 ? 8  DG A N1     1 
ATOM 234  C C2     . DG A 1 8  ? -3.692  2.604   -5.511  1.00 0.00 ? 8  DG A C2     1 
ATOM 235  N N2     . DG A 1 8  ? -2.922  2.424   -6.589  1.00 0.00 ? 8  DG A N2     1 
ATOM 236  N N3     . DG A 1 8  ? -3.861  3.841   -5.015  1.00 0.00 ? 8  DG A N3     1 
ATOM 237  C C4     . DG A 1 8  ? -4.702  3.884   -3.945  1.00 0.00 ? 8  DG A C4     1 
ATOM 238  H "H5'"  . DG A 1 8  ? -3.425  8.460   -0.243  1.00 0.00 ? 8  DG A "H5'"  1 
ATOM 239  H "H5''" . DG A 1 8  ? -4.138  9.911   -0.974  1.00 0.00 ? 8  DG A "H5''" 1 
ATOM 240  H "H4'"  . DG A 1 8  ? -2.924  8.608   -2.636  1.00 0.00 ? 8  DG A "H4'"  1 
ATOM 241  H "H3'"  . DG A 1 8  ? -5.631  9.457   -2.988  1.00 0.00 ? 8  DG A "H3'"  1 
ATOM 242  H "H2'"  . DG A 1 8  ? -6.454  7.244   -2.860  1.00 0.00 ? 8  DG A "H2'"  1 
ATOM 243  H "H2''" . DG A 1 8  ? -6.145  7.308   -4.614  1.00 0.00 ? 8  DG A "H2''" 1 
ATOM 244  H "H1'"  . DG A 1 8  ? -3.879  6.424   -4.284  1.00 0.00 ? 8  DG A "H1'"  1 
ATOM 245  H H8     . DG A 1 8  ? -6.375  5.185   -1.521  1.00 0.00 ? 8  DG A H8     1 
ATOM 246  H H1     . DG A 1 8  ? -4.112  0.578   -5.379  1.00 0.00 ? 8  DG A H1     1 
ATOM 247  H H21    . DG A 1 8  ? -2.789  1.496   -6.972  1.00 0.00 ? 8  DG A H21    1 
ATOM 248  H H22    . DG A 1 8  ? -2.452  3.215   -7.004  1.00 0.00 ? 8  DG A H22    1 
ATOM 249  P P      . DC A 1 9  ? -5.034  9.707   -5.848  1.00 0.00 ? 9  DC A P      1 
ATOM 250  O OP1    . DC A 1 9  ? -4.379  10.965  -6.271  1.00 0.00 ? 9  DC A OP1    1 
ATOM 251  O OP2    . DC A 1 9  ? -6.495  9.687   -5.608  1.00 0.00 ? 9  DC A OP2    1 
ATOM 252  O "O5'"  . DC A 1 9  ? -4.691  8.567   -6.940  1.00 0.00 ? 9  DC A "O5'"  1 
ATOM 253  C "C5'"  . DC A 1 9  ? -3.369  8.387   -7.416  1.00 0.00 ? 9  DC A "C5'"  1 
ATOM 254  C "C4'"  . DC A 1 9  ? -3.291  7.208   -8.392  1.00 0.00 ? 9  DC A "C4'"  1 
ATOM 255  O "O4'"  . DC A 1 9  ? -3.737  6.033   -7.734  1.00 0.00 ? 9  DC A "O4'"  1 
ATOM 256  C "C3'"  . DC A 1 9  ? -4.151  7.409   -9.652  1.00 0.00 ? 9  DC A "C3'"  1 
ATOM 257  O "O3'"  . DC A 1 9  ? -3.383  7.063   -10.794 1.00 0.00 ? 9  DC A "O3'"  1 
ATOM 258  C "C2'"  . DC A 1 9  ? -5.307  6.444   -9.406  1.00 0.00 ? 9  DC A "C2'"  1 
ATOM 259  C "C1'"  . DC A 1 9  ? -4.632  5.348   -8.586  1.00 0.00 ? 9  DC A "C1'"  1 
ATOM 260  N N1     . DC A 1 9  ? -5.612  4.572   -7.776  1.00 0.00 ? 9  DC A N1     1 
ATOM 261  C C2     . DC A 1 9  ? -5.750  3.199   -7.990  1.00 0.00 ? 9  DC A C2     1 
ATOM 262  O O2     . DC A 1 9  ? -5.126  2.625   -8.879  1.00 0.00 ? 9  DC A O2     1 
ATOM 263  N N3     . DC A 1 9  ? -6.599  2.495   -7.185  1.00 0.00 ? 9  DC A N3     1 
ATOM 264  C C4     . DC A 1 9  ? -7.303  3.103   -6.219  1.00 0.00 ? 9  DC A C4     1 
ATOM 265  N N4     . DC A 1 9  ? -8.098  2.367   -5.436  1.00 0.00 ? 9  DC A N4     1 
ATOM 266  C C5     . DC A 1 9  ? -7.192  4.516   -5.993  1.00 0.00 ? 9  DC A C5     1 
ATOM 267  C C6     . DC A 1 9  ? -6.333  5.197   -6.787  1.00 0.00 ? 9  DC A C6     1 
ATOM 268  H "H5'"  . DC A 1 9  ? -2.703  8.185   -6.576  1.00 0.00 ? 9  DC A "H5'"  1 
ATOM 269  H "H5''" . DC A 1 9  ? -3.029  9.290   -7.926  1.00 0.00 ? 9  DC A "H5''" 1 
ATOM 270  H "H4'"  . DC A 1 9  ? -2.247  7.073   -8.681  1.00 0.00 ? 9  DC A "H4'"  1 
ATOM 271  H "H3'"  . DC A 1 9  ? -4.503  8.438   -9.738  1.00 0.00 ? 9  DC A "H3'"  1 
ATOM 272  H "H2'"  . DC A 1 9  ? -6.069  6.963   -8.829  1.00 0.00 ? 9  DC A "H2'"  1 
ATOM 273  H "H2''" . DC A 1 9  ? -5.745  6.054   -10.321 1.00 0.00 ? 9  DC A "H2''" 1 
ATOM 274  H "H1'"  . DC A 1 9  ? -4.038  4.728   -9.259  1.00 0.00 ? 9  DC A "H1'"  1 
ATOM 275  H H41    . DC A 1 9  ? -8.142  1.364   -5.559  1.00 0.00 ? 9  DC A H41    1 
ATOM 276  H H42    . DC A 1 9  ? -8.613  2.804   -4.687  1.00 0.00 ? 9  DC A H42    1 
ATOM 277  H H5     . DC A 1 9  ? -7.736  5.044   -5.222  1.00 0.00 ? 9  DC A H5     1 
ATOM 278  H H6     . DC A 1 9  ? -6.215  6.259   -6.639  1.00 0.00 ? 9  DC A H6     1 
ATOM 279  P P      . DT A 1 10 ? -3.965  7.143   -12.304 1.00 0.00 ? 10 DT A P      1 
ATOM 280  O OP1    . DT A 1 10 ? -2.890  7.646   -13.188 1.00 0.00 ? 10 DT A OP1    1 
ATOM 281  O OP2    . DT A 1 10 ? -5.275  7.833   -12.277 1.00 0.00 ? 10 DT A OP2    1 
ATOM 282  O "O5'"  . DT A 1 10 ? -4.224  5.591   -12.658 1.00 0.00 ? 10 DT A "O5'"  1 
ATOM 283  C "C5'"  . DT A 1 10 ? -3.144  4.686   -12.792 1.00 0.00 ? 10 DT A "C5'"  1 
ATOM 284  C "C4'"  . DT A 1 10 ? -3.651  3.264   -13.049 1.00 0.00 ? 10 DT A "C4'"  1 
ATOM 285  O "O4'"  . DT A 1 10 ? -4.500  2.883   -11.978 1.00 0.00 ? 10 DT A "O4'"  1 
ATOM 286  C "C3'"  . DT A 1 10 ? -4.444  3.131   -14.359 1.00 0.00 ? 10 DT A "C3'"  1 
ATOM 287  O "O3'"  . DT A 1 10 ? -3.982  1.985   -15.061 1.00 0.00 ? 10 DT A "O3'"  1 
ATOM 288  C "C2'"  . DT A 1 10 ? -5.875  2.972   -13.853 1.00 0.00 ? 10 DT A "C2'"  1 
ATOM 289  C "C1'"  . DT A 1 10 ? -5.648  2.264   -12.517 1.00 0.00 ? 10 DT A "C1'"  1 
ATOM 290  N N1     . DT A 1 10 ? -6.789  2.402   -11.567 1.00 0.00 ? 10 DT A N1     1 
ATOM 291  C C2     . DT A 1 10 ? -7.337  1.249   -11.002 1.00 0.00 ? 10 DT A C2     1 
ATOM 292  O O2     . DT A 1 10 ? -7.020  0.112   -11.341 1.00 0.00 ? 10 DT A O2     1 
ATOM 293  N N3     . DT A 1 10 ? -8.297  1.442   -10.020 1.00 0.00 ? 10 DT A N3     1 
ATOM 294  C C4     . DT A 1 10 ? -8.769  2.664   -9.566  1.00 0.00 ? 10 DT A C4     1 
ATOM 295  O O4     . DT A 1 10 ? -9.607  2.710   -8.669  1.00 0.00 ? 10 DT A O4     1 
ATOM 296  C C5     . DT A 1 10 ? -8.189  3.812   -10.234 1.00 0.00 ? 10 DT A C5     1 
ATOM 297  C C7     . DT A 1 10 ? -8.668  5.202   -9.860  1.00 0.00 ? 10 DT A C7     1 
ATOM 298  C C6     . DT A 1 10 ? -7.233  3.648   -11.184 1.00 0.00 ? 10 DT A C6     1 
ATOM 299  H "H5'"  . DT A 1 10 ? -2.558  4.681   -11.872 1.00 0.00 ? 10 DT A "H5'"  1 
ATOM 300  H "H5''" . DT A 1 10 ? -2.500  4.991   -13.619 1.00 0.00 ? 10 DT A "H5''" 1 
ATOM 301  H "H4'"  . DT A 1 10 ? -2.790  2.594   -13.074 1.00 0.00 ? 10 DT A "H4'"  1 
ATOM 302  H "H3'"  . DT A 1 10 ? -4.340  4.019   -14.985 1.00 0.00 ? 10 DT A "H3'"  1 
ATOM 303  H "H2'"  . DT A 1 10 ? -6.299  3.966   -13.720 1.00 0.00 ? 10 DT A "H2'"  1 
ATOM 304  H "H2''" . DT A 1 10 ? -6.508  2.398   -14.522 1.00 0.00 ? 10 DT A "H2''" 1 
ATOM 305  H "H1'"  . DT A 1 10 ? -5.395  1.225   -12.727 1.00 0.00 ? 10 DT A "H1'"  1 
ATOM 306  H H3     . DT A 1 10 ? -8.687  0.613   -9.594  1.00 0.00 ? 10 DT A H3     1 
ATOM 307  H H71    . DT A 1 10 ? -8.247  5.959   -10.522 1.00 0.00 ? 10 DT A H71    1 
ATOM 308  H H72    . DT A 1 10 ? -9.755  5.240   -9.933  1.00 0.00 ? 10 DT A H72    1 
ATOM 309  H H73    . DT A 1 10 ? -8.376  5.422   -8.835  1.00 0.00 ? 10 DT A H73    1 
ATOM 310  H H6     . DT A 1 10 ? -6.796  4.521   -11.643 1.00 0.00 ? 10 DT A H6     1 
ATOM 311  P P      . DC A 1 11 ? -4.599  1.514   -16.483 1.00 0.00 ? 11 DC A P      1 
ATOM 312  O OP1    . DC A 1 11 ? -3.539  0.811   -17.239 1.00 0.00 ? 11 DC A OP1    1 
ATOM 313  O OP2    . DC A 1 11 ? -5.303  2.660   -17.100 1.00 0.00 ? 11 DC A OP2    1 
ATOM 314  O "O5'"  . DC A 1 11 ? -5.706  0.426   -16.043 1.00 0.00 ? 11 DC A "O5'"  1 
ATOM 315  C "C5'"  . DC A 1 11 ? -5.326  -0.821  -15.492 1.00 0.00 ? 11 DC A "C5'"  1 
ATOM 316  C "C4'"  . DC A 1 11 ? -6.563  -1.596  -15.037 1.00 0.00 ? 11 DC A "C4'"  1 
ATOM 317  O "O4'"  . DC A 1 11 ? -7.259  -0.851  -14.057 1.00 0.00 ? 11 DC A "O4'"  1 
ATOM 318  C "C3'"  . DC A 1 11 ? -7.562  -1.888  -16.168 1.00 0.00 ? 11 DC A "C3'"  1 
ATOM 319  O "O3'"  . DC A 1 11 ? -7.779  -3.280  -16.280 1.00 0.00 ? 11 DC A "O3'"  1 
ATOM 320  C "C2'"  . DC A 1 11 ? -8.845  -1.206  -15.694 1.00 0.00 ? 11 DC A "C2'"  1 
ATOM 321  C "C1'"  . DC A 1 11 ? -8.627  -1.167  -14.183 1.00 0.00 ? 11 DC A "C1'"  1 
ATOM 322  N N1     . DC A 1 11 ? -9.469  -0.146  -13.500 1.00 0.00 ? 11 DC A N1     1 
ATOM 323  C C2     . DC A 1 11 ? -10.432 -0.564  -12.577 1.00 0.00 ? 11 DC A C2     1 
ATOM 324  O O2     . DC A 1 11 ? -10.693 -1.754  -12.414 1.00 0.00 ? 11 DC A O2     1 
ATOM 325  N N3     . DC A 1 11 ? -11.095 0.384   -11.858 1.00 0.00 ? 11 DC A N3     1 
ATOM 326  C C4     . DC A 1 11 ? -10.866 1.691   -12.045 1.00 0.00 ? 11 DC A C4     1 
ATOM 327  N N4     . DC A 1 11 ? -11.521 2.572   -11.283 1.00 0.00 ? 11 DC A N4     1 
ATOM 328  C C5     . DC A 1 11 ? -9.931  2.146   -13.036 1.00 0.00 ? 11 DC A C5     1 
ATOM 329  C C6     . DC A 1 11 ? -9.261  1.193   -13.727 1.00 0.00 ? 11 DC A C6     1 
ATOM 330  H "H5'"  . DC A 1 11 ? -4.679  -0.661  -14.628 1.00 0.00 ? 11 DC A "H5'"  1 
ATOM 331  H "H5''" . DC A 1 11 ? -4.786  -1.409  -16.235 1.00 0.00 ? 11 DC A "H5''" 1 
ATOM 332  H "H4'"  . DC A 1 11 ? -6.241  -2.537  -14.586 1.00 0.00 ? 11 DC A "H4'"  1 
ATOM 333  H "H3'"  . DC A 1 11 ? -7.238  -1.487  -17.128 1.00 0.00 ? 11 DC A "H3'"  1 
ATOM 334  H "HO3'" . DC A 1 11 ? -8.419  -3.434  -16.977 1.00 0.00 ? 11 DC A "HO3'" 1 
ATOM 335  H "H2'"  . DC A 1 11 ? -8.880  -0.198  -16.107 1.00 0.00 ? 11 DC A "H2'"  1 
ATOM 336  H "H2''" . DC A 1 11 ? -9.746  -1.757  -15.967 1.00 0.00 ? 11 DC A "H2''" 1 
ATOM 337  H "H1'"  . DC A 1 11 ? -8.770  -2.171  -13.781 1.00 0.00 ? 11 DC A "H1'"  1 
ATOM 338  H H41    . DC A 1 11 ? -12.128 2.233   -10.547 1.00 0.00 ? 11 DC A H41    1 
ATOM 339  H H42    . DC A 1 11 ? -11.365 3.563   -11.396 1.00 0.00 ? 11 DC A H42    1 
ATOM 340  H H5     . DC A 1 11 ? -9.729  3.189   -13.235 1.00 0.00 ? 11 DC A H5     1 
ATOM 341  H H6     . DC A 1 11 ? -8.544  1.496   -14.474 1.00 0.00 ? 11 DC A H6     1 
ATOM 342  O "O5'"  . DG B 2 1  ? -18.791 -2.003  -4.318  1.00 0.00 ? 12 DG B "O5'"  1 
ATOM 343  C "C5'"  . DG B 2 1  ? -19.524 -2.810  -5.216  1.00 0.00 ? 12 DG B "C5'"  1 
ATOM 344  C "C4'"  . DG B 2 1  ? -18.584 -3.551  -6.173  1.00 0.00 ? 12 DG B "C4'"  1 
ATOM 345  O "O4'"  . DG B 2 1  ? -17.855 -2.610  -6.944  1.00 0.00 ? 12 DG B "O4'"  1 
ATOM 346  C "C3'"  . DG B 2 1  ? -17.571 -4.441  -5.435  1.00 0.00 ? 12 DG B "C3'"  1 
ATOM 347  O "O3'"  . DG B 2 1  ? -17.545 -5.715  -6.060  1.00 0.00 ? 12 DG B "O3'"  1 
ATOM 348  C "C2'"  . DG B 2 1  ? -16.267 -3.668  -5.620  1.00 0.00 ? 12 DG B "C2'"  1 
ATOM 349  C "C1'"  . DG B 2 1  ? -16.501 -3.016  -6.978  1.00 0.00 ? 12 DG B "C1'"  1 
ATOM 350  N N9     . DG B 2 1  ? -15.626 -1.841  -7.188  1.00 0.00 ? 12 DG B N9     1 
ATOM 351  C C8     . DG B 2 1  ? -15.596 -0.665  -6.481  1.00 0.00 ? 12 DG B C8     1 
ATOM 352  N N7     . DG B 2 1  ? -14.752 0.216   -6.939  1.00 0.00 ? 12 DG B N7     1 
ATOM 353  C C5     . DG B 2 1  ? -14.171 -0.419  -8.031  1.00 0.00 ? 12 DG B C5     1 
ATOM 354  C C6     . DG B 2 1  ? -13.181 0.051   -8.945  1.00 0.00 ? 12 DG B C6     1 
ATOM 355  O O6     . DG B 2 1  ? -12.625 1.148   -8.962  1.00 0.00 ? 12 DG B O6     1 
ATOM 356  N N1     . DG B 2 1  ? -12.851 -0.901  -9.906  1.00 0.00 ? 12 DG B N1     1 
ATOM 357  C C2     . DG B 2 1  ? -13.424 -2.155  -9.994  1.00 0.00 ? 12 DG B C2     1 
ATOM 358  N N2     . DG B 2 1  ? -12.974 -2.965  -10.958 1.00 0.00 ? 12 DG B N2     1 
ATOM 359  N N3     . DG B 2 1  ? -14.371 -2.591  -9.149  1.00 0.00 ? 12 DG B N3     1 
ATOM 360  C C4     . DG B 2 1  ? -14.697 -1.680  -8.190  1.00 0.00 ? 12 DG B C4     1 
ATOM 361  H "H5'"  . DG B 2 1  ? -20.204 -2.180  -5.788  1.00 0.00 ? 12 DG B "H5'"  1 
ATOM 362  H "H5''" . DG B 2 1  ? -20.108 -3.536  -4.648  1.00 0.00 ? 12 DG B "H5''" 1 
ATOM 363  H "H4'"  . DG B 2 1  ? -19.191 -4.161  -6.845  1.00 0.00 ? 12 DG B "H4'"  1 
ATOM 364  H "H3'"  . DG B 2 1  ? -17.826 -4.546  -4.379  1.00 0.00 ? 12 DG B "H3'"  1 
ATOM 365  H "H2'"  . DG B 2 1  ? -16.193 -2.907  -4.843  1.00 0.00 ? 12 DG B "H2'"  1 
ATOM 366  H "H2''" . DG B 2 1  ? -15.377 -4.294  -5.610  1.00 0.00 ? 12 DG B "H2''" 1 
ATOM 367  H "H1'"  . DG B 2 1  ? -16.370 -3.759  -7.765  1.00 0.00 ? 12 DG B "H1'"  1 
ATOM 368  H H8     . DG B 2 1  ? -16.227 -0.476  -5.624  1.00 0.00 ? 12 DG B H8     1 
ATOM 369  H H1     . DG B 2 1  ? -12.143 -0.637  -10.580 1.00 0.00 ? 12 DG B H1     1 
ATOM 370  H H21    . DG B 2 1  ? -12.228 -2.660  -11.570 1.00 0.00 ? 12 DG B H21    1 
ATOM 371  H H22    . DG B 2 1  ? -13.346 -3.899  -11.040 1.00 0.00 ? 12 DG B H22    1 
ATOM 372  H "HO5'" . DG B 2 1  ? -19.408 -1.563  -3.729  1.00 0.00 ? 12 DG B "HO5'" 1 
ATOM 373  P P      . DA B 2 2  ? -16.652 -6.943  -5.502  1.00 0.00 ? 13 DA B P      1 
ATOM 374  O OP1    . DA B 2 2  ? -17.298 -8.205  -5.924  1.00 0.00 ? 13 DA B OP1    1 
ATOM 375  O OP2    . DA B 2 2  ? -16.372 -6.706  -4.069  1.00 0.00 ? 13 DA B OP2    1 
ATOM 376  O "O5'"  . DA B 2 2  ? -15.271 -6.783  -6.321  1.00 0.00 ? 13 DA B "O5'"  1 
ATOM 377  C "C5'"  . DA B 2 2  ? -15.205 -7.080  -7.702  1.00 0.00 ? 13 DA B "C5'"  1 
ATOM 378  C "C4'"  . DA B 2 2  ? -13.818 -6.758  -8.260  1.00 0.00 ? 13 DA B "C4'"  1 
ATOM 379  O "O4'"  . DA B 2 2  ? -13.546 -5.374  -8.137  1.00 0.00 ? 13 DA B "O4'"  1 
ATOM 380  C "C3'"  . DA B 2 2  ? -12.674 -7.515  -7.562  1.00 0.00 ? 13 DA B "C3'"  1 
ATOM 381  O "O3'"  . DA B 2 2  ? -12.015 -8.318  -8.529  1.00 0.00 ? 13 DA B "O3'"  1 
ATOM 382  C "C2'"  . DA B 2 2  ? -11.802 -6.377  -7.026  1.00 0.00 ? 13 DA B "C2'"  1 
ATOM 383  C "C1'"  . DA B 2 2  ? -12.150 -5.247  -7.985  1.00 0.00 ? 13 DA B "C1'"  1 
ATOM 384  N N9     . DA B 2 2  ? -11.802 -3.915  -7.442  1.00 0.00 ? 13 DA B N9     1 
ATOM 385  C C8     . DA B 2 2  ? -12.289 -3.292  -6.320  1.00 0.00 ? 13 DA B C8     1 
ATOM 386  N N7     . DA B 2 2  ? -11.853 -2.075  -6.150  1.00 0.00 ? 13 DA B N7     1 
ATOM 387  C C5     . DA B 2 2  ? -11.010 -1.876  -7.236  1.00 0.00 ? 13 DA B C5     1 
ATOM 388  C C6     . DA B 2 2  ? -10.246 -0.773  -7.670  1.00 0.00 ? 13 DA B C6     1 
ATOM 389  N N6     . DA B 2 2  ? -10.212 0.393   -7.014  1.00 0.00 ? 13 DA B N6     1 
ATOM 390  N N1     . DA B 2 2  ? -9.531  -0.897  -8.804  1.00 0.00 ? 13 DA B N1     1 
ATOM 391  C C2     . DA B 2 2  ? -9.570  -2.046  -9.473  1.00 0.00 ? 13 DA B C2     1 
ATOM 392  N N3     . DA B 2 2  ? -10.250 -3.149  -9.176  1.00 0.00 ? 13 DA B N3     1 
ATOM 393  C C4     . DA B 2 2  ? -10.962 -2.997  -8.026  1.00 0.00 ? 13 DA B C4     1 
ATOM 394  H "H5'"  . DA B 2 2  ? -15.946 -6.489  -8.242  1.00 0.00 ? 13 DA B "H5'"  1 
ATOM 395  H "H5''" . DA B 2 2  ? -15.411 -8.139  -7.862  1.00 0.00 ? 13 DA B "H5''" 1 
ATOM 396  H "H4'"  . DA B 2 2  ? -13.814 -7.000  -9.324  1.00 0.00 ? 13 DA B "H4'"  1 
ATOM 397  H "H3'"  . DA B 2 2  ? -13.040 -8.139  -6.744  1.00 0.00 ? 13 DA B "H3'"  1 
ATOM 398  H "H2'"  . DA B 2 2  ? -12.136 -6.127  -6.017  1.00 0.00 ? 13 DA B "H2'"  1 
ATOM 399  H "H2''" . DA B 2 2  ? -10.735 -6.593  -7.017  1.00 0.00 ? 13 DA B "H2''" 1 
ATOM 400  H "H1'"  . DA B 2 2  ? -11.665 -5.422  -8.946  1.00 0.00 ? 13 DA B "H1'"  1 
ATOM 401  H H8     . DA B 2 2  ? -12.985 -3.762  -5.641  1.00 0.00 ? 13 DA B H8     1 
ATOM 402  H H61    . DA B 2 2  ? -9.699  1.176   -7.396  1.00 0.00 ? 13 DA B H61    1 
ATOM 403  H H62    . DA B 2 2  ? -10.742 0.499   -6.162  1.00 0.00 ? 13 DA B H62    1 
ATOM 404  H H2     . DA B 2 2  ? -8.964  -2.092  -10.366 1.00 0.00 ? 13 DA B H2     1 
ATOM 405  P P      . DG B 2 3  ? -10.728 -9.235  -8.186  1.00 0.00 ? 14 DG B P      1 
ATOM 406  O OP1    . DG B 2 3  ? -10.729 -10.393 -9.108  1.00 0.00 ? 14 DG B OP1    1 
ATOM 407  O OP2    . DG B 2 3  ? -10.680 -9.460  -6.724  1.00 0.00 ? 14 DG B OP2    1 
ATOM 408  O "O5'"  . DG B 2 3  ? -9.501  -8.269  -8.592  1.00 0.00 ? 14 DG B "O5'"  1 
ATOM 409  C "C5'"  . DG B 2 3  ? -9.275  -7.911  -9.942  1.00 0.00 ? 14 DG B "C5'"  1 
ATOM 410  C "C4'"  . DG B 2 3  ? -8.137  -6.895  -10.047 1.00 0.00 ? 14 DG B "C4'"  1 
ATOM 411  O "O4'"  . DG B 2 3  ? -8.468  -5.724  -9.320  1.00 0.00 ? 14 DG B "O4'"  1 
ATOM 412  C "C3'"  . DG B 2 3  ? -6.789  -7.412  -9.511  1.00 0.00 ? 14 DG B "C3'"  1 
ATOM 413  O "O3'"  . DG B 2 3  ? -5.822  -7.286  -10.544 1.00 0.00 ? 14 DG B "O3'"  1 
ATOM 414  C "C2'"  . DG B 2 3  ? -6.533  -6.473  -8.332  1.00 0.00 ? 14 DG B "C2'"  1 
ATOM 415  C "C1'"  . DG B 2 3  ? -7.266  -5.218  -8.784  1.00 0.00 ? 14 DG B "C1'"  1 
ATOM 416  N N9     . DG B 2 3  ? -7.531  -4.289  -7.662  1.00 0.00 ? 14 DG B N9     1 
ATOM 417  C C8     . DG B 2 3  ? -8.255  -4.509  -6.517  1.00 0.00 ? 14 DG B C8     1 
ATOM 418  N N7     . DG B 2 3  ? -8.345  -3.472  -5.734  1.00 0.00 ? 14 DG B N7     1 
ATOM 419  C C5     . DG B 2 3  ? -7.629  -2.485  -6.403  1.00 0.00 ? 14 DG B C5     1 
ATOM 420  C C6     . DG B 2 3  ? -7.401  -1.119  -6.056  1.00 0.00 ? 14 DG B C6     1 
ATOM 421  O O6     . DG B 2 3  ? -7.812  -0.514  -5.070  1.00 0.00 ? 14 DG B O6     1 
ATOM 422  N N1     . DG B 2 3  ? -6.635  -0.447  -7.007  1.00 0.00 ? 14 DG B N1     1 
ATOM 423  C C2     . DG B 2 3  ? -6.165  -1.022  -8.172  1.00 0.00 ? 14 DG B C2     1 
ATOM 424  N N2     . DG B 2 3  ? -5.398  -0.267  -8.962  1.00 0.00 ? 14 DG B N2     1 
ATOM 425  N N3     . DG B 2 3  ? -6.396  -2.300  -8.509  1.00 0.00 ? 14 DG B N3     1 
ATOM 426  C C4     . DG B 2 3  ? -7.129  -2.976  -7.586  1.00 0.00 ? 14 DG B C4     1 
ATOM 427  H "H5'"  . DG B 2 3  ? -10.177 -7.462  -10.360 1.00 0.00 ? 14 DG B "H5'"  1 
ATOM 428  H "H5''" . DG B 2 3  ? -9.018  -8.798  -10.524 1.00 0.00 ? 14 DG B "H5''" 1 
ATOM 429  H "H4'"  . DG B 2 3  ? -8.025  -6.617  -11.097 1.00 0.00 ? 14 DG B "H4'"  1 
ATOM 430  H "H3'"  . DG B 2 3  ? -6.853  -8.450  -9.178  1.00 0.00 ? 14 DG B "H3'"  1 
ATOM 431  H "H2'"  . DG B 2 3  ? -7.012  -6.890  -7.445  1.00 0.00 ? 14 DG B "H2'"  1 
ATOM 432  H "H2''" . DG B 2 3  ? -5.480  -6.289  -8.128  1.00 0.00 ? 14 DG B "H2''" 1 
ATOM 433  H "H1'"  . DG B 2 3  ? -6.697  -4.730  -9.577  1.00 0.00 ? 14 DG B "H1'"  1 
ATOM 434  H H8     . DG B 2 3  ? -8.715  -5.457  -6.285  1.00 0.00 ? 14 DG B H8     1 
ATOM 435  H H1     . DG B 2 3  ? -6.441  0.533   -6.841  1.00 0.00 ? 14 DG B H1     1 
ATOM 436  H H21    . DG B 2 3  ? -5.194  0.692   -8.715  1.00 0.00 ? 14 DG B H21    1 
ATOM 437  H H22    . DG B 2 3  ? -5.052  -0.648  -9.830  1.00 0.00 ? 14 DG B H22    1 
ATOM 438  P P      . DC B 2 4  ? -4.255  -7.638  -10.342 1.00 0.00 ? 15 DC B P      1 
ATOM 439  O OP1    . DC B 2 4  ? -3.727  -8.135  -11.632 1.00 0.00 ? 15 DC B OP1    1 
ATOM 440  O OP2    . DC B 2 4  ? -4.106  -8.463  -9.121  1.00 0.00 ? 15 DC B OP2    1 
ATOM 441  O "O5'"  . DC B 2 4  ? -3.606  -6.187  -10.058 1.00 0.00 ? 15 DC B "O5'"  1 
ATOM 442  C "C5'"  . DC B 2 4  ? -3.597  -5.186  -11.061 1.00 0.00 ? 15 DC B "C5'"  1 
ATOM 443  C "C4'"  . DC B 2 4  ? -3.024  -3.871  -10.527 1.00 0.00 ? 15 DC B "C4'"  1 
ATOM 444  O "O4'"  . DC B 2 4  ? -3.775  -3.440  -9.407  1.00 0.00 ? 15 DC B "O4'"  1 
ATOM 445  C "C3'"  . DC B 2 4  ? -1.548  -3.955  -10.094 1.00 0.00 ? 15 DC B "C3'"  1 
ATOM 446  O "O3'"  . DC B 2 4  ? -0.815  -2.972  -10.810 1.00 0.00 ? 15 DC B "O3'"  1 
ATOM 447  C "C2'"  . DC B 2 4  ? -1.633  -3.654  -8.598  1.00 0.00 ? 15 DC B "C2'"  1 
ATOM 448  C "C1'"  . DC B 2 4  ? -2.885  -2.787  -8.530  1.00 0.00 ? 15 DC B "C1'"  1 
ATOM 449  N N1     . DC B 2 4  ? -3.446  -2.714  -7.153  1.00 0.00 ? 15 DC B N1     1 
ATOM 450  C C2     . DC B 2 4  ? -3.463  -1.486  -6.488  1.00 0.00 ? 15 DC B C2     1 
ATOM 451  O O2     . DC B 2 4  ? -3.013  -0.465  -7.002  1.00 0.00 ? 15 DC B O2     1 
ATOM 452  N N3     . DC B 2 4  ? -4.012  -1.427  -5.244  1.00 0.00 ? 15 DC B N3     1 
ATOM 453  C C4     . DC B 2 4  ? -4.536  -2.511  -4.659  1.00 0.00 ? 15 DC B C4     1 
ATOM 454  N N4     . DC B 2 4  ? -5.086  -2.377  -3.449  1.00 0.00 ? 15 DC B N4     1 
ATOM 455  C C5     . DC B 2 4  ? -4.537  -3.784  -5.323  1.00 0.00 ? 15 DC B C5     1 
ATOM 456  C C6     . DC B 2 4  ? -3.984  -3.832  -6.559  1.00 0.00 ? 15 DC B C6     1 
ATOM 457  H "H5'"  . DC B 2 4  ? -4.618  -5.001  -11.396 1.00 0.00 ? 15 DC B "H5'"  1 
ATOM 458  H "H5''" . DC B 2 4  ? -3.001  -5.515  -11.913 1.00 0.00 ? 15 DC B "H5''" 1 
ATOM 459  H "H4'"  . DC B 2 4  ? -3.123  -3.116  -11.309 1.00 0.00 ? 15 DC B "H4'"  1 
ATOM 460  H "H3'"  . DC B 2 4  ? -1.129  -4.947  -10.273 1.00 0.00 ? 15 DC B "H3'"  1 
ATOM 461  H "H2'"  . DC B 2 4  ? -1.786  -4.594  -8.065  1.00 0.00 ? 15 DC B "H2'"  1 
ATOM 462  H "H2''" . DC B 2 4  ? -0.760  -3.145  -8.200  1.00 0.00 ? 15 DC B "H2''" 1 
ATOM 463  H "H1'"  . DC B 2 4  ? -2.659  -1.807  -8.951  1.00 0.00 ? 15 DC B "H1'"  1 
ATOM 464  H H41    . DC B 2 4  ? -5.145  -1.453  -3.038  1.00 0.00 ? 15 DC B H41    1 
ATOM 465  H H42    . DC B 2 4  ? -5.495  -3.171  -2.979  1.00 0.00 ? 15 DC B H42    1 
ATOM 466  H H5     . DC B 2 4  ? -4.957  -4.682  -4.891  1.00 0.00 ? 15 DC B H5     1 
ATOM 467  H H6     . DC B 2 4  ? -3.967  -4.772  -7.088  1.00 0.00 ? 15 DC B H6     1 
ATOM 468  P P      . DT B 2 5  ? 0.769   -2.714  -10.592 1.00 0.00 ? 16 DT B P      1 
ATOM 469  O OP1    . DT B 2 5  ? 1.366   -2.386  -11.905 1.00 0.00 ? 16 DT B OP1    1 
ATOM 470  O OP2    . DT B 2 5  ? 1.327   -3.825  -9.789  1.00 0.00 ? 16 DT B OP2    1 
ATOM 471  O "O5'"  . DT B 2 5  ? 0.786   -1.378  -9.683  1.00 0.00 ? 16 DT B "O5'"  1 
ATOM 472  C "C5'"  . DT B 2 5  ? 0.352   -0.136  -10.208 1.00 0.00 ? 16 DT B "C5'"  1 
ATOM 473  C "C4'"  . DT B 2 5  ? 0.356   0.946   -9.127  1.00 0.00 ? 16 DT B "C4'"  1 
ATOM 474  O "O4'"  . DT B 2 5  ? -0.447  0.518   -8.041  1.00 0.00 ? 16 DT B "O4'"  1 
ATOM 475  C "C3'"  . DT B 2 5  ? 1.756   1.278   -8.578  1.00 0.00 ? 16 DT B "C3'"  1 
ATOM 476  O "O3'"  . DT B 2 5  ? 1.928   2.688   -8.610  1.00 0.00 ? 16 DT B "O3'"  1 
ATOM 477  C "C2'"  . DT B 2 5  ? 1.682   0.727   -7.154  1.00 0.00 ? 16 DT B "C2'"  1 
ATOM 478  C "C1'"  . DT B 2 5  ? 0.199   0.907   -6.849  1.00 0.00 ? 16 DT B "C1'"  1 
ATOM 479  N N1     . DT B 2 5  ? -0.251  0.074   -5.702  1.00 0.00 ? 16 DT B N1     1 
ATOM 480  C C2     . DT B 2 5  ? -0.767  0.714   -4.578  1.00 0.00 ? 16 DT B C2     1 
ATOM 481  O O2     . DT B 2 5  ? -0.859  1.932   -4.476  1.00 0.00 ? 16 DT B O2     1 
ATOM 482  N N3     . DT B 2 5  ? -1.179  -0.104  -3.539  1.00 0.00 ? 16 DT B N3     1 
ATOM 483  C C4     . DT B 2 5  ? -1.150  -1.489  -3.525  1.00 0.00 ? 16 DT B C4     1 
ATOM 484  O O4     . DT B 2 5  ? -1.565  -2.099  -2.543  1.00 0.00 ? 16 DT B O4     1 
ATOM 485  C C5     . DT B 2 5  ? -0.608  -2.085  -4.734  1.00 0.00 ? 16 DT B C5     1 
ATOM 486  C C7     . DT B 2 5  ? -0.528  -3.594  -4.848  1.00 0.00 ? 16 DT B C7     1 
ATOM 487  C C6     . DT B 2 5  ? -0.188  -1.300  -5.760  1.00 0.00 ? 16 DT B C6     1 
ATOM 488  H "H5'"  . DT B 2 5  ? -0.666  -0.238  -10.586 1.00 0.00 ? 16 DT B "H5'"  1 
ATOM 489  H "H5''" . DT B 2 5  ? 1.002   0.172   -11.028 1.00 0.00 ? 16 DT B "H5''" 1 
ATOM 490  H "H4'"  . DT B 2 5  ? -0.089  1.850   -9.548  1.00 0.00 ? 16 DT B "H4'"  1 
ATOM 491  H "H3'"  . DT B 2 5  ? 2.543   0.788   -9.154  1.00 0.00 ? 16 DT B "H3'"  1 
ATOM 492  H "H2'"  . DT B 2 5  ? 1.953   -0.329  -7.180  1.00 0.00 ? 16 DT B "H2'"  1 
ATOM 493  H "H2''" . DT B 2 5  ? 2.315   1.251   -6.440  1.00 0.00 ? 16 DT B "H2''" 1 
ATOM 494  H "H1'"  . DT B 2 5  ? 0.010   1.971   -6.703  1.00 0.00 ? 16 DT B "H1'"  1 
ATOM 495  H H3     . DT B 2 5  ? -1.549  0.368   -2.726  1.00 0.00 ? 16 DT B H3     1 
ATOM 496  H H71    . DT B 2 5  ? 0.047   -3.895  -5.723  1.00 0.00 ? 16 DT B H71    1 
ATOM 497  H H72    . DT B 2 5  ? -0.050  -4.002  -3.957  1.00 0.00 ? 16 DT B H72    1 
ATOM 498  H H73    . DT B 2 5  ? -1.535  -4.006  -4.929  1.00 0.00 ? 16 DT B H73    1 
ATOM 499  H H6     . DT B 2 5  ? 0.207   -1.760  -6.652  1.00 0.00 ? 16 DT B H6     1 
ATOM 500  P P      . DC B 2 6  ? 3.265   3.428   -8.074  1.00 0.00 ? 17 DC B P      1 
ATOM 501  O OP1    . DC B 2 6  ? 3.495   4.628   -8.908  1.00 0.00 ? 17 DC B OP1    1 
ATOM 502  O OP2    . DC B 2 6  ? 4.339   2.419   -7.931  1.00 0.00 ? 17 DC B OP2    1 
ATOM 503  O "O5'"  . DC B 2 6  ? 2.833   3.917   -6.595  1.00 0.00 ? 17 DC B "O5'"  1 
ATOM 504  C "C5'"  . DC B 2 6  ? 1.867   4.937   -6.413  1.00 0.00 ? 17 DC B "C5'"  1 
ATOM 505  C "C4'"  . DC B 2 6  ? 1.563   5.137   -4.926  1.00 0.00 ? 17 DC B "C4'"  1 
ATOM 506  O "O4'"  . DC B 2 6  ? 1.154   3.919   -4.339  1.00 0.00 ? 17 DC B "O4'"  1 
ATOM 507  C "C3'"  . DC B 2 6  ? 2.751   5.642   -4.092  1.00 0.00 ? 17 DC B "C3'"  1 
ATOM 508  O "O3'"  . DC B 2 6  ? 2.609   7.035   -3.855  1.00 0.00 ? 17 DC B "O3'"  1 
ATOM 509  C "C2'"  . DC B 2 6  ? 2.659   4.790   -2.819  1.00 0.00 ? 17 DC B "C2'"  1 
ATOM 510  C "C1'"  . DC B 2 6  ? 1.317   4.077   -2.947  1.00 0.00 ? 17 DC B "C1'"  1 
ATOM 511  N N1     . DC B 2 6  ? 1.315   2.775   -2.227  1.00 0.00 ? 17 DC B N1     1 
ATOM 512  C C2     . DC B 2 6  ? 0.763   2.715   -0.944  1.00 0.00 ? 17 DC B C2     1 
ATOM 513  O O2     . DC B 2 6  ? 0.333   3.723   -0.389  1.00 0.00 ? 17 DC B O2     1 
ATOM 514  N N3     . DC B 2 6  ? 0.716   1.507   -0.315  1.00 0.00 ? 17 DC B N3     1 
ATOM 515  C C4     . DC B 2 6  ? 1.214   0.404   -0.888  1.00 0.00 ? 17 DC B C4     1 
ATOM 516  N N4     . DC B 2 6  ? 1.164   -0.746  -0.210  1.00 0.00 ? 17 DC B N4     1 
ATOM 517  C C5     . DC B 2 6  ? 1.832   0.450   -2.183  1.00 0.00 ? 17 DC B C5     1 
ATOM 518  C C6     . DC B 2 6  ? 1.860   1.653   -2.805  1.00 0.00 ? 17 DC B C6     1 
ATOM 519  H "H5'"  . DC B 2 6  ? 0.942   4.654   -6.919  1.00 0.00 ? 17 DC B "H5'"  1 
ATOM 520  H "H5''" . DC B 2 6  ? 2.229   5.875   -6.834  1.00 0.00 ? 17 DC B "H5''" 1 
ATOM 521  H "H4'"  . DC B 2 6  ? 0.737   5.844   -4.831  1.00 0.00 ? 17 DC B "H4'"  1 
ATOM 522  H "H3'"  . DC B 2 6  ? 3.692   5.439   -4.605  1.00 0.00 ? 17 DC B "H3'"  1 
ATOM 523  H "H2'"  . DC B 2 6  ? 3.474   4.065   -2.825  1.00 0.00 ? 17 DC B "H2'"  1 
ATOM 524  H "H2''" . DC B 2 6  ? 2.686   5.371   -1.903  1.00 0.00 ? 17 DC B "H2''" 1 
ATOM 525  H "H1'"  . DC B 2 6  ? 0.522   4.739   -2.600  1.00 0.00 ? 17 DC B "H1'"  1 
ATOM 526  H H41    . DC B 2 6  ? 0.754   -0.754  0.713   1.00 0.00 ? 17 DC B H41    1 
ATOM 527  H H42    . DC B 2 6  ? 1.548   -1.592  -0.605  1.00 0.00 ? 17 DC B H42    1 
ATOM 528  H H5     . DC B 2 6  ? 2.263   -0.413  -2.671  1.00 0.00 ? 17 DC B H5     1 
ATOM 529  H H6     . DC B 2 6  ? 2.322   1.724   -3.779  1.00 0.00 ? 17 DC B H6     1 
ATOM 530  P P      . DG B 2 7  ? 3.690   7.895   -3.009  1.00 0.00 ? 18 DG B P      1 
ATOM 531  O OP1    . DG B 2 7  ? 3.594   9.307   -3.443  1.00 0.00 ? 18 DG B OP1    1 
ATOM 532  O OP2    . DG B 2 7  ? 4.995   7.197   -3.066  1.00 0.00 ? 18 DG B OP2    1 
ATOM 533  O "O5'"  . DG B 2 7  ? 3.138   7.800   -1.496  1.00 0.00 ? 18 DG B "O5'"  1 
ATOM 534  C "C5'"  . DG B 2 7  ? 1.891   8.362   -1.131  1.00 0.00 ? 18 DG B "C5'"  1 
ATOM 535  C "C4'"  . DG B 2 7  ? 1.524   7.967   0.303   1.00 0.00 ? 18 DG B "C4'"  1 
ATOM 536  O "O4'"  . DG B 2 7  ? 1.494   6.551   0.396   1.00 0.00 ? 18 DG B "O4'"  1 
ATOM 537  C "C3'"  . DG B 2 7  ? 2.515   8.488   1.359   1.00 0.00 ? 18 DG B "C3'"  1 
ATOM 538  O "O3'"  . DG B 2 7  ? 1.771   9.049   2.432   1.00 0.00 ? 18 DG B "O3'"  1 
ATOM 539  C "C2'"  . DG B 2 7  ? 3.254   7.212   1.753   1.00 0.00 ? 18 DG B "C2'"  1 
ATOM 540  C "C1'"  . DG B 2 7  ? 2.157   6.169   1.582   1.00 0.00 ? 18 DG B "C1'"  1 
ATOM 541  N N9     . DG B 2 7  ? 2.696   4.796   1.455   1.00 0.00 ? 18 DG B N9     1 
ATOM 542  C C8     . DG B 2 7  ? 3.649   4.325   0.586   1.00 0.00 ? 18 DG B C8     1 
ATOM 543  N N7     . DG B 2 7  ? 3.867   3.044   0.671   1.00 0.00 ? 18 DG B N7     1 
ATOM 544  C C5     . DG B 2 7  ? 2.995   2.625   1.669   1.00 0.00 ? 18 DG B C5     1 
ATOM 545  C C6     . DG B 2 7  ? 2.757   1.317   2.186   1.00 0.00 ? 18 DG B C6     1 
ATOM 546  O O6     . DG B 2 7  ? 3.278   0.264   1.833   1.00 0.00 ? 18 DG B O6     1 
ATOM 547  N N1     . DG B 2 7  ? 1.803   1.313   3.200   1.00 0.00 ? 18 DG B N1     1 
ATOM 548  C C2     . DG B 2 7  ? 1.122   2.435   3.638   1.00 0.00 ? 18 DG B C2     1 
ATOM 549  N N2     . DG B 2 7  ? 0.249   2.271   4.635   1.00 0.00 ? 18 DG B N2     1 
ATOM 550  N N3     . DG B 2 7  ? 1.331   3.662   3.137   1.00 0.00 ? 18 DG B N3     1 
ATOM 551  C C4     . DG B 2 7  ? 2.274   3.691   2.158   1.00 0.00 ? 18 DG B C4     1 
ATOM 552  H "H5'"  . DG B 2 7  ? 1.111   7.989   -1.797  1.00 0.00 ? 18 DG B "H5'"  1 
ATOM 553  H "H5''" . DG B 2 7  ? 1.933   9.449   -1.212  1.00 0.00 ? 18 DG B "H5''" 1 
ATOM 554  H "H4'"  . DG B 2 7  ? 0.525   8.351   0.517   1.00 0.00 ? 18 DG B "H4'"  1 
ATOM 555  H "H3'"  . DG B 2 7  ? 3.197   9.233   0.946   1.00 0.00 ? 18 DG B "H3'"  1 
ATOM 556  H "H2'"  . DG B 2 7  ? 4.061   7.044   1.039   1.00 0.00 ? 18 DG B "H2'"  1 
ATOM 557  H "H2''" . DG B 2 7  ? 3.654   7.232   2.763   1.00 0.00 ? 18 DG B "H2''" 1 
ATOM 558  H "H1'"  . DG B 2 7  ? 1.458   6.246   2.417   1.00 0.00 ? 18 DG B "H1'"  1 
ATOM 559  H H8     . DG B 2 7  ? 4.178   4.957   -0.111  1.00 0.00 ? 18 DG B H8     1 
ATOM 560  H H1     . DG B 2 7  ? 1.589   0.415   3.616   1.00 0.00 ? 18 DG B H1     1 
ATOM 561  H H21    . DG B 2 7  ? 0.093   1.354   5.029   1.00 0.00 ? 18 DG B H21    1 
ATOM 562  H H22    . DG B 2 7  ? -0.266  3.065   4.985   1.00 0.00 ? 18 DG B H22    1 
ATOM 563  P P      . DT B 2 8  ? 2.450   9.633   3.782   1.00 0.00 ? 19 DT B P      1 
ATOM 564  O OP1    . DT B 2 8  ? 1.661   10.803  4.229   1.00 0.00 ? 19 DT B OP1    1 
ATOM 565  O OP2    . DT B 2 8  ? 3.908   9.775   3.562   1.00 0.00 ? 19 DT B OP2    1 
ATOM 566  O "O5'"  . DT B 2 8  ? 2.212   8.433   4.836   1.00 0.00 ? 19 DT B "O5'"  1 
ATOM 567  C "C5'"  . DT B 2 8  ? 0.904   8.087   5.256   1.00 0.00 ? 19 DT B "C5'"  1 
ATOM 568  C "C4'"  . DT B 2 8  ? 0.930   6.871   6.185   1.00 0.00 ? 19 DT B "C4'"  1 
ATOM 569  O "O4'"  . DT B 2 8  ? 1.522   5.780   5.501   1.00 0.00 ? 19 DT B "O4'"  1 
ATOM 570  C "C3'"  . DT B 2 8  ? 1.724   7.107   7.482   1.00 0.00 ? 19 DT B "C3'"  1 
ATOM 571  O "O3'"  . DT B 2 8  ? 0.924   6.722   8.591   1.00 0.00 ? 19 DT B "O3'"  1 
ATOM 572  C "C2'"  . DT B 2 8  ? 2.934   6.194   7.293   1.00 0.00 ? 19 DT B "C2'"  1 
ATOM 573  C "C1'"  . DT B 2 8  ? 2.353   5.093   6.410   1.00 0.00 ? 19 DT B "C1'"  1 
ATOM 574  N N1     . DT B 2 8  ? 3.398   4.328   5.676   1.00 0.00 ? 19 DT B N1     1 
ATOM 575  C C2     . DT B 2 8  ? 3.480   2.948   5.868   1.00 0.00 ? 19 DT B C2     1 
ATOM 576  O O2     . DT B 2 8  ? 2.758   2.326   6.645   1.00 0.00 ? 19 DT B O2     1 
ATOM 577  N N3     . DT B 2 8  ? 4.439   2.284   5.119   1.00 0.00 ? 19 DT B N3     1 
ATOM 578  C C4     . DT B 2 8  ? 5.313   2.854   4.208   1.00 0.00 ? 19 DT B C4     1 
ATOM 579  O O4     . DT B 2 8  ? 6.109   2.148   3.593   1.00 0.00 ? 19 DT B O4     1 
ATOM 580  C C5     . DT B 2 8  ? 5.172   4.290   4.070   1.00 0.00 ? 19 DT B C5     1 
ATOM 581  C C7     . DT B 2 8  ? 6.096   5.034   3.125   1.00 0.00 ? 19 DT B C7     1 
ATOM 582  C C6     . DT B 2 8  ? 4.237   4.964   4.789   1.00 0.00 ? 19 DT B C6     1 
ATOM 583  H "H5'"  . DT B 2 8  ? 0.298   7.839   4.383   1.00 0.00 ? 19 DT B "H5'"  1 
ATOM 584  H "H5''" . DT B 2 8  ? 0.444   8.925   5.779   1.00 0.00 ? 19 DT B "H5''" 1 
ATOM 585  H "H4'"  . DT B 2 8  ? -0.099  6.608   6.435   1.00 0.00 ? 19 DT B "H4'"  1 
ATOM 586  H "H3'"  . DT B 2 8  ? 2.027   8.151   7.583   1.00 0.00 ? 19 DT B "H3'"  1 
ATOM 587  H "H2'"  . DT B 2 8  ? 3.709   6.755   6.774   1.00 0.00 ? 19 DT B "H2'"  1 
ATOM 588  H "H2''" . DT B 2 8  ? 3.331   5.802   8.228   1.00 0.00 ? 19 DT B "H2''" 1 
ATOM 589  H "H1'"  . DT B 2 8  ? 1.716   4.459   7.029   1.00 0.00 ? 19 DT B "H1'"  1 
ATOM 590  H H3     . DT B 2 8  ? 4.497   1.284   5.241   1.00 0.00 ? 19 DT B H3     1 
ATOM 591  H H71    . DT B 2 8  ? 5.830   6.088   3.052   1.00 0.00 ? 19 DT B H71    1 
ATOM 592  H H72    . DT B 2 8  ? 7.120   4.953   3.491   1.00 0.00 ? 19 DT B H72    1 
ATOM 593  H H73    . DT B 2 8  ? 6.042   4.586   2.133   1.00 0.00 ? 19 DT B H73    1 
ATOM 594  H H6     . DT B 2 8  ? 4.142   6.032   4.664   1.00 0.00 ? 19 DT B H6     1 
ATOM 595  P P      . DG B 2 9  ? 1.414   6.878   10.127  1.00 0.00 ? 20 DG B P      1 
ATOM 596  O OP1    . DG B 2 9  ? 0.287   7.416   10.919  1.00 0.00 ? 20 DG B OP1    1 
ATOM 597  O OP2    . DG B 2 9  ? 2.721   7.576   10.145  1.00 0.00 ? 20 DG B OP2    1 
ATOM 598  O "O5'"  . DG B 2 9  ? 1.660   5.347   10.577  1.00 0.00 ? 20 DG B "O5'"  1 
ATOM 599  C "C5'"  . DG B 2 9  ? 0.571   4.464   10.778  1.00 0.00 ? 20 DG B "C5'"  1 
ATOM 600  C "C4'"  . DG B 2 9  ? 1.056   3.055   11.133  1.00 0.00 ? 20 DG B "C4'"  1 
ATOM 601  O "O4'"  . DG B 2 9  ? 1.861   2.562   10.074  1.00 0.00 ? 20 DG B "O4'"  1 
ATOM 602  C "C3'"  . DG B 2 9  ? 1.887   3.003   12.425  1.00 0.00 ? 20 DG B "C3'"  1 
ATOM 603  O "O3'"  . DG B 2 9  ? 1.463   1.879   13.185  1.00 0.00 ? 20 DG B "O3'"  1 
ATOM 604  C "C2'"  . DG B 2 9  ? 3.302   2.839   11.878  1.00 0.00 ? 20 DG B "C2'"  1 
ATOM 605  C "C1'"  . DG B 2 9  ? 3.032   2.003   10.632  1.00 0.00 ? 20 DG B "C1'"  1 
ATOM 606  N N9     . DG B 2 9  ? 4.142   2.071   9.656   1.00 0.00 ? 20 DG B N9     1 
ATOM 607  C C8     . DG B 2 9  ? 4.724   3.181   9.098   1.00 0.00 ? 20 DG B C8     1 
ATOM 608  N N7     . DG B 2 9  ? 5.631   2.917   8.201   1.00 0.00 ? 20 DG B N7     1 
ATOM 609  C C5     . DG B 2 9  ? 5.661   1.529   8.161   1.00 0.00 ? 20 DG B C5     1 
ATOM 610  C C6     . DG B 2 9  ? 6.450   0.654   7.357   1.00 0.00 ? 20 DG B C6     1 
ATOM 611  O O6     . DG B 2 9  ? 7.256   0.957   6.481   1.00 0.00 ? 20 DG B O6     1 
ATOM 612  N N1     . DG B 2 9  ? 6.232   -0.687  7.666   1.00 0.00 ? 20 DG B N1     1 
ATOM 613  C C2     . DG B 2 9  ? 5.335   -1.138  8.620   1.00 0.00 ? 20 DG B C2     1 
ATOM 614  N N2     . DG B 2 9  ? 5.275   -2.456  8.835   1.00 0.00 ? 20 DG B N2     1 
ATOM 615  N N3     . DG B 2 9  ? 4.558   -0.315  9.340   1.00 0.00 ? 20 DG B N3     1 
ATOM 616  C C4     . DG B 2 9  ? 4.770   1.001   9.066   1.00 0.00 ? 20 DG B C4     1 
ATOM 617  H "H5'"  . DG B 2 9  ? -0.025  4.407   9.865   1.00 0.00 ? 20 DG B "H5'"  1 
ATOM 618  H "H5''" . DG B 2 9  ? -0.060  4.834   11.588  1.00 0.00 ? 20 DG B "H5''" 1 
ATOM 619  H "H4'"  . DG B 2 9  ? 0.179   2.414   11.236  1.00 0.00 ? 20 DG B "H4'"  1 
ATOM 620  H "H3'"  . DG B 2 9  ? 1.786   3.915   13.014  1.00 0.00 ? 20 DG B "H3'"  1 
ATOM 621  H "H2'"  . DG B 2 9  ? 3.692   3.820   11.610  1.00 0.00 ? 20 DG B "H2'"  1 
ATOM 622  H "H2''" . DG B 2 9  ? 3.985   2.347   12.566  1.00 0.00 ? 20 DG B "H2''" 1 
ATOM 623  H "H1'"  . DG B 2 9  ? 2.827   0.974   10.929  1.00 0.00 ? 20 DG B "H1'"  1 
ATOM 624  H H8     . DG B 2 9  ? 4.453   4.188   9.372   1.00 0.00 ? 20 DG B H8     1 
ATOM 625  H H1     . DG B 2 9  ? 6.771   -1.364  7.142   1.00 0.00 ? 20 DG B H1     1 
ATOM 626  H H21    . DG B 2 9  ? 5.867   -3.085  8.311   1.00 0.00 ? 20 DG B H21    1 
ATOM 627  H H22    . DG B 2 9  ? 4.636   -2.820  9.527   1.00 0.00 ? 20 DG B H22    1 
ATOM 628  P P      . DG B 2 10 ? 2.127   1.469   14.603  1.00 0.00 ? 21 DG B P      1 
ATOM 629  O OP1    . DG B 2 10 ? 1.044   1.021   15.506  1.00 0.00 ? 21 DG B OP1    1 
ATOM 630  O OP2    . DG B 2 10 ? 3.040   2.550   15.036  1.00 0.00 ? 21 DG B OP2    1 
ATOM 631  O "O5'"  . DG B 2 10 ? 3.021   0.182   14.211  1.00 0.00 ? 21 DG B "O5'"  1 
ATOM 632  C "C5'"  . DG B 2 10 ? 2.413   -1.041  13.834  1.00 0.00 ? 21 DG B "C5'"  1 
ATOM 633  C "C4'"  . DG B 2 10 ? 3.464   -2.109  13.512  1.00 0.00 ? 21 DG B "C4'"  1 
ATOM 634  O "O4'"  . DG B 2 10 ? 4.257   -1.679  12.416  1.00 0.00 ? 21 DG B "O4'"  1 
ATOM 635  C "C3'"  . DG B 2 10 ? 4.407   -2.403  14.690  1.00 0.00 ? 21 DG B "C3'"  1 
ATOM 636  O "O3'"  . DG B 2 10 ? 4.581   -3.809  14.793  1.00 0.00 ? 21 DG B "O3'"  1 
ATOM 637  C "C2'"  . DG B 2 10 ? 5.678   -1.683  14.252  1.00 0.00 ? 21 DG B "C2'"  1 
ATOM 638  C "C1'"  . DG B 2 10 ? 5.616   -1.887  12.743  1.00 0.00 ? 21 DG B "C1'"  1 
ATOM 639  N N9     . DG B 2 10 ? 6.470   -0.926  12.010  1.00 0.00 ? 21 DG B N9     1 
ATOM 640  C C8     . DG B 2 10 ? 6.446   0.444   12.062  1.00 0.00 ? 21 DG B C8     1 
ATOM 641  N N7     . DG B 2 10 ? 7.255   1.029   11.224  1.00 0.00 ? 21 DG B N7     1 
ATOM 642  C C5     . DG B 2 10 ? 7.869   -0.031  10.568  1.00 0.00 ? 21 DG B C5     1 
ATOM 643  C C6     . DG B 2 10 ? 8.832   -0.020  9.517   1.00 0.00 ? 21 DG B C6     1 
ATOM 644  O O6     . DG B 2 10 ? 9.293   0.955   8.930   1.00 0.00 ? 21 DG B O6     1 
ATOM 645  N N1     . DG B 2 10 ? 9.238   -1.302  9.155   1.00 0.00 ? 21 DG B N1     1 
ATOM 646  C C2     . DG B 2 10 ? 8.749   -2.465  9.717   1.00 0.00 ? 21 DG B C2     1 
ATOM 647  N N2     . DG B 2 10 ? 9.284   -3.618  9.300   1.00 0.00 ? 21 DG B N2     1 
ATOM 648  N N3     . DG B 2 10 ? 7.815   -2.477  10.679  1.00 0.00 ? 21 DG B N3     1 
ATOM 649  C C4     . DG B 2 10 ? 7.417   -1.232  11.062  1.00 0.00 ? 21 DG B C4     1 
ATOM 650  H "H5'"  . DG B 2 10 ? 1.791   -0.883  12.953  1.00 0.00 ? 21 DG B "H5'"  1 
ATOM 651  H "H5''" . DG B 2 10 ? 1.785   -1.406  14.648  1.00 0.00 ? 21 DG B "H5''" 1 
ATOM 652  H "H4'"  . DG B 2 10 ? 2.939   -3.023  13.227  1.00 0.00 ? 21 DG B "H4'"  1 
ATOM 653  H "H3'"  . DG B 2 10 ? 4.021   -2.003  15.631  1.00 0.00 ? 21 DG B "H3'"  1 
ATOM 654  H "H2'"  . DG B 2 10 ? 5.590   -0.627  14.503  1.00 0.00 ? 21 DG B "H2'"  1 
ATOM 655  H "H2''" . DG B 2 10 ? 6.584   -2.089  14.694  1.00 0.00 ? 21 DG B "H2''" 1 
ATOM 656  H "H1'"  . DG B 2 10 ? 5.885   -2.917  12.505  1.00 0.00 ? 21 DG B "H1'"  1 
ATOM 657  H H8     . DG B 2 10 ? 5.807   0.996   12.734  1.00 0.00 ? 21 DG B H8     1 
ATOM 658  H H1     . DG B 2 10 ? 9.928   -1.364  8.418   1.00 0.00 ? 21 DG B H1     1 
ATOM 659  H H21    . DG B 2 10 ? 10.016  -3.617  8.601   1.00 0.00 ? 21 DG B H21    1 
ATOM 660  H H22    . DG B 2 10 ? 8.954   -4.490  9.687   1.00 0.00 ? 21 DG B H22    1 
ATOM 661  P P      . DC B 2 11 ? 5.555   -4.501  15.885  1.00 0.00 ? 22 DC B P      1 
ATOM 662  O OP1    . DC B 2 11 ? 4.955   -5.791  16.290  1.00 0.00 ? 22 DC B OP1    1 
ATOM 663  O OP2    . DC B 2 11 ? 5.903   -3.499  16.918  1.00 0.00 ? 22 DC B OP2    1 
ATOM 664  O "O5'"  . DC B 2 11 ? 6.883   -4.813  15.023  1.00 0.00 ? 22 DC B "O5'"  1 
ATOM 665  C "C5'"  . DC B 2 11 ? 6.872   -5.787  13.995  1.00 0.00 ? 22 DC B "C5'"  1 
ATOM 666  C "C4'"  . DC B 2 11 ? 8.236   -5.851  13.303  1.00 0.00 ? 22 DC B "C4'"  1 
ATOM 667  O "O4'"  . DC B 2 11 ? 8.538   -4.585  12.744  1.00 0.00 ? 22 DC B "O4'"  1 
ATOM 668  C "C3'"  . DC B 2 11 ? 9.383   -6.216  14.257  1.00 0.00 ? 22 DC B "C3'"  1 
ATOM 669  O "O3'"  . DC B 2 11 ? 10.161  -7.258  13.704  1.00 0.00 ? 22 DC B "O3'"  1 
ATOM 670  C "C2'"  . DC B 2 11 ? 10.213  -4.938  14.310  1.00 0.00 ? 22 DC B "C2'"  1 
ATOM 671  C "C1'"  . DC B 2 11 ? 9.915   -4.340  12.935  1.00 0.00 ? 22 DC B "C1'"  1 
ATOM 672  N N1     . DC B 2 11 ? 10.195  -2.879  12.863  1.00 0.00 ? 22 DC B N1     1 
ATOM 673  C C2     . DC B 2 11 ? 11.118  -2.408  11.926  1.00 0.00 ? 22 DC B C2     1 
ATOM 674  O O2     . DC B 2 11 ? 11.796  -3.177  11.249  1.00 0.00 ? 22 DC B O2     1 
ATOM 675  N N3     . DC B 2 11 ? 11.250  -1.060  11.765  1.00 0.00 ? 22 DC B N3     1 
ATOM 676  C C4     . DC B 2 11 ? 10.534  -0.196  12.499  1.00 0.00 ? 22 DC B C4     1 
ATOM 677  N N4     . DC B 2 11 ? 10.649  1.110   12.246  1.00 0.00 ? 22 DC B N4     1 
ATOM 678  C C5     . DC B 2 11 ? 9.616   -0.658  13.503  1.00 0.00 ? 22 DC B C5     1 
ATOM 679  C C6     . DC B 2 11 ? 9.481   -1.998  13.638  1.00 0.00 ? 22 DC B C6     1 
ATOM 680  H "H5'"  . DC B 2 11 ? 6.114   -5.531  13.253  1.00 0.00 ? 22 DC B "H5'"  1 
ATOM 681  H "H5''" . DC B 2 11 ? 6.640   -6.768  14.414  1.00 0.00 ? 22 DC B "H5''" 1 
ATOM 682  H "H4'"  . DC B 2 11 ? 8.182   -6.586  12.497  1.00 0.00 ? 22 DC B "H4'"  1 
ATOM 683  H "H3'"  . DC B 2 11 ? 9.031   -6.505  15.247  1.00 0.00 ? 22 DC B "H3'"  1 
ATOM 684  H "HO3'" . DC B 2 11 ? 10.885  -7.450  14.304  1.00 0.00 ? 22 DC B "HO3'" 1 
ATOM 685  H "H2'"  . DC B 2 11 ? 9.831   -4.303  15.109  1.00 0.00 ? 22 DC B "H2'"  1 
ATOM 686  H "H2''" . DC B 2 11 ? 11.277  -5.128  14.456  1.00 0.00 ? 22 DC B "H2''" 1 
ATOM 687  H "H1'"  . DC B 2 11 ? 10.456  -4.916  12.184  1.00 0.00 ? 22 DC B "H1'"  1 
ATOM 688  H H41    . DC B 2 11 ? 11.244  1.420   11.487  1.00 0.00 ? 22 DC B H41    1 
ATOM 689  H H42    . DC B 2 11 ? 10.086  1.778   12.752  1.00 0.00 ? 22 DC B H42    1 
ATOM 690  H H5     . DC B 2 11 ? 9.026   0.003   14.122  1.00 0.00 ? 22 DC B H5     1 
ATOM 691  H H6     . DC B 2 11 ? 8.787   -2.382  14.368  1.00 0.00 ? 22 DC B H6     1 
ATOM 692  O "O5'"  . DG A 1 1  ? 18.526  3.835   4.938   1.00 0.00 ? 1  DG A "O5'"  2 
ATOM 693  C "C5'"  . DG A 1 1  ? 19.531  2.915   5.308   1.00 0.00 ? 1  DG A "C5'"  2 
ATOM 694  C "C4'"  . DG A 1 1  ? 18.931  1.544   5.636   1.00 0.00 ? 1  DG A "C4'"  2 
ATOM 695  O "O4'"  . DG A 1 1  ? 18.004  1.672   6.704   1.00 0.00 ? 1  DG A "O4'"  2 
ATOM 696  C "C3'"  . DG A 1 1  ? 18.186  0.916   4.446   1.00 0.00 ? 1  DG A "C3'"  2 
ATOM 697  O "O3'"  . DG A 1 1  ? 18.589  -0.439  4.321   1.00 0.00 ? 1  DG A "O3'"  2 
ATOM 698  C "C2'"  . DG A 1 1  ? 16.729  1.054   4.878   1.00 0.00 ? 1  DG A "C2'"  2 
ATOM 699  C "C1'"  . DG A 1 1  ? 16.867  0.898   6.387   1.00 0.00 ? 1  DG A "C1'"  2 
ATOM 700  N N9     . DG A 1 1  ? 15.672  1.390   7.108   1.00 0.00 ? 1  DG A N9     2 
ATOM 701  C C8     . DG A 1 1  ? 15.150  2.658   7.140   1.00 0.00 ? 1  DG A C8     2 
ATOM 702  N N7     . DG A 1 1  ? 14.094  2.785   7.895   1.00 0.00 ? 1  DG A N7     2 
ATOM 703  C C5     . DG A 1 1  ? 13.895  1.508   8.406   1.00 0.00 ? 1  DG A C5     2 
ATOM 704  C C6     . DG A 1 1  ? 12.902  1.022   9.312   1.00 0.00 ? 1  DG A C6     2 
ATOM 705  O O6     . DG A 1 1  ? 12.011  1.659   9.867   1.00 0.00 ? 1  DG A O6     2 
ATOM 706  N N1     . DG A 1 1  ? 13.030  -0.343  9.560   1.00 0.00 ? 1  DG A N1     2 
ATOM 707  C C2     . DG A 1 1  ? 14.027  -1.143  9.029   1.00 0.00 ? 1  DG A C2     2 
ATOM 708  N N2     . DG A 1 1  ? 14.000  -2.443  9.336   1.00 0.00 ? 1  DG A N2     2 
ATOM 709  N N3     . DG A 1 1  ? 14.979  -0.679  8.206   1.00 0.00 ? 1  DG A N3     2 
ATOM 710  C C4     . DG A 1 1  ? 14.855  0.646   7.928   1.00 0.00 ? 1  DG A C4     2 
ATOM 711  H "H5'"  . DG A 1 1  ? 20.054  3.299   6.184   1.00 0.00 ? 1  DG A "H5'"  2 
ATOM 712  H "H5''" . DG A 1 1  ? 20.244  2.814   4.488   1.00 0.00 ? 1  DG A "H5''" 2 
ATOM 713  H "H4'"  . DG A 1 1  ? 19.740  0.883   5.951   1.00 0.00 ? 1  DG A "H4'"  2 
ATOM 714  H "H3'"  . DG A 1 1  ? 18.381  1.452   3.515   1.00 0.00 ? 1  DG A "H3'"  2 
ATOM 715  H "H2'"  . DG A 1 1  ? 16.371  2.054   4.630   1.00 0.00 ? 1  DG A "H2'"  2 
ATOM 716  H "H2''" . DG A 1 1  ? 16.071  0.309   4.439   1.00 0.00 ? 1  DG A "H2''" 2 
ATOM 717  H "H1'"  . DG A 1 1  ? 17.069  -0.147  6.624   1.00 0.00 ? 1  DG A "H1'"  2 
ATOM 718  H H8     . DG A 1 1  ? 15.577  3.485   6.592   1.00 0.00 ? 1  DG A H8     2 
ATOM 719  H H1     . DG A 1 1  ? 12.351  -0.756  10.186  1.00 0.00 ? 1  DG A H1     2 
ATOM 720  H H21    . DG A 1 1  ? 13.266  -2.814  9.924   1.00 0.00 ? 1  DG A H21    2 
ATOM 721  H H22    . DG A 1 1  ? 14.692  -3.062  8.938   1.00 0.00 ? 1  DG A H22    2 
ATOM 722  H "HO5'" . DG A 1 1  ? 18.074  3.502   4.160   1.00 0.00 ? 1  DG A "HO5'" 2 
ATOM 723  P P      . DC A 1 2  ? 18.013  -1.419  3.168   1.00 0.00 ? 2  DC A P      2 
ATOM 724  O OP1    . DC A 1 2  ? 19.084  -2.374  2.804   1.00 0.00 ? 2  DC A OP1    2 
ATOM 725  O OP2    . DC A 1 2  ? 17.383  -0.588  2.119   1.00 0.00 ? 2  DC A OP2    2 
ATOM 726  O "O5'"  . DC A 1 2  ? 16.848  -2.232  3.935   1.00 0.00 ? 2  DC A "O5'"  2 
ATOM 727  C "C5'"  . DC A 1 2  ? 17.158  -3.181  4.939   1.00 0.00 ? 2  DC A "C5'"  2 
ATOM 728  C "C4'"  . DC A 1 2  ? 15.886  -3.809  5.517   1.00 0.00 ? 2  DC A "C4'"  2 
ATOM 729  O "O4'"  . DC A 1 2  ? 15.076  -2.803  6.098   1.00 0.00 ? 2  DC A "O4'"  2 
ATOM 730  C "C3'"  . DC A 1 2  ? 15.036  -4.546  4.467   1.00 0.00 ? 2  DC A "C3'"  2 
ATOM 731  O "O3'"  . DC A 1 2  ? 14.739  -5.843  4.959   1.00 0.00 ? 2  DC A "O3'"  2 
ATOM 732  C "C2'"  . DC A 1 2  ? 13.800  -3.653  4.375   1.00 0.00 ? 2  DC A "C2'"  2 
ATOM 733  C "C1'"  . DC A 1 2  ? 13.731  -3.100  5.795   1.00 0.00 ? 2  DC A "C1'"  2 
ATOM 734  N N1     . DC A 1 2  ? 12.884  -1.877  5.903   1.00 0.00 ? 2  DC A N1     2 
ATOM 735  C C2     . DC A 1 2  ? 11.795  -1.874  6.778   1.00 0.00 ? 2  DC A C2     2 
ATOM 736  O O2     . DC A 1 2  ? 11.482  -2.870  7.426   1.00 0.00 ? 2  DC A O2     2 
ATOM 737  N N3     . DC A 1 2  ? 11.074  -0.727  6.916   1.00 0.00 ? 2  DC A N3     2 
ATOM 738  C C4     . DC A 1 2  ? 11.391  0.385   6.239   1.00 0.00 ? 2  DC A C4     2 
ATOM 739  N N4     . DC A 1 2  ? 10.653  1.482   6.435   1.00 0.00 ? 2  DC A N4     2 
ATOM 740  C C5     . DC A 1 2  ? 12.507  0.410   5.338   1.00 0.00 ? 2  DC A C5     2 
ATOM 741  C C6     . DC A 1 2  ? 13.215  -0.738  5.208   1.00 0.00 ? 2  DC A C6     2 
ATOM 742  H "H5'"  . DC A 1 2  ? 17.706  -2.693  5.747   1.00 0.00 ? 2  DC A "H5'"  2 
ATOM 743  H "H5''" . DC A 1 2  ? 17.780  -3.975  4.521   1.00 0.00 ? 2  DC A "H5''" 2 
ATOM 744  H "H4'"  . DC A 1 2  ? 16.181  -4.508  6.301   1.00 0.00 ? 2  DC A "H4'"  2 
ATOM 745  H "H3'"  . DC A 1 2  ? 15.548  -4.615  3.506   1.00 0.00 ? 2  DC A "H3'"  2 
ATOM 746  H "H2'"  . DC A 1 2  ? 14.002  -2.862  3.653   1.00 0.00 ? 2  DC A "H2'"  2 
ATOM 747  H "H2''" . DC A 1 2  ? 12.896  -4.186  4.090   1.00 0.00 ? 2  DC A "H2''" 2 
ATOM 748  H "H1'"  . DC A 1 2  ? 13.405  -3.902  6.458   1.00 0.00 ? 2  DC A "H1'"  2 
ATOM 749  H H41    . DC A 1 2  ? 9.889   1.450   7.098   1.00 0.00 ? 2  DC A H41    2 
ATOM 750  H H42    . DC A 1 2  ? 10.871  2.339   5.949   1.00 0.00 ? 2  DC A H42    2 
ATOM 751  H H5     . DC A 1 2  ? 12.804  1.285   4.778   1.00 0.00 ? 2  DC A H5     2 
ATOM 752  H H6     . DC A 1 2  ? 14.065  -0.754  4.544   1.00 0.00 ? 2  DC A H6     2 
ATOM 753  P P      . DC A 1 3  ? 13.842  -6.912  4.139   1.00 0.00 ? 3  DC A P      2 
ATOM 754  O OP1    . DC A 1 3  ? 14.359  -8.266  4.434   1.00 0.00 ? 3  DC A OP1    2 
ATOM 755  O OP2    . DC A 1 3  ? 13.730  -6.459  2.735   1.00 0.00 ? 3  DC A OP2    2 
ATOM 756  O "O5'"  . DC A 1 3  ? 12.392  -6.762  4.836   1.00 0.00 ? 3  DC A "O5'"  2 
ATOM 757  C "C5'"  . DC A 1 3  ? 12.171  -7.206  6.161   1.00 0.00 ? 3  DC A "C5'"  2 
ATOM 758  C "C4'"  . DC A 1 3  ? 10.741  -6.899  6.612   1.00 0.00 ? 3  DC A "C4'"  2 
ATOM 759  O "O4'"  . DC A 1 3  ? 10.511  -5.503  6.556   1.00 0.00 ? 3  DC A "O4'"  2 
ATOM 760  C "C3'"  . DC A 1 3  ? 9.661   -7.587  5.759   1.00 0.00 ? 3  DC A "C3'"  2 
ATOM 761  O "O3'"  . DC A 1 3  ? 8.800   -8.312  6.625   1.00 0.00 ? 3  DC A "O3'"  2 
ATOM 762  C "C2'"  . DC A 1 3  ? 8.963   -6.401  5.092   1.00 0.00 ? 3  DC A "C2'"  2 
ATOM 763  C "C1'"  . DC A 1 3  ? 9.183   -5.302  6.127   1.00 0.00 ? 3  DC A "C1'"  2 
ATOM 764  N N1     . DC A 1 3  ? 9.021   -3.937  5.557   1.00 0.00 ? 3  DC A N1     2 
ATOM 765  C C2     . DC A 1 3  ? 8.028   -3.099  6.066   1.00 0.00 ? 3  DC A C2     2 
ATOM 766  O O2     . DC A 1 3  ? 7.232   -3.486  6.916   1.00 0.00 ? 3  DC A O2     2 
ATOM 767  N N3     . DC A 1 3  ? 7.950   -1.824  5.598   1.00 0.00 ? 3  DC A N3     2 
ATOM 768  C C4     . DC A 1 3  ? 8.784   -1.374  4.650   1.00 0.00 ? 3  DC A C4     2 
ATOM 769  N N4     . DC A 1 3  ? 8.666   -0.106  4.244   1.00 0.00 ? 3  DC A N4     2 
ATOM 770  C C5     . DC A 1 3  ? 9.793   -2.225  4.086   1.00 0.00 ? 3  DC A C5     2 
ATOM 771  C C6     . DC A 1 3  ? 9.870   -3.487  4.573   1.00 0.00 ? 3  DC A C6     2 
ATOM 772  H "H5'"  . DC A 1 3  ? 12.864  -6.699  6.835   1.00 0.00 ? 3  DC A "H5'"  2 
ATOM 773  H "H5''" . DC A 1 3  ? 12.338  -8.282  6.228   1.00 0.00 ? 3  DC A "H5''" 2 
ATOM 774  H "H4'"  . DC A 1 3  ? 10.638  -7.218  7.652   1.00 0.00 ? 3  DC A "H4'"  2 
ATOM 775  H "H3'"  . DC A 1 3  ? 10.097  -8.254  5.015   1.00 0.00 ? 3  DC A "H3'"  2 
ATOM 776  H "H2'"  . DC A 1 3  ? 9.487   -6.174  4.164   1.00 0.00 ? 3  DC A "H2'"  2 
ATOM 777  H "H2''" . DC A 1 3  ? 7.906   -6.565  4.888   1.00 0.00 ? 3  DC A "H2''" 2 
ATOM 778  H "H1'"  . DC A 1 3  ? 8.525   -5.495  6.975   1.00 0.00 ? 3  DC A "H1'"  2 
ATOM 779  H H41    . DC A 1 3  ? 7.979   0.490   4.689   1.00 0.00 ? 3  DC A H41    2 
ATOM 780  H H42    . DC A 1 3  ? 9.280   0.266   3.535   1.00 0.00 ? 3  DC A H42    2 
ATOM 781  H H5     . DC A 1 3  ? 10.483  -1.908  3.318   1.00 0.00 ? 3  DC A H5     2 
ATOM 782  H H6     . DC A 1 3  ? 10.622  -4.153  4.182   1.00 0.00 ? 3  DC A H6     2 
ATOM 783  P P      . DA A 1 4  ? 7.531   -9.164  6.095   1.00 0.00 ? 4  DA A P      2 
ATOM 784  O OP1    . DA A 1 4  ? 7.411   -10.378 6.934   1.00 0.00 ? 4  DA A OP1    2 
ATOM 785  O OP2    . DA A 1 4  ? 7.626   -9.295  4.624   1.00 0.00 ? 4  DA A OP2    2 
ATOM 786  O "O5'"  . DA A 1 4  ? 6.290   -8.189  6.437   1.00 0.00 ? 4  DA A "O5'"  2 
ATOM 787  C "C5'"  . DA A 1 4  ? 5.908   -7.940  7.777   1.00 0.00 ? 4  DA A "C5'"  2 
ATOM 788  C "C4'"  . DA A 1 4  ? 4.736   -6.957  7.847   1.00 0.00 ? 4  DA A "C4'"  2 
ATOM 789  O "O4'"  . DA A 1 4  ? 5.119   -5.714  7.280   1.00 0.00 ? 4  DA A "O4'"  2 
ATOM 790  C "C3'"  . DA A 1 4  ? 3.475   -7.444  7.107   1.00 0.00 ? 4  DA A "C3'"  2 
ATOM 791  O "O3'"  . DA A 1 4  ? 2.367   -7.268  7.978   1.00 0.00 ? 4  DA A "O3'"  2 
ATOM 792  C "C2'"  . DA A 1 4  ? 3.441   -6.505  5.902   1.00 0.00 ? 4  DA A "C2'"  2 
ATOM 793  C "C1'"  . DA A 1 4  ? 4.037   -5.241  6.507   1.00 0.00 ? 4  DA A "C1'"  2 
ATOM 794  N N9     . DA A 1 4  ? 4.516   -4.292  5.480   1.00 0.00 ? 4  DA A N9     2 
ATOM 795  C C8     . DA A 1 4  ? 5.393   -4.513  4.446   1.00 0.00 ? 4  DA A C8     2 
ATOM 796  N N7     . DA A 1 4  ? 5.703   -3.443  3.767   1.00 0.00 ? 4  DA A N7     2 
ATOM 797  C C5     . DA A 1 4  ? 4.980   -2.437  4.396   1.00 0.00 ? 4  DA A C5     2 
ATOM 798  C C6     . DA A 1 4  ? 4.892   -1.046  4.189   1.00 0.00 ? 4  DA A C6     2 
ATOM 799  N N6     . DA A 1 4  ? 5.594   -0.405  3.249   1.00 0.00 ? 4  DA A N6     2 
ATOM 800  N N1     . DA A 1 4  ? 4.082   -0.332  4.994   1.00 0.00 ? 4  DA A N1     2 
ATOM 801  C C2     . DA A 1 4  ? 3.402   -0.955  5.952   1.00 0.00 ? 4  DA A C2     2 
ATOM 802  N N3     . DA A 1 4  ? 3.408   -2.249  6.253   1.00 0.00 ? 4  DA A N3     2 
ATOM 803  C C4     . DA A 1 4  ? 4.237   -2.947  5.430   1.00 0.00 ? 4  DA A C4     2 
ATOM 804  H "H5'"  . DA A 1 4  ? 6.750   -7.514  8.324   1.00 0.00 ? 4  DA A "H5'"  2 
ATOM 805  H "H5''" . DA A 1 4  ? 5.611   -8.873  8.258   1.00 0.00 ? 4  DA A "H5''" 2 
ATOM 806  H "H4'"  . DA A 1 4  ? 4.499   -6.794  8.900   1.00 0.00 ? 4  DA A "H4'"  2 
ATOM 807  H "H3'"  . DA A 1 4  ? 3.555   -8.488  6.799   1.00 0.00 ? 4  DA A "H3'"  2 
ATOM 808  H "H2'"  . DA A 1 4  ? 4.096   -6.908  5.128   1.00 0.00 ? 4  DA A "H2'"  2 
ATOM 809  H "H2''" . DA A 1 4  ? 2.447   -6.339  5.493   1.00 0.00 ? 4  DA A "H2''" 2 
ATOM 810  H "H1'"  . DA A 1 4  ? 3.301   -4.776  7.163   1.00 0.00 ? 4  DA A "H1'"  2 
ATOM 811  H H8     . DA A 1 4  ? 5.805   -5.484  4.220   1.00 0.00 ? 4  DA A H8     2 
ATOM 812  H H61    . DA A 1 4  ? 5.512   0.598   3.151   1.00 0.00 ? 4  DA A H61    2 
ATOM 813  H H62    . DA A 1 4  ? 6.213   -0.927  2.647   1.00 0.00 ? 4  DA A H62    2 
ATOM 814  H H2     . DA A 1 4  ? 2.770   -0.332  6.566   1.00 0.00 ? 4  DA A H2     2 
ATOM 815  P P      . DC A 1 5  ? 0.839   -7.610  7.565   1.00 0.00 ? 5  DC A P      2 
ATOM 816  O OP1    . DC A 1 5  ? 0.211   -8.340  8.689   1.00 0.00 ? 5  DC A OP1    2 
ATOM 817  O OP2    . DC A 1 5  ? 0.824   -8.201  6.209   1.00 0.00 ? 5  DC A OP2    2 
ATOM 818  O "O5'"  . DC A 1 5  ? 0.181   -6.138  7.488   1.00 0.00 ? 5  DC A "O5'"  2 
ATOM 819  C "C5'"  . DC A 1 5  ? 0.026   -5.354  8.657   1.00 0.00 ? 5  DC A "C5'"  2 
ATOM 820  C "C4'"  . DC A 1 5  ? -0.429  -3.932  8.323   1.00 0.00 ? 5  DC A "C4'"  2 
ATOM 821  O "O4'"  . DC A 1 5  ? 0.468   -3.373  7.375   1.00 0.00 ? 5  DC A "O4'"  2 
ATOM 822  C "C3'"  . DC A 1 5  ? -1.850  -3.847  7.739   1.00 0.00 ? 5  DC A "C3'"  2 
ATOM 823  O "O3'"  . DC A 1 5  ? -2.517  -2.760  8.370   1.00 0.00 ? 5  DC A "O3'"  2 
ATOM 824  C "C2'"  . DC A 1 5  ? -1.561  -3.580  6.265   1.00 0.00 ? 5  DC A "C2'"  2 
ATOM 825  C "C1'"  . DC A 1 5  ? -0.300  -2.732  6.379   1.00 0.00 ? 5  DC A "C1'"  2 
ATOM 826  N N1     . DC A 1 5  ? 0.440   -2.652  5.092   1.00 0.00 ? 5  DC A N1     2 
ATOM 827  C C2     . DC A 1 5  ? 0.629   -1.404  4.501   1.00 0.00 ? 5  DC A C2     2 
ATOM 828  O O2     . DC A 1 5  ? 0.211   -0.375  5.023   1.00 0.00 ? 5  DC A O2     2 
ATOM 829  N N3     . DC A 1 5  ? 1.316   -1.334  3.328   1.00 0.00 ? 5  DC A N3     2 
ATOM 830  C C4     . DC A 1 5  ? 1.822   -2.430  2.749   1.00 0.00 ? 5  DC A C4     2 
ATOM 831  N N4     . DC A 1 5  ? 2.515   -2.285  1.617   1.00 0.00 ? 5  DC A N4     2 
ATOM 832  C C5     . DC A 1 5  ? 1.660   -3.726  3.347   1.00 0.00 ? 5  DC A C5     2 
ATOM 833  C C6     . DC A 1 5  ? 0.967   -3.782  4.511   1.00 0.00 ? 5  DC A C6     2 
ATOM 834  H "H5'"  . DC A 1 5  ? 0.984   -5.285  9.176   1.00 0.00 ? 5  DC A "H5'"  2 
ATOM 835  H "H5''" . DC A 1 5  ? -0.700  -5.818  9.327   1.00 0.00 ? 5  DC A "H5''" 2 
ATOM 836  H "H4'"  . DC A 1 5  ? -0.382  -3.342  9.241   1.00 0.00 ? 5  DC A "H4'"  2 
ATOM 837  H "H3'"  . DC A 1 5  ? -2.411  -4.771  7.882   1.00 0.00 ? 5  DC A "H3'"  2 
ATOM 838  H "H2'"  . DC A 1 5  ? -1.354  -4.531  5.774   1.00 0.00 ? 5  DC A "H2'"  2 
ATOM 839  H "H2''" . DC A 1 5  ? -2.361  -3.062  5.739   1.00 0.00 ? 5  DC A "H2''" 2 
ATOM 840  H "H1'"  . DC A 1 5  ? -0.588  -1.754  6.769   1.00 0.00 ? 5  DC A "H1'"  2 
ATOM 841  H H41    . DC A 1 5  ? 2.658   -1.351  1.251   1.00 0.00 ? 5  DC A H41    2 
ATOM 842  H H42    . DC A 1 5  ? 2.933   -3.083  1.162   1.00 0.00 ? 5  DC A H42    2 
ATOM 843  H H5     . DC A 1 5  ? 2.063   -4.634  2.922   1.00 0.00 ? 5  DC A H5     2 
ATOM 844  H H6     . DC A 1 5  ? 0.827   -4.737  4.994   1.00 0.00 ? 5  DC A H6     2 
ATOM 845  P P      . DC A 1 6  ? -4.032  -2.315  8.013   1.00 0.00 ? 6  DC A P      2 
ATOM 846  O OP1    . DC A 1 6  ? -4.746  -2.057  9.283   1.00 0.00 ? 6  DC A OP1    2 
ATOM 847  O OP2    . DC A 1 6  ? -4.597  -3.273  7.037   1.00 0.00 ? 6  DC A OP2    2 
ATOM 848  O "O5'"  . DC A 1 6  ? -3.808  -0.903  7.261   1.00 0.00 ? 6  DC A "O5'"  2 
ATOM 849  C "C5'"  . DC A 1 6  ? -3.312  0.229   7.955   1.00 0.00 ? 6  DC A "C5'"  2 
ATOM 850  C "C4'"  . DC A 1 6  ? -3.132  1.413   6.999   1.00 0.00 ? 6  DC A "C4'"  2 
ATOM 851  O "O4'"  . DC A 1 6  ? -2.268  1.036   5.939   1.00 0.00 ? 6  DC A "O4'"  2 
ATOM 852  C "C3'"  . DC A 1 6  ? -4.458  1.891   6.382   1.00 0.00 ? 6  DC A "C3'"  2 
ATOM 853  O "O3'"  . DC A 1 6  ? -4.556  3.300   6.532   1.00 0.00 ? 6  DC A "O3'"  2 
ATOM 854  C "C2'"  . DC A 1 6  ? -4.311  1.466   4.924   1.00 0.00 ? 6  DC A "C2'"  2 
ATOM 855  C "C1'"  . DC A 1 6  ? -2.800  1.535   4.729   1.00 0.00 ? 6  DC A "C1'"  2 
ATOM 856  N N1     . DC A 1 6  ? -2.352  0.700   3.579   1.00 0.00 ? 6  DC A N1     2 
ATOM 857  C C2     . DC A 1 6  ? -1.760  1.315   2.471   1.00 0.00 ? 6  DC A C2     2 
ATOM 858  O O2     . DC A 1 6  ? -1.625  2.535   2.412   1.00 0.00 ? 6  DC A O2     2 
ATOM 859  N N3     . DC A 1 6  ? -1.344  0.526   1.438   1.00 0.00 ? 6  DC A N3     2 
ATOM 860  C C4     . DC A 1 6  ? -1.499  -0.804  1.469   1.00 0.00 ? 6  DC A C4     2 
ATOM 861  N N4     . DC A 1 6  ? -1.119  -1.525  0.409   1.00 0.00 ? 6  DC A N4     2 
ATOM 862  C C5     . DC A 1 6  ? -2.110  -1.457  2.592   1.00 0.00 ? 6  DC A C5     2 
ATOM 863  C C6     . DC A 1 6  ? -2.516  -0.665  3.612   1.00 0.00 ? 6  DC A C6     2 
ATOM 864  H "H5'"  . DC A 1 6  ? -2.345  -0.009  8.401   1.00 0.00 ? 6  DC A "H5'"  2 
ATOM 865  H "H5''" . DC A 1 6  ? -4.004  0.515   8.748   1.00 0.00 ? 6  DC A "H5''" 2 
ATOM 866  H "H4'"  . DC A 1 6  ? -2.668  2.233   7.550   1.00 0.00 ? 6  DC A "H4'"  2 
ATOM 867  H "H3'"  . DC A 1 6  ? -5.316  1.405   6.849   1.00 0.00 ? 6  DC A "H3'"  2 
ATOM 868  H "H2'"  . DC A 1 6  ? -4.673  0.442   4.826   1.00 0.00 ? 6  DC A "H2'"  2 
ATOM 869  H "H2''" . DC A 1 6  ? -4.840  2.110   4.225   1.00 0.00 ? 6  DC A "H2''" 2 
ATOM 870  H "H1'"  . DC A 1 6  ? -2.513  2.582   4.641   1.00 0.00 ? 6  DC A "H1'"  2 
ATOM 871  H H41    . DC A 1 6  ? -0.738  -1.047  -0.395  1.00 0.00 ? 6  DC A H41    2 
ATOM 872  H H42    . DC A 1 6  ? -1.247  -2.526  0.398   1.00 0.00 ? 6  DC A H42    2 
ATOM 873  H H5     . DC A 1 6  ? -2.258  -2.525  2.657   1.00 0.00 ? 6  DC A H5     2 
ATOM 874  H H6     . DC A 1 6  ? -2.973  -1.121  4.477   1.00 0.00 ? 6  DC A H6     2 
ATOM 875  P P      . DA A 1 7  ? -5.850  4.142   6.043   1.00 0.00 ? 7  DA A P      2 
ATOM 876  O OP1    . DA A 1 7  ? -6.119  5.196   7.047   1.00 0.00 ? 7  DA A OP1    2 
ATOM 877  O OP2    . DA A 1 7  ? -6.924  3.193   5.673   1.00 0.00 ? 7  DA A OP2    2 
ATOM 878  O "O5'"  . DA A 1 7  ? -5.325  4.853   4.694   1.00 0.00 ? 7  DA A "O5'"  2 
ATOM 879  C "C5'"  . DA A 1 7  ? -4.350  5.879   4.736   1.00 0.00 ? 7  DA A "C5'"  2 
ATOM 880  C "C4'"  . DA A 1 7  ? -3.977  6.330   3.321   1.00 0.00 ? 7  DA A "C4'"  2 
ATOM 881  O "O4'"  . DA A 1 7  ? -3.506  5.203   2.599   1.00 0.00 ? 7  DA A "O4'"  2 
ATOM 882  C "C3'"  . DA A 1 7  ? -5.158  6.932   2.540   1.00 0.00 ? 7  DA A "C3'"  2 
ATOM 883  O "O3'"  . DA A 1 7  ? -4.690  8.060   1.817   1.00 0.00 ? 7  DA A "O3'"  2 
ATOM 884  C "C2'"  . DA A 1 7  ? -5.554  5.774   1.629   1.00 0.00 ? 7  DA A "C2'"  2 
ATOM 885  C "C1'"  . DA A 1 7  ? -4.192  5.138   1.367   1.00 0.00 ? 7  DA A "C1'"  2 
ATOM 886  N N9     . DA A 1 7  ? -4.286  3.733   0.911   1.00 0.00 ? 7  DA A N9     2 
ATOM 887  C C8     . DA A 1 7  ? -5.076  2.715   1.387   1.00 0.00 ? 7  DA A C8     2 
ATOM 888  N N7     . DA A 1 7  ? -4.884  1.564   0.804   1.00 0.00 ? 7  DA A N7     2 
ATOM 889  C C5     . DA A 1 7  ? -3.889  1.836   -0.127  1.00 0.00 ? 7  DA A C5     2 
ATOM 890  C C6     . DA A 1 7  ? -3.219  1.037   -1.076  1.00 0.00 ? 7  DA A C6     2 
ATOM 891  N N6     . DA A 1 7  ? -3.491  -0.261  -1.261  1.00 0.00 ? 7  DA A N6     2 
ATOM 892  N N1     . DA A 1 7  ? -2.267  1.616   -1.833  1.00 0.00 ? 7  DA A N1     2 
ATOM 893  C C2     . DA A 1 7  ? -1.996  2.909   -1.667  1.00 0.00 ? 7  DA A C2     2 
ATOM 894  N N3     . DA A 1 7  ? -2.560  3.765   -0.823  1.00 0.00 ? 7  DA A N3     2 
ATOM 895  C C4     . DA A 1 7  ? -3.510  3.154   -0.064  1.00 0.00 ? 7  DA A C4     2 
ATOM 896  H "H5'"  . DA A 1 7  ? -3.451  5.506   5.228   1.00 0.00 ? 7  DA A "H5'"  2 
ATOM 897  H "H5''" . DA A 1 7  ? -4.730  6.735   5.295   1.00 0.00 ? 7  DA A "H5''" 2 
ATOM 898  H "H4'"  . DA A 1 7  ? -3.174  7.064   3.400   1.00 0.00 ? 7  DA A "H4'"  2 
ATOM 899  H "H3'"  . DA A 1 7  ? -5.975  7.223   3.202   1.00 0.00 ? 7  DA A "H3'"  2 
ATOM 900  H "H2'"  . DA A 1 7  ? -6.204  5.102   2.187   1.00 0.00 ? 7  DA A "H2'"  2 
ATOM 901  H "H2''" . DA A 1 7  ? -6.047  6.084   0.709   1.00 0.00 ? 7  DA A "H2''" 2 
ATOM 902  H "H1'"  . DA A 1 7  ? -3.660  5.748   0.636   1.00 0.00 ? 7  DA A "H1'"  2 
ATOM 903  H H8     . DA A 1 7  ? -5.799  2.844   2.178   1.00 0.00 ? 7  DA A H8     2 
ATOM 904  H H61    . DA A 1 7  ? -2.980  -0.806  -1.940  1.00 0.00 ? 7  DA A H61    2 
ATOM 905  H H62    . DA A 1 7  ? -4.215  -0.693  -0.705  1.00 0.00 ? 7  DA A H62    2 
ATOM 906  H H2     . DA A 1 7  ? -1.227  3.318   -2.304  1.00 0.00 ? 7  DA A H2     2 
ATOM 907  P P      . DG A 1 8  ? -5.647  8.960   0.870   1.00 0.00 ? 8  DG A P      2 
ATOM 908  O OP1    . DG A 1 8  ? -5.296  10.383  1.076   1.00 0.00 ? 8  DG A OP1    2 
ATOM 909  O OP2    . DG A 1 8  ? -7.049  8.521   1.049   1.00 0.00 ? 8  DG A OP2    2 
ATOM 910  O "O5'"  . DG A 1 8  ? -5.169  8.530   -0.611  1.00 0.00 ? 8  DG A "O5'"  2 
ATOM 911  C "C5'"  . DG A 1 8  ? -3.913  8.946   -1.117  1.00 0.00 ? 8  DG A "C5'"  2 
ATOM 912  C "C4'"  . DG A 1 8  ? -3.650  8.360   -2.507  1.00 0.00 ? 8  DG A "C4'"  2 
ATOM 913  O "O4'"  . DG A 1 8  ? -3.610  6.943   -2.428  1.00 0.00 ? 8  DG A "O4'"  2 
ATOM 914  C "C3'"  . DG A 1 8  ? -4.721  8.743   -3.545  1.00 0.00 ? 8  DG A "C3'"  2 
ATOM 915  O "O3'"  . DG A 1 8  ? -4.061  9.158   -4.732  1.00 0.00 ? 8  DG A "O3'"  2 
ATOM 916  C "C2'"  . DG A 1 8  ? -5.460  7.419   -3.722  1.00 0.00 ? 8  DG A "C2'"  2 
ATOM 917  C "C1'"  . DG A 1 8  ? -4.312  6.434   -3.540  1.00 0.00 ? 8  DG A "C1'"  2 
ATOM 918  N N9     . DG A 1 8  ? -4.785  5.056   -3.282  1.00 0.00 ? 8  DG A N9     2 
ATOM 919  C C8     . DG A 1 8  ? -5.622  4.608   -2.291  1.00 0.00 ? 8  DG A C8     2 
ATOM 920  N N7     . DG A 1 8  ? -5.851  3.326   -2.324  1.00 0.00 ? 8  DG A N7     2 
ATOM 921  C C5     . DG A 1 8  ? -5.106  2.882   -3.411  1.00 0.00 ? 8  DG A C5     2 
ATOM 922  C C6     . DG A 1 8  ? -4.948  1.566   -3.939  1.00 0.00 ? 8  DG A C6     2 
ATOM 923  O O6     . DG A 1 8  ? -5.432  0.521   -3.512  1.00 0.00 ? 8  DG A O6     2 
ATOM 924  N N1     . DG A 1 8  ? -4.132  1.541   -5.068  1.00 0.00 ? 8  DG A N1     2 
ATOM 925  C C2     . DG A 1 8  ? -3.519  2.655   -5.615  1.00 0.00 ? 8  DG A C2     2 
ATOM 926  N N2     . DG A 1 8  ? -2.792  2.476   -6.722  1.00 0.00 ? 8  DG A N2     2 
ATOM 927  N N3     . DG A 1 8  ? -3.653  3.889   -5.107  1.00 0.00 ? 8  DG A N3     2 
ATOM 928  C C4     . DG A 1 8  ? -4.453  3.936   -4.006  1.00 0.00 ? 8  DG A C4     2 
ATOM 929  H "H5'"  . DG A 1 8  ? -3.119  8.616   -0.445  1.00 0.00 ? 8  DG A "H5'"  2 
ATOM 930  H "H5''" . DG A 1 8  ? -3.886  10.034  -1.186  1.00 0.00 ? 8  DG A "H5''" 2 
ATOM 931  H "H4'"  . DG A 1 8  ? -2.675  8.715   -2.843  1.00 0.00 ? 8  DG A "H4'"  2 
ATOM 932  H "H3'"  . DG A 1 8  ? -5.383  9.530   -3.181  1.00 0.00 ? 8  DG A "H3'"  2 
ATOM 933  H "H2'"  . DG A 1 8  ? -6.189  7.311   -2.917  1.00 0.00 ? 8  DG A "H2'"  2 
ATOM 934  H "H2''" . DG A 1 8  ? -5.954  7.316   -4.684  1.00 0.00 ? 8  DG A "H2''" 2 
ATOM 935  H "H1'"  . DG A 1 8  ? -3.666  6.468   -4.418  1.00 0.00 ? 8  DG A "H1'"  2 
ATOM 936  H H8     . DG A 1 8  ? -6.057  5.259   -1.550  1.00 0.00 ? 8  DG A H8     2 
ATOM 937  H H1     . DG A 1 8  ? -3.971  0.634   -5.487  1.00 0.00 ? 8  DG A H1     2 
ATOM 938  H H21    . DG A 1 8  ? -2.684  1.554   -7.121  1.00 0.00 ? 8  DG A H21    2 
ATOM 939  H H22    . DG A 1 8  ? -2.336  3.269   -7.151  1.00 0.00 ? 8  DG A H22    2 
ATOM 940  P P      . DC A 1 9  ? -4.844  9.673   -6.053  1.00 0.00 ? 9  DC A P      2 
ATOM 941  O OP1    . DC A 1 9  ? -4.202  10.925  -6.512  1.00 0.00 ? 9  DC A OP1    2 
ATOM 942  O OP2    . DC A 1 9  ? -6.300  9.653   -5.789  1.00 0.00 ? 9  DC A OP2    2 
ATOM 943  O "O5'"  . DC A 1 9  ? -4.513  8.514   -7.128  1.00 0.00 ? 9  DC A "O5'"  2 
ATOM 944  C "C5'"  . DC A 1 9  ? -3.198  8.328   -7.623  1.00 0.00 ? 9  DC A "C5'"  2 
ATOM 945  C "C4'"  . DC A 1 9  ? -3.130  7.132   -8.577  1.00 0.00 ? 9  DC A "C4'"  2 
ATOM 946  O "O4'"  . DC A 1 9  ? -3.563  5.966   -7.895  1.00 0.00 ? 9  DC A "O4'"  2 
ATOM 947  C "C3'"  . DC A 1 9  ? -4.004  7.305   -9.830  1.00 0.00 ? 9  DC A "C3'"  2 
ATOM 948  O "O3'"  . DC A 1 9  ? -3.267  6.868   -10.963 1.00 0.00 ? 9  DC A "O3'"  2 
ATOM 949  C "C2'"  . DC A 1 9  ? -5.186  6.394   -9.517  1.00 0.00 ? 9  DC A "C2'"  2 
ATOM 950  C "C1'"  . DC A 1 9  ? -4.510  5.295   -8.702  1.00 0.00 ? 9  DC A "C1'"  2 
ATOM 951  N N1     . DC A 1 9  ? -5.482  4.558   -7.848  1.00 0.00 ? 9  DC A N1     2 
ATOM 952  C C2     . DC A 1 9  ? -5.678  3.192   -8.053  1.00 0.00 ? 9  DC A C2     2 
ATOM 953  O O2     . DC A 1 9  ? -5.102  2.595   -8.959  1.00 0.00 ? 9  DC A O2     2 
ATOM 954  N N3     . DC A 1 9  ? -6.526  2.522   -7.220  1.00 0.00 ? 9  DC A N3     2 
ATOM 955  C C4     . DC A 1 9  ? -7.175  3.157   -6.232  1.00 0.00 ? 9  DC A C4     2 
ATOM 956  N N4     . DC A 1 9  ? -7.971  2.452   -5.423  1.00 0.00 ? 9  DC A N4     2 
ATOM 957  C C5     . DC A 1 9  ? -7.004  4.565   -6.014  1.00 0.00 ? 9  DC A C5     2 
ATOM 958  C C6     . DC A 1 9  ? -6.147  5.211   -6.838  1.00 0.00 ? 9  DC A C6     2 
ATOM 959  H "H5'"  . DC A 1 9  ? -2.519  8.145   -6.789  1.00 0.00 ? 9  DC A "H5'"  2 
ATOM 960  H "H5''" . DC A 1 9  ? -2.871  9.223   -8.153  1.00 0.00 ? 9  DC A "H5''" 2 
ATOM 961  H "H4'"  . DC A 1 9  ? -2.088  7.000   -8.876  1.00 0.00 ? 9  DC A "H4'"  2 
ATOM 962  H "H3'"  . DC A 1 9  ? -4.321  8.341   -9.963  1.00 0.00 ? 9  DC A "H3'"  2 
ATOM 963  H "H2'"  . DC A 1 9  ? -5.905  6.951   -8.917  1.00 0.00 ? 9  DC A "H2'"  2 
ATOM 964  H "H2''" . DC A 1 9  ? -5.677  6.003   -10.404 1.00 0.00 ? 9  DC A "H2''" 2 
ATOM 965  H "H1'"  . DC A 1 9  ? -3.961  4.650   -9.387  1.00 0.00 ? 9  DC A "H1'"  2 
ATOM 966  H H41    . DC A 1 9  ? -8.056  1.451   -5.541  1.00 0.00 ? 9  DC A H41    2 
ATOM 967  H H42    . DC A 1 9  ? -8.444  2.908   -4.658  1.00 0.00 ? 9  DC A H42    2 
ATOM 968  H H5     . DC A 1 9  ? -7.505  5.113   -5.229  1.00 0.00 ? 9  DC A H5     2 
ATOM 969  H H6     . DC A 1 9  ? -5.983  6.268   -6.699  1.00 0.00 ? 9  DC A H6     2 
ATOM 970  P P      . DT A 1 10 ? -3.859  6.912   -12.469 1.00 0.00 ? 10 DT A P      2 
ATOM 971  O OP1    . DT A 1 10 ? -2.772  7.337   -13.380 1.00 0.00 ? 10 DT A OP1    2 
ATOM 972  O OP2    . DT A 1 10 ? -5.139  7.656   -12.459 1.00 0.00 ? 10 DT A OP2    2 
ATOM 973  O "O5'"  . DT A 1 10 ? -4.186  5.360   -12.765 1.00 0.00 ? 10 DT A "O5'"  2 
ATOM 974  C "C5'"  . DT A 1 10 ? -3.148  4.406   -12.896 1.00 0.00 ? 10 DT A "C5'"  2 
ATOM 975  C "C4'"  . DT A 1 10 ? -3.722  3.004   -13.126 1.00 0.00 ? 10 DT A "C4'"  2 
ATOM 976  O "O4'"  . DT A 1 10 ? -4.569  2.670   -12.038 1.00 0.00 ? 10 DT A "O4'"  2 
ATOM 977  C "C3'"  . DT A 1 10 ? -4.544  2.890   -14.420 1.00 0.00 ? 10 DT A "C3'"  2 
ATOM 978  O "O3'"  . DT A 1 10 ? -4.171  1.695   -15.093 1.00 0.00 ? 10 DT A "O3'"  2 
ATOM 979  C "C2'"  . DT A 1 10 ? -5.972  2.841   -13.884 1.00 0.00 ? 10 DT A "C2'"  2 
ATOM 980  C "C1'"  . DT A 1 10 ? -5.761  2.118   -12.555 1.00 0.00 ? 10 DT A "C1'"  2 
ATOM 981  N N1     . DT A 1 10 ? -6.874  2.317   -11.585 1.00 0.00 ? 10 DT A N1     2 
ATOM 982  C C2     . DT A 1 10 ? -7.477  1.196   -11.016 1.00 0.00 ? 10 DT A C2     2 
ATOM 983  O O2     . DT A 1 10 ? -7.235  0.043   -11.367 1.00 0.00 ? 10 DT A O2     2 
ATOM 984  N N3     . DT A 1 10 ? -8.404  1.440   -10.014 1.00 0.00 ? 10 DT A N3     2 
ATOM 985  C C4     . DT A 1 10 ? -8.802  2.682   -9.549  1.00 0.00 ? 10 DT A C4     2 
ATOM 986  O O4     . DT A 1 10 ? -9.617  2.769   -8.634  1.00 0.00 ? 10 DT A O4     2 
ATOM 987  C C5     . DT A 1 10 ? -8.176  3.799   -10.230 1.00 0.00 ? 10 DT A C5     2 
ATOM 988  C C7     . DT A 1 10 ? -8.575  5.214   -9.856  1.00 0.00 ? 10 DT A C7     2 
ATOM 989  C C6     . DT A 1 10 ? -7.245  3.584   -11.196 1.00 0.00 ? 10 DT A C6     2 
ATOM 990  H "H5'"  . DT A 1 10 ? -2.551  4.389   -11.983 1.00 0.00 ? 10 DT A "H5'"  2 
ATOM 991  H "H5''" . DT A 1 10 ? -2.502  4.666   -13.736 1.00 0.00 ? 10 DT A "H5''" 2 
ATOM 992  H "H4'"  . DT A 1 10 ? -2.891  2.297   -13.156 1.00 0.00 ? 10 DT A "H4'"  2 
ATOM 993  H "H3'"  . DT A 1 10 ? -4.393  3.750   -15.075 1.00 0.00 ? 10 DT A "H3'"  2 
ATOM 994  H "H2'"  . DT A 1 10 ? -6.316  3.864   -13.742 1.00 0.00 ? 10 DT A "H2'"  2 
ATOM 995  H "H2''" . DT A 1 10 ? -6.661  2.317   -14.539 1.00 0.00 ? 10 DT A "H2''" 2 
ATOM 996  H "H1'"  . DT A 1 10 ? -5.575  1.066   -12.772 1.00 0.00 ? 10 DT A "H1'"  2 
ATOM 997  H H3     . DT A 1 10 ? -8.830  0.633   -9.584  1.00 0.00 ? 10 DT A H3     2 
ATOM 998  H H71    . DT A 1 10 ? -8.160  5.940   -10.555 1.00 0.00 ? 10 DT A H71    2 
ATOM 999  H H72    . DT A 1 10 ? -9.662  5.298   -9.871  1.00 0.00 ? 10 DT A H72    2 
ATOM 1000 H H73    . DT A 1 10 ? -8.217  5.438   -8.852  1.00 0.00 ? 10 DT A H73    2 
ATOM 1001 H H6     . DT A 1 10 ? -6.766  4.432   -11.660 1.00 0.00 ? 10 DT A H6     2 
ATOM 1002 P P      . DC A 1 11 ? -4.849  1.218   -16.483 1.00 0.00 ? 11 DC A P      2 
ATOM 1003 O OP1    . DC A 1 11 ? -3.805  0.571   -17.310 1.00 0.00 ? 11 DC A OP1    2 
ATOM 1004 O OP2    . DC A 1 11 ? -5.635  2.340   -17.043 1.00 0.00 ? 11 DC A OP2    2 
ATOM 1005 O "O5'"  . DC A 1 11 ? -5.880  0.077   -15.994 1.00 0.00 ? 11 DC A "O5'"  2 
ATOM 1006 C "C5'"  . DC A 1 11 ? -5.413  -1.158  -15.483 1.00 0.00 ? 11 DC A "C5'"  2 
ATOM 1007 C "C4'"  . DC A 1 11 ? -6.585  -2.023  -15.009 1.00 0.00 ? 11 DC A "C4'"  2 
ATOM 1008 O "O4'"  . DC A 1 11 ? -7.309  -1.324  -14.012 1.00 0.00 ? 11 DC A "O4'"  2 
ATOM 1009 C "C3'"  . DC A 1 11 ? -7.573  -2.372  -16.133 1.00 0.00 ? 11 DC A "C3'"  2 
ATOM 1010 O "O3'"  . DC A 1 11 ? -7.852  -3.757  -16.122 1.00 0.00 ? 11 DC A "O3'"  2 
ATOM 1011 C "C2'"  . DC A 1 11 ? -8.828  -1.596  -15.748 1.00 0.00 ? 11 DC A "C2'"  2 
ATOM 1012 C "C1'"  . DC A 1 11 ? -8.685  -1.553  -14.227 1.00 0.00 ? 11 DC A "C1'"  2 
ATOM 1013 N N1     . DC A 1 11 ? -9.490  -0.469  -13.600 1.00 0.00 ? 11 DC A N1     2 
ATOM 1014 C C2     . DC A 1 11 ? -10.463 -0.801  -12.654 1.00 0.00 ? 11 DC A C2     2 
ATOM 1015 O O2     . DC A 1 11 ? -10.774 -1.969  -12.432 1.00 0.00 ? 11 DC A O2     2 
ATOM 1016 N N3     . DC A 1 11 ? -11.081 0.209   -11.977 1.00 0.00 ? 11 DC A N3     2 
ATOM 1017 C C4     . DC A 1 11 ? -10.794 1.494   -12.225 1.00 0.00 ? 11 DC A C4     2 
ATOM 1018 N N4     . DC A 1 11 ? -11.398 2.439   -11.497 1.00 0.00 ? 11 DC A N4     2 
ATOM 1019 C C5     . DC A 1 11 ? -9.844  1.860   -13.237 1.00 0.00 ? 11 DC A C5     2 
ATOM 1020 C C6     . DC A 1 11 ? -9.222  0.848   -13.885 1.00 0.00 ? 11 DC A C6     2 
ATOM 1021 H "H5'"  . DC A 1 11 ? -4.748  -0.978  -14.638 1.00 0.00 ? 11 DC A "H5'"  2 
ATOM 1022 H "H5''" . DC A 1 11 ? -4.864  -1.697  -16.256 1.00 0.00 ? 11 DC A "H5''" 2 
ATOM 1023 H "H4'"  . DC A 1 11 ? -6.186  -2.941  -14.575 1.00 0.00 ? 11 DC A "H4'"  2 
ATOM 1024 H "H3'"  . DC A 1 11 ? -7.209  -2.077  -17.119 1.00 0.00 ? 11 DC A "H3'"  2 
ATOM 1025 H "HO3'" . DC A 1 11 ? -8.489  -3.946  -16.815 1.00 0.00 ? 11 DC A "HO3'" 2 
ATOM 1026 H "H2'"  . DC A 1 11 ? -8.770  -0.599  -16.182 1.00 0.00 ? 11 DC A "H2'"  2 
ATOM 1027 H "H2''" . DC A 1 11 ? -9.746  -2.092  -16.064 1.00 0.00 ? 11 DC A "H2''" 2 
ATOM 1028 H "H1'"  . DC A 1 11 ? -8.919  -2.542  -13.831 1.00 0.00 ? 11 DC A "H1'"  2 
ATOM 1029 H H41    . DC A 1 11 ? -12.018 2.164   -10.746 1.00 0.00 ? 11 DC A H41    2 
ATOM 1030 H H42    . DC A 1 11 ? -11.192 3.413   -11.657 1.00 0.00 ? 11 DC A H42    2 
ATOM 1031 H H5     . DC A 1 11 ? -9.597  2.883   -13.481 1.00 0.00 ? 11 DC A H5     2 
ATOM 1032 H H6     . DC A 1 11 ? -8.489  1.081   -14.642 1.00 0.00 ? 11 DC A H6     2 
ATOM 1033 O "O5'"  . DG B 2 1  ? -18.643 -1.754  -4.145  1.00 0.00 ? 12 DG B "O5'"  2 
ATOM 1034 C "C5'"  . DG B 2 1  ? -19.384 -2.620  -4.978  1.00 0.00 ? 12 DG B "C5'"  2 
ATOM 1035 C "C4'"  . DG B 2 1  ? -18.454 -3.397  -5.916  1.00 0.00 ? 12 DG B "C4'"  2 
ATOM 1036 O "O4'"  . DG B 2 1  ? -17.744 -2.488  -6.741  1.00 0.00 ? 12 DG B "O4'"  2 
ATOM 1037 C "C3'"  . DG B 2 1  ? -17.424 -4.247  -5.155  1.00 0.00 ? 12 DG B "C3'"  2 
ATOM 1038 O "O3'"  . DG B 2 1  ? -17.425 -5.554  -5.708  1.00 0.00 ? 12 DG B "O3'"  2 
ATOM 1039 C "C2'"  . DG B 2 1  ? -16.123 -3.493  -5.421  1.00 0.00 ? 12 DG B "C2'"  2 
ATOM 1040 C "C1'"  . DG B 2 1  ? -16.396 -2.907  -6.800  1.00 0.00 ? 12 DG B "C1'"  2 
ATOM 1041 N N9     . DG B 2 1  ? -15.516 -1.754  -7.101  1.00 0.00 ? 12 DG B N9     2 
ATOM 1042 C C8     . DG B 2 1  ? -15.441 -0.546  -6.453  1.00 0.00 ? 12 DG B C8     2 
ATOM 1043 N N7     . DG B 2 1  ? -14.607 0.299   -6.990  1.00 0.00 ? 12 DG B N7     2 
ATOM 1044 C C5     . DG B 2 1  ? -14.083 -0.394  -8.075  1.00 0.00 ? 12 DG B C5     2 
ATOM 1045 C C6     . DG B 2 1  ? -13.127 0.017   -9.053  1.00 0.00 ? 12 DG B C6     2 
ATOM 1046 O O6     . DG B 2 1  ? -12.560 1.103   -9.150  1.00 0.00 ? 12 DG B O6     2 
ATOM 1047 N N1     . DG B 2 1  ? -12.848 -0.988  -9.976  1.00 0.00 ? 12 DG B N1     2 
ATOM 1048 C C2     . DG B 2 1  ? -13.438 -2.238  -9.975  1.00 0.00 ? 12 DG B C2     2 
ATOM 1049 N N2     . DG B 2 1  ? -13.033 -3.108  -10.907 1.00 0.00 ? 12 DG B N2     2 
ATOM 1050 N N3     . DG B 2 1  ? -14.355 -2.616  -9.071  1.00 0.00 ? 12 DG B N3     2 
ATOM 1051 C C4     . DG B 2 1  ? -14.629 -1.655  -8.148  1.00 0.00 ? 12 DG B C4     2 
ATOM 1052 H "H5'"  . DG B 2 1  ? -20.086 -2.031  -5.570  1.00 0.00 ? 12 DG B "H5'"  2 
ATOM 1053 H "H5''" . DG B 2 1  ? -19.945 -3.321  -4.359  1.00 0.00 ? 12 DG B "H5''" 2 
ATOM 1054 H "H4'"  . DG B 2 1  ? -19.067 -4.040  -6.550  1.00 0.00 ? 12 DG B "H4'"  2 
ATOM 1055 H "H3'"  . DG B 2 1  ? -17.648 -4.291  -4.089  1.00 0.00 ? 12 DG B "H3'"  2 
ATOM 1056 H "H2'"  . DG B 2 1  ? -16.020 -2.696  -4.684  1.00 0.00 ? 12 DG B "H2'"  2 
ATOM 1057 H "H2''" . DG B 2 1  ? -15.237 -4.125  -5.407  1.00 0.00 ? 12 DG B "H2''" 2 
ATOM 1058 H "H1'"  . DG B 2 1  ? -16.299 -3.690  -7.552  1.00 0.00 ? 12 DG B "H1'"  2 
ATOM 1059 H H8     . DG B 2 1  ? -16.028 -0.309  -5.579  1.00 0.00 ? 12 DG B H8     2 
ATOM 1060 H H1     . DG B 2 1  ? -12.163 -0.769  -10.688 1.00 0.00 ? 12 DG B H1     2 
ATOM 1061 H H21    . DG B 2 1  ? -12.303 -2.850  -11.558 1.00 0.00 ? 12 DG B H21    2 
ATOM 1062 H H22    . DG B 2 1  ? -13.416 -4.041  -10.918 1.00 0.00 ? 12 DG B H22    2 
ATOM 1063 H "HO5'" . DG B 2 1  ? -19.254 -1.278  -3.578  1.00 0.00 ? 12 DG B "HO5'" 2 
ATOM 1064 P P      . DA B 2 2  ? -16.502 -6.747  -5.125  1.00 0.00 ? 13 DA B P      2 
ATOM 1065 O OP1    . DA B 2 2  ? -17.177 -8.032  -5.417  1.00 0.00 ? 13 DA B OP1    2 
ATOM 1066 O OP2    . DA B 2 2  ? -16.126 -6.415  -3.733  1.00 0.00 ? 13 DA B OP2    2 
ATOM 1067 O "O5'"  . DA B 2 2  ? -15.179 -6.653  -6.042  1.00 0.00 ? 13 DA B "O5'"  2 
ATOM 1068 C "C5'"  . DA B 2 2  ? -15.210 -7.018  -7.409  1.00 0.00 ? 13 DA B "C5'"  2 
ATOM 1069 C "C4'"  . DA B 2 2  ? -13.854 -6.753  -8.066  1.00 0.00 ? 13 DA B "C4'"  2 
ATOM 1070 O "O4'"  . DA B 2 2  ? -13.549 -5.372  -8.011  1.00 0.00 ? 13 DA B "O4'"  2 
ATOM 1071 C "C3'"  . DA B 2 2  ? -12.691 -7.514  -7.404  1.00 0.00 ? 13 DA B "C3'"  2 
ATOM 1072 O "O3'"  . DA B 2 2  ? -12.051 -8.299  -8.396  1.00 0.00 ? 13 DA B "O3'"  2 
ATOM 1073 C "C2'"  . DA B 2 2  ? -11.816 -6.375  -6.876  1.00 0.00 ? 13 DA B "C2'"  2 
ATOM 1074 C "C1'"  . DA B 2 2  ? -12.154 -5.255  -7.851  1.00 0.00 ? 13 DA B "C1'"  2 
ATOM 1075 N N9     . DA B 2 2  ? -11.801 -3.917  -7.326  1.00 0.00 ? 13 DA B N9     2 
ATOM 1076 C C8     . DA B 2 2  ? -12.252 -3.296  -6.188  1.00 0.00 ? 13 DA B C8     2 
ATOM 1077 N N7     . DA B 2 2  ? -11.827 -2.072  -6.040  1.00 0.00 ? 13 DA B N7     2 
ATOM 1078 C C5     . DA B 2 2  ? -11.026 -1.866  -7.155  1.00 0.00 ? 13 DA B C5     2 
ATOM 1079 C C6     . DA B 2 2  ? -10.287 -0.757  -7.618  1.00 0.00 ? 13 DA B C6     2 
ATOM 1080 N N6     . DA B 2 2  ? -10.240 0.413   -6.971  1.00 0.00 ? 13 DA B N6     2 
ATOM 1081 N N1     . DA B 2 2  ? -9.608  -0.883  -8.773  1.00 0.00 ? 13 DA B N1     2 
ATOM 1082 C C2     . DA B 2 2  ? -9.658  -2.033  -9.438  1.00 0.00 ? 13 DA B C2     2 
ATOM 1083 N N3     . DA B 2 2  ? -10.320 -3.139  -9.115  1.00 0.00 ? 13 DA B N3     2 
ATOM 1084 C C4     . DA B 2 2  ? -10.994 -2.991  -7.943  1.00 0.00 ? 13 DA B C4     2 
ATOM 1085 H "H5'"  . DA B 2 2  ? -15.972 -6.435  -7.929  1.00 0.00 ? 13 DA B "H5'"  2 
ATOM 1086 H "H5''" . DA B 2 2  ? -15.449 -8.078  -7.504  1.00 0.00 ? 13 DA B "H5''" 2 
ATOM 1087 H "H4'"  . DA B 2 2  ? -13.925 -7.041  -9.117  1.00 0.00 ? 13 DA B "H4'"  2 
ATOM 1088 H "H3'"  . DA B 2 2  ? -13.035 -8.151  -6.587  1.00 0.00 ? 13 DA B "H3'"  2 
ATOM 1089 H "H2'"  . DA B 2 2  ? -12.154 -6.115  -5.873  1.00 0.00 ? 13 DA B "H2'"  2 
ATOM 1090 H "H2''" . DA B 2 2  ? -10.751 -6.599  -6.859  1.00 0.00 ? 13 DA B "H2''" 2 
ATOM 1091 H "H1'"  . DA B 2 2  ? -11.665 -5.448  -8.807  1.00 0.00 ? 13 DA B "H1'"  2 
ATOM 1092 H H8     . DA B 2 2  ? -12.911 -3.771  -5.479  1.00 0.00 ? 13 DA B H8     2 
ATOM 1093 H H61    . DA B 2 2  ? -9.742  1.196   -7.375  1.00 0.00 ? 13 DA B H61    2 
ATOM 1094 H H62    . DA B 2 2  ? -10.743 0.523   -6.102  1.00 0.00 ? 13 DA B H62    2 
ATOM 1095 H H2     . DA B 2 2  ? -9.080  -2.075  -10.348 1.00 0.00 ? 13 DA B H2     2 
ATOM 1096 P P      . DG B 2 3  ? -10.750 -9.211  -8.094  1.00 0.00 ? 14 DG B P      2 
ATOM 1097 O OP1    . DG B 2 3  ? -10.768 -10.363 -9.022  1.00 0.00 ? 14 DG B OP1    2 
ATOM 1098 O OP2    . DG B 2 3  ? -10.660 -9.442  -6.635  1.00 0.00 ? 14 DG B OP2    2 
ATOM 1099 O "O5'"  . DG B 2 3  ? -9.544  -8.232  -8.530  1.00 0.00 ? 14 DG B "O5'"  2 
ATOM 1100 C "C5'"  . DG B 2 3  ? -9.358  -7.870  -9.885  1.00 0.00 ? 14 DG B "C5'"  2 
ATOM 1101 C "C4'"  . DG B 2 3  ? -8.244  -6.831  -10.024 1.00 0.00 ? 14 DG B "C4'"  2 
ATOM 1102 O "O4'"  . DG B 2 3  ? -8.576  -5.670  -9.279  1.00 0.00 ? 14 DG B "O4'"  2 
ATOM 1103 C "C3'"  . DG B 2 3  ? -6.866  -7.318  -9.535  1.00 0.00 ? 14 DG B "C3'"  2 
ATOM 1104 O "O3'"  . DG B 2 3  ? -5.926  -7.082  -10.574 1.00 0.00 ? 14 DG B "O3'"  2 
ATOM 1105 C "C2'"  . DG B 2 3  ? -6.632  -6.427  -8.316  1.00 0.00 ? 14 DG B "C2'"  2 
ATOM 1106 C "C1'"  . DG B 2 3  ? -7.370  -5.169  -8.750  1.00 0.00 ? 14 DG B "C1'"  2 
ATOM 1107 N N9     . DG B 2 3  ? -7.606  -4.234  -7.628  1.00 0.00 ? 14 DG B N9     2 
ATOM 1108 C C8     . DG B 2 3  ? -8.285  -4.439  -6.455  1.00 0.00 ? 14 DG B C8     2 
ATOM 1109 N N7     . DG B 2 3  ? -8.337  -3.392  -5.679  1.00 0.00 ? 14 DG B N7     2 
ATOM 1110 C C5     . DG B 2 3  ? -7.640  -2.419  -6.384  1.00 0.00 ? 14 DG B C5     2 
ATOM 1111 C C6     . DG B 2 3  ? -7.376  -1.054  -6.059  1.00 0.00 ? 14 DG B C6     2 
ATOM 1112 O O6     . DG B 2 3  ? -7.731  -0.434  -5.060  1.00 0.00 ? 14 DG B O6     2 
ATOM 1113 N N1     . DG B 2 3  ? -6.637  -0.402  -7.045  1.00 0.00 ? 14 DG B N1     2 
ATOM 1114 C C2     . DG B 2 3  ? -6.219  -0.995  -8.223  1.00 0.00 ? 14 DG B C2     2 
ATOM 1115 N N2     . DG B 2 3  ? -5.459  -0.269  -9.044  1.00 0.00 ? 14 DG B N2     2 
ATOM 1116 N N3     . DG B 2 3  ? -6.484  -2.272  -8.536  1.00 0.00 ? 14 DG B N3     2 
ATOM 1117 C C4     . DG B 2 3  ? -7.191  -2.926  -7.579  1.00 0.00 ? 14 DG B C4     2 
ATOM 1118 H "H5'"  . DG B 2 3  ? -10.279 -7.439  -10.280 1.00 0.00 ? 14 DG B "H5'"  2 
ATOM 1119 H "H5''" . DG B 2 3  ? -9.101  -8.752  -10.474 1.00 0.00 ? 14 DG B "H5''" 2 
ATOM 1120 H "H4'"  . DG B 2 3  ? -8.176  -6.550  -11.076 1.00 0.00 ? 14 DG B "H4'"  2 
ATOM 1121 H "H3'"  . DG B 2 3  ? -6.875  -8.375  -9.261  1.00 0.00 ? 14 DG B "H3'"  2 
ATOM 1122 H "H2'"  . DG B 2 3  ? -7.124  -6.874  -7.451  1.00 0.00 ? 14 DG B "H2'"  2 
ATOM 1123 H "H2''" . DG B 2 3  ? -5.583  -6.240  -8.094  1.00 0.00 ? 14 DG B "H2''" 2 
ATOM 1124 H "H1'"  . DG B 2 3  ? -6.808  -4.683  -9.549  1.00 0.00 ? 14 DG B "H1'"  2 
ATOM 1125 H H8     . DG B 2 3  ? -8.742  -5.382  -6.195  1.00 0.00 ? 14 DG B H8     2 
ATOM 1126 H H1     . DG B 2 3  ? -6.416  0.574   -6.893  1.00 0.00 ? 14 DG B H1     2 
ATOM 1127 H H21    . DG B 2 3  ? -5.219  0.685   -8.813  1.00 0.00 ? 14 DG B H21    2 
ATOM 1128 H H22    . DG B 2 3  ? -5.141  -0.673  -9.914  1.00 0.00 ? 14 DG B H22    2 
ATOM 1129 P P      . DC B 2 4  ? -4.345  -7.396  -10.434 1.00 0.00 ? 15 DC B P      2 
ATOM 1130 O OP1    . DC B 2 4  ? -3.866  -7.925  -11.730 1.00 0.00 ? 15 DC B OP1    2 
ATOM 1131 O OP2    . DC B 2 4  ? -4.122  -8.178  -9.196  1.00 0.00 ? 15 DC B OP2    2 
ATOM 1132 O "O5'"  . DC B 2 4  ? -3.710  -5.924  -10.224 1.00 0.00 ? 15 DC B "O5'"  2 
ATOM 1133 C "C5'"  . DC B 2 4  ? -3.731  -4.965  -11.267 1.00 0.00 ? 15 DC B "C5'"  2 
ATOM 1134 C "C4'"  . DC B 2 4  ? -3.123  -3.634  -10.812 1.00 0.00 ? 15 DC B "C4'"  2 
ATOM 1135 O "O4'"  . DC B 2 4  ? -3.832  -3.154  -9.682  1.00 0.00 ? 15 DC B "O4'"  2 
ATOM 1136 C "C3'"  . DC B 2 4  ? -1.637  -3.730  -10.425 1.00 0.00 ? 15 DC B "C3'"  2 
ATOM 1137 O "O3'"  . DC B 2 4  ? -0.936  -2.663  -11.051 1.00 0.00 ? 15 DC B "O3'"  2 
ATOM 1138 C "C2'"  . DC B 2 4  ? -1.695  -3.571  -8.908  1.00 0.00 ? 15 DC B "C2'"  2 
ATOM 1139 C "C1'"  . DC B 2 4  ? -2.889  -2.635  -8.768  1.00 0.00 ? 15 DC B "C1'"  2 
ATOM 1140 N N1     . DC B 2 4  ? -3.433  -2.614  -7.384  1.00 0.00 ? 15 DC B N1     2 
ATOM 1141 C C2     . DC B 2 4  ? -3.432  -1.412  -6.675  1.00 0.00 ? 15 DC B C2     2 
ATOM 1142 O O2     . DC B 2 4  ? -2.971  -0.380  -7.152  1.00 0.00 ? 15 DC B O2     2 
ATOM 1143 N N3     . DC B 2 4  ? -3.976  -1.391  -5.427  1.00 0.00 ? 15 DC B N3     2 
ATOM 1144 C C4     . DC B 2 4  ? -4.509  -2.490  -4.879  1.00 0.00 ? 15 DC B C4     2 
ATOM 1145 N N4     . DC B 2 4  ? -5.065  -2.387  -3.669  1.00 0.00 ? 15 DC B N4     2 
ATOM 1146 C C5     . DC B 2 4  ? -4.525  -3.739  -5.588  1.00 0.00 ? 15 DC B C5     2 
ATOM 1147 C C6     . DC B 2 4  ? -3.982  -3.746  -6.829  1.00 0.00 ? 15 DC B C6     2 
ATOM 1148 H "H5'"  . DC B 2 4  ? -4.763  -4.786  -11.571 1.00 0.00 ? 15 DC B "H5'"  2 
ATOM 1149 H "H5''" . DC B 2 4  ? -3.169  -5.333  -12.125 1.00 0.00 ? 15 DC B "H5''" 2 
ATOM 1150 H "H4'"  . DC B 2 4  ? -3.239  -2.914  -11.625 1.00 0.00 ? 15 DC B "H4'"  2 
ATOM 1151 H "H3'"  . DC B 2 4  ? -1.203  -4.689  -10.711 1.00 0.00 ? 15 DC B "H3'"  2 
ATOM 1152 H "H2'"  . DC B 2 4  ? -1.905  -4.544  -8.463  1.00 0.00 ? 15 DC B "H2'"  2 
ATOM 1153 H "H2''" . DC B 2 4  ? -0.790  -3.151  -8.474  1.00 0.00 ? 15 DC B "H2''" 2 
ATOM 1154 H "H1'"  . DC B 2 4  ? -2.591  -1.648  -9.125  1.00 0.00 ? 15 DC B "H1'"  2 
ATOM 1155 H H41    . DC B 2 4  ? -5.107  -1.478  -3.225  1.00 0.00 ? 15 DC B H41    2 
ATOM 1156 H H42    . DC B 2 4  ? -5.495  -3.189  -3.232  1.00 0.00 ? 15 DC B H42    2 
ATOM 1157 H H5     . DC B 2 4  ? -4.954  -4.646  -5.188  1.00 0.00 ? 15 DC B H5     2 
ATOM 1158 H H6     . DC B 2 4  ? -3.986  -4.663  -7.397  1.00 0.00 ? 15 DC B H6     2 
ATOM 1159 P P      . DT B 2 5  ? 0.656   -2.424  -10.867 1.00 0.00 ? 16 DT B P      2 
ATOM 1160 O OP1    . DT B 2 5  ? 1.214   -2.018  -12.177 1.00 0.00 ? 16 DT B OP1    2 
ATOM 1161 O OP2    . DT B 2 5  ? 1.234   -3.587  -10.156 1.00 0.00 ? 16 DT B OP2    2 
ATOM 1162 O "O5'"  . DT B 2 5  ? 0.717   -1.149  -9.877  1.00 0.00 ? 16 DT B "O5'"  2 
ATOM 1163 C "C5'"  . DT B 2 5  ? 0.328   0.140   -10.320 1.00 0.00 ? 16 DT B "C5'"  2 
ATOM 1164 C "C4'"  . DT B 2 5  ? 0.400   1.168   -9.184  1.00 0.00 ? 16 DT B "C4'"  2 
ATOM 1165 O "O4'"  . DT B 2 5  ? -0.416  0.730   -8.109  1.00 0.00 ? 16 DT B "O4'"  2 
ATOM 1166 C "C3'"  . DT B 2 5  ? 1.821   1.387   -8.631  1.00 0.00 ? 16 DT B "C3'"  2 
ATOM 1167 O "O3'"  . DT B 2 5  ? 2.029   2.781   -8.435  1.00 0.00 ? 16 DT B "O3'"  2 
ATOM 1168 C "C2'"  . DT B 2 5  ? 1.756   0.632   -7.308  1.00 0.00 ? 16 DT B "C2'"  2 
ATOM 1169 C "C1'"  . DT B 2 5  ? 0.311   0.917   -6.914  1.00 0.00 ? 16 DT B "C1'"  2 
ATOM 1170 N N1     . DT B 2 5  ? -0.189  0.030   -5.830  1.00 0.00 ? 16 DT B N1     2 
ATOM 1171 C C2     . DT B 2 5  ? -0.719  0.620   -4.685  1.00 0.00 ? 16 DT B C2     2 
ATOM 1172 O O2     . DT B 2 5  ? -0.769  1.833   -4.510  1.00 0.00 ? 16 DT B O2     2 
ATOM 1173 N N3     . DT B 2 5  ? -1.191  -0.243  -3.711  1.00 0.00 ? 16 DT B N3     2 
ATOM 1174 C C4     . DT B 2 5  ? -1.209  -1.625  -3.778  1.00 0.00 ? 16 DT B C4     2 
ATOM 1175 O O4     . DT B 2 5  ? -1.679  -2.276  -2.848  1.00 0.00 ? 16 DT B O4     2 
ATOM 1176 C C5     . DT B 2 5  ? -0.646  -2.167  -5.001  1.00 0.00 ? 16 DT B C5     2 
ATOM 1177 C C7     . DT B 2 5  ? -0.594  -3.671  -5.189  1.00 0.00 ? 16 DT B C7     2 
ATOM 1178 C C6     . DT B 2 5  ? -0.165  -1.340  -5.967  1.00 0.00 ? 16 DT B C6     2 
ATOM 1179 H "H5'"  . DT B 2 5  ? -0.699  0.100   -10.683 1.00 0.00 ? 16 DT B "H5'"  2 
ATOM 1180 H "H5''" . DT B 2 5  ? 0.977   0.466   -11.134 1.00 0.00 ? 16 DT B "H5''" 2 
ATOM 1181 H "H4'"  . DT B 2 5  ? 0.009   2.114   -9.562  1.00 0.00 ? 16 DT B "H4'"  2 
ATOM 1182 H "H3'"  . DT B 2 5  ? 2.584   0.977   -9.295  1.00 0.00 ? 16 DT B "H3'"  2 
ATOM 1183 H "H2'"  . DT B 2 5  ? 1.920   -0.427  -7.505  1.00 0.00 ? 16 DT B "H2'"  2 
ATOM 1184 H "H2''" . DT B 2 5  ? 2.470   0.982   -6.566  1.00 0.00 ? 16 DT B "H2''" 2 
ATOM 1185 H "H1'"  . DT B 2 5  ? 0.245   1.973   -6.648  1.00 0.00 ? 16 DT B "H1'"  2 
ATOM 1186 H H3     . DT B 2 5  ? -1.556  0.192   -2.876  1.00 0.00 ? 16 DT B H3     2 
ATOM 1187 H H71    . DT B 2 5  ? -0.286  -3.934  -6.201  1.00 0.00 ? 16 DT B H71    2 
ATOM 1188 H H72    . DT B 2 5  ? 0.118   -4.096  -4.481  1.00 0.00 ? 16 DT B H72    2 
ATOM 1189 H H73    . DT B 2 5  ? -1.580  -4.096  -4.999  1.00 0.00 ? 16 DT B H73    2 
ATOM 1190 H H6     . DT B 2 5  ? 0.236   -1.763  -6.874  1.00 0.00 ? 16 DT B H6     2 
ATOM 1191 P P      . DC B 2 6  ? 3.402   3.389   -7.826  1.00 0.00 ? 17 DC B P      2 
ATOM 1192 O OP1    . DC B 2 6  ? 3.661   4.685   -8.493  1.00 0.00 ? 17 DC B OP1    2 
ATOM 1193 O OP2    . DC B 2 6  ? 4.438   2.333   -7.861  1.00 0.00 ? 17 DC B OP2    2 
ATOM 1194 O "O5'"  . DC B 2 6  ? 3.042   3.683   -6.273  1.00 0.00 ? 17 DC B "O5'"  2 
ATOM 1195 C "C5'"  . DC B 2 6  ? 2.243   4.794   -5.895  1.00 0.00 ? 17 DC B "C5'"  2 
ATOM 1196 C "C4'"  . DC B 2 6  ? 2.039   4.861   -4.374  1.00 0.00 ? 17 DC B "C4'"  2 
ATOM 1197 O "O4'"  . DC B 2 6  ? 1.401   3.672   -3.930  1.00 0.00 ? 17 DC B "O4'"  2 
ATOM 1198 C "C3'"  . DC B 2 6  ? 3.348   5.002   -3.575  1.00 0.00 ? 17 DC B "C3'"  2 
ATOM 1199 O "O3'"  . DC B 2 6  ? 3.196   5.905   -2.492  1.00 0.00 ? 17 DC B "O3'"  2 
ATOM 1200 C "C2'"  . DC B 2 6  ? 3.495   3.615   -2.966  1.00 0.00 ? 17 DC B "C2'"  2 
ATOM 1201 C "C1'"  . DC B 2 6  ? 2.025   3.274   -2.727  1.00 0.00 ? 17 DC B "C1'"  2 
ATOM 1202 N N1     . DC B 2 6  ? 1.820   1.828   -2.443  1.00 0.00 ? 17 DC B N1     2 
ATOM 1203 C C2     . DC B 2 6  ? 1.239   1.444   -1.229  1.00 0.00 ? 17 DC B C2     2 
ATOM 1204 O O2     . DC B 2 6  ? 0.821   2.273   -0.423  1.00 0.00 ? 17 DC B O2     2 
ATOM 1205 N N3     . DC B 2 6  ? 1.147   0.112   -0.951  1.00 0.00 ? 17 DC B N3     2 
ATOM 1206 C C4     . DC B 2 6  ? 1.577   -0.815  -1.817  1.00 0.00 ? 17 DC B C4     2 
ATOM 1207 N N4     . DC B 2 6  ? 1.471   -2.106  -1.483  1.00 0.00 ? 17 DC B N4     2 
ATOM 1208 C C5     . DC B 2 6  ? 2.136   -0.446  -3.086  1.00 0.00 ? 17 DC B C5     2 
ATOM 1209 C C6     . DC B 2 6  ? 2.235   0.879   -3.347  1.00 0.00 ? 17 DC B C6     2 
ATOM 1210 H "H5'"  . DC B 2 6  ? 1.267   4.718   -6.378  1.00 0.00 ? 17 DC B "H5'"  2 
ATOM 1211 H "H5''" . DC B 2 6  ? 2.724   5.717   -6.221  1.00 0.00 ? 17 DC B "H5''" 2 
ATOM 1212 H "H4'"  . DC B 2 6  ? 1.390   5.711   -4.157  1.00 0.00 ? 17 DC B "H4'"  2 
ATOM 1213 H "H3'"  . DC B 2 6  ? 4.214   5.248   -4.194  1.00 0.00 ? 17 DC B "H3'"  2 
ATOM 1214 H "H2'"  . DC B 2 6  ? 3.951   2.952   -3.703  1.00 0.00 ? 17 DC B "H2'"  2 
ATOM 1215 H "H2''" . DC B 2 6  ? 4.082   3.616   -2.048  1.00 0.00 ? 17 DC B "H2''" 2 
ATOM 1216 H "H1'"  . DC B 2 6  ? 1.648   3.913   -1.927  1.00 0.00 ? 17 DC B "H1'"  2 
ATOM 1217 H H41    . DC B 2 6  ? 1.087   -2.357  -0.583  1.00 0.00 ? 17 DC B H41    2 
ATOM 1218 H H42    . DC B 2 6  ? 1.792   -2.820  -2.118  1.00 0.00 ? 17 DC B H42    2 
ATOM 1219 H H5     . DC B 2 6  ? 2.476   -1.161  -3.821  1.00 0.00 ? 17 DC B H5     2 
ATOM 1220 H H6     . DC B 2 6  ? 2.655   1.193   -4.290  1.00 0.00 ? 17 DC B H6     2 
ATOM 1221 P P      . DG B 2 7  ? 3.560   7.471   -2.602  1.00 0.00 ? 18 DG B P      2 
ATOM 1222 O OP1    . DG B 2 7  ? 2.692   8.097   -3.625  1.00 0.00 ? 18 DG B OP1    2 
ATOM 1223 O OP2    . DG B 2 7  ? 5.031   7.594   -2.703  1.00 0.00 ? 18 DG B OP2    2 
ATOM 1224 O "O5'"  . DG B 2 7  ? 3.110   7.994   -1.140  1.00 0.00 ? 18 DG B "O5'"  2 
ATOM 1225 C "C5'"  . DG B 2 7  ? 1.806   8.484   -0.884  1.00 0.00 ? 18 DG B "C5'"  2 
ATOM 1226 C "C4'"  . DG B 2 7  ? 1.399   8.244   0.576   1.00 0.00 ? 18 DG B "C4'"  2 
ATOM 1227 O "O4'"  . DG B 2 7  ? 1.289   6.844   0.773   1.00 0.00 ? 18 DG B "O4'"  2 
ATOM 1228 C "C3'"  . DG B 2 7  ? 2.388   8.783   1.623   1.00 0.00 ? 18 DG B "C3'"  2 
ATOM 1229 O "O3'"  . DG B 2 7  ? 1.635   9.267   2.727   1.00 0.00 ? 18 DG B "O3'"  2 
ATOM 1230 C "C2'"  . DG B 2 7  ? 3.186   7.526   1.966   1.00 0.00 ? 18 DG B "C2'"  2 
ATOM 1231 C "C1'"  . DG B 2 7  ? 2.094   6.467   1.869   1.00 0.00 ? 18 DG B "C1'"  2 
ATOM 1232 N N9     . DG B 2 7  ? 2.633   5.107   1.653   1.00 0.00 ? 18 DG B N9     2 
ATOM 1233 C C8     . DG B 2 7  ? 3.532   4.671   0.713   1.00 0.00 ? 18 DG B C8     2 
ATOM 1234 N N7     . DG B 2 7  ? 3.752   3.386   0.735   1.00 0.00 ? 18 DG B N7     2 
ATOM 1235 C C5     . DG B 2 7  ? 2.928   2.927   1.754   1.00 0.00 ? 18 DG B C5     2 
ATOM 1236 C C6     . DG B 2 7  ? 2.694   1.599   2.218   1.00 0.00 ? 18 DG B C6     2 
ATOM 1237 O O6     . DG B 2 7  ? 3.177   0.556   1.784   1.00 0.00 ? 18 DG B O6     2 
ATOM 1238 N N1     . DG B 2 7  ? 1.799   1.560   3.285   1.00 0.00 ? 18 DG B N1     2 
ATOM 1239 C C2     . DG B 2 7  ? 1.164   2.670   3.816   1.00 0.00 ? 18 DG B C2     2 
ATOM 1240 N N2     . DG B 2 7  ? 0.350   2.481   4.858   1.00 0.00 ? 18 DG B N2     2 
ATOM 1241 N N3     . DG B 2 7  ? 1.357   3.914   3.354   1.00 0.00 ? 18 DG B N3     2 
ATOM 1242 C C4     . DG B 2 7  ? 2.244   3.974   2.327   1.00 0.00 ? 18 DG B C4     2 
ATOM 1243 H "H5'"  . DG B 2 7  ? 1.077   7.973   -1.515  1.00 0.00 ? 18 DG B "H5'"  2 
ATOM 1244 H "H5''" . DG B 2 7  ? 1.776   9.550   -1.109  1.00 0.00 ? 18 DG B "H5''" 2 
ATOM 1245 H "H4'"  . DG B 2 7  ? 0.419   8.700   0.726   1.00 0.00 ? 18 DG B "H4'"  2 
ATOM 1246 H "H3'"  . DG B 2 7  ? 3.023   9.574   1.222   1.00 0.00 ? 18 DG B "H3'"  2 
ATOM 1247 H "H2'"  . DG B 2 7  ? 3.953   7.371   1.210   1.00 0.00 ? 18 DG B "H2'"  2 
ATOM 1248 H "H2''" . DG B 2 7  ? 3.647   7.552   2.950   1.00 0.00 ? 18 DG B "H2''" 2 
ATOM 1249 H "H1'"  . DG B 2 7  ? 1.487   6.510   2.774   1.00 0.00 ? 18 DG B "H1'"  2 
ATOM 1250 H H8     . DG B 2 7  ? 4.025   5.330   0.015   1.00 0.00 ? 18 DG B H8     2 
ATOM 1251 H H1     . DG B 2 7  ? 1.583   0.644   3.659   1.00 0.00 ? 18 DG B H1     2 
ATOM 1252 H H21    . DG B 2 7  ? 0.193   1.551   5.222   1.00 0.00 ? 18 DG B H21    2 
ATOM 1253 H H22    . DG B 2 7  ? -0.123  3.272   5.270   1.00 0.00 ? 18 DG B H22    2 
ATOM 1254 P P      . DT B 2 8  ? 2.305   9.833   4.089   1.00 0.00 ? 19 DT B P      2 
ATOM 1255 O OP1    . DT B 2 8  ? 1.474   10.954  4.579   1.00 0.00 ? 19 DT B OP1    2 
ATOM 1256 O OP2    . DT B 2 8  ? 3.753   10.042  3.855   1.00 0.00 ? 19 DT B OP2    2 
ATOM 1257 O "O5'"  . DT B 2 8  ? 2.132   8.594   5.112   1.00 0.00 ? 19 DT B "O5'"  2 
ATOM 1258 C "C5'"  . DT B 2 8  ? 0.852   8.217   5.590   1.00 0.00 ? 19 DT B "C5'"  2 
ATOM 1259 C "C4'"  . DT B 2 8  ? 0.929   6.950   6.448   1.00 0.00 ? 19 DT B "C4'"  2 
ATOM 1260 O "O4'"  . DT B 2 8  ? 1.539   5.915   5.699   1.00 0.00 ? 19 DT B "O4'"  2 
ATOM 1261 C "C3'"  . DT B 2 8  ? 1.728   7.124   7.753   1.00 0.00 ? 19 DT B "C3'"  2 
ATOM 1262 O "O3'"  . DT B 2 8  ? 0.922   6.703   8.844   1.00 0.00 ? 19 DT B "O3'"  2 
ATOM 1263 C "C2'"  . DT B 2 8  ? 2.928   6.204   7.532   1.00 0.00 ? 19 DT B "C2'"  2 
ATOM 1264 C "C1'"  . DT B 2 8  ? 2.352   5.165   6.574   1.00 0.00 ? 19 DT B "C1'"  2 
ATOM 1265 N N1     . DT B 2 8  ? 3.415   4.456   5.813   1.00 0.00 ? 19 DT B N1     2 
ATOM 1266 C C2     . DT B 2 8  ? 3.559   3.078   5.981   1.00 0.00 ? 19 DT B C2     2 
ATOM 1267 O O2     . DT B 2 8  ? 2.870   2.414   6.751   1.00 0.00 ? 19 DT B O2     2 
ATOM 1268 N N3     . DT B 2 8  ? 4.541   2.470   5.214   1.00 0.00 ? 19 DT B N3     2 
ATOM 1269 C C4     . DT B 2 8  ? 5.382   3.096   4.307   1.00 0.00 ? 19 DT B C4     2 
ATOM 1270 O O4     . DT B 2 8  ? 6.204   2.439   3.674   1.00 0.00 ? 19 DT B O4     2 
ATOM 1271 C C5     . DT B 2 8  ? 5.178   4.528   4.197   1.00 0.00 ? 19 DT B C5     2 
ATOM 1272 C C7     . DT B 2 8  ? 6.059   5.331   3.260   1.00 0.00 ? 19 DT B C7     2 
ATOM 1273 C C6     . DT B 2 8  ? 4.219   5.146   4.935   1.00 0.00 ? 19 DT B C6     2 
ATOM 1274 H "H5'"  . DT B 2 8  ? 0.195   8.014   4.742   1.00 0.00 ? 19 DT B "H5'"  2 
ATOM 1275 H "H5''" . DT B 2 8  ? 0.419   9.024   6.184   1.00 0.00 ? 19 DT B "H5''" 2 
ATOM 1276 H "H4'"  . DT B 2 8  ? -0.088  6.640   6.691   1.00 0.00 ? 19 DT B "H4'"  2 
ATOM 1277 H "H3'"  . DT B 2 8  ? 2.045   8.158   7.894   1.00 0.00 ? 19 DT B "H3'"  2 
ATOM 1278 H "H2'"  . DT B 2 8  ? 3.719   6.781   7.056   1.00 0.00 ? 19 DT B "H2'"  2 
ATOM 1279 H "H2''" . DT B 2 8  ? 3.304   5.749   8.446   1.00 0.00 ? 19 DT B "H2''" 2 
ATOM 1280 H "H1'"  . DT B 2 8  ? 1.706   4.491   7.138   1.00 0.00 ? 19 DT B "H1'"  2 
ATOM 1281 H H3     . DT B 2 8  ? 4.637   1.469   5.311   1.00 0.00 ? 19 DT B H3     2 
ATOM 1282 H H71    . DT B 2 8  ? 5.846   6.398   3.330   1.00 0.00 ? 19 DT B H71    2 
ATOM 1283 H H72    . DT B 2 8  ? 7.105   5.163   3.519   1.00 0.00 ? 19 DT B H72    2 
ATOM 1284 H H73    . DT B 2 8  ? 5.893   5.001   2.235   1.00 0.00 ? 19 DT B H73    2 
ATOM 1285 H H6     . DT B 2 8  ? 4.076   6.210   4.831   1.00 0.00 ? 19 DT B H6     2 
ATOM 1286 P P      . DG B 2 9  ? 1.410   6.799   10.386  1.00 0.00 ? 20 DG B P      2 
ATOM 1287 O OP1    . DG B 2 9  ? 0.278   7.301   11.197  1.00 0.00 ? 20 DG B OP1    2 
ATOM 1288 O OP2    . DG B 2 9  ? 2.710   7.505   10.431  1.00 0.00 ? 20 DG B OP2    2 
ATOM 1289 O "O5'"  . DG B 2 9  ? 1.667   5.255   10.779  1.00 0.00 ? 20 DG B "O5'"  2 
ATOM 1290 C "C5'"  . DG B 2 9  ? 0.586   4.354   10.943  1.00 0.00 ? 20 DG B "C5'"  2 
ATOM 1291 C "C4'"  . DG B 2 9  ? 1.089   2.943   11.264  1.00 0.00 ? 20 DG B "C4'"  2 
ATOM 1292 O "O4'"  . DG B 2 9  ? 1.910   2.487   10.202  1.00 0.00 ? 20 DG B "O4'"  2 
ATOM 1293 C "C3'"  . DG B 2 9  ? 1.913   2.867   12.562  1.00 0.00 ? 20 DG B "C3'"  2 
ATOM 1294 O "O3'"  . DG B 2 9  ? 1.503   1.711   13.279  1.00 0.00 ? 20 DG B "O3'"  2 
ATOM 1295 C "C2'"  . DG B 2 9  ? 3.335   2.747   12.020  1.00 0.00 ? 20 DG B "C2'"  2 
ATOM 1296 C "C1'"  . DG B 2 9  ? 3.084   1.933   10.756  1.00 0.00 ? 20 DG B "C1'"  2 
ATOM 1297 N N9     . DG B 2 9  ? 4.199   2.027   9.787   1.00 0.00 ? 20 DG B N9     2 
ATOM 1298 C C8     . DG B 2 9  ? 4.801   3.149   9.277   1.00 0.00 ? 20 DG B C8     2 
ATOM 1299 N N7     . DG B 2 9  ? 5.697   2.908   8.361   1.00 0.00 ? 20 DG B N7     2 
ATOM 1300 C C5     . DG B 2 9  ? 5.696   1.522   8.256   1.00 0.00 ? 20 DG B C5     2 
ATOM 1301 C C6     . DG B 2 9  ? 6.455   0.668   7.403   1.00 0.00 ? 20 DG B C6     2 
ATOM 1302 O O6     . DG B 2 9  ? 7.256   0.995   6.530   1.00 0.00 ? 20 DG B O6     2 
ATOM 1303 N N1     . DG B 2 9  ? 6.208   -0.681  7.650   1.00 0.00 ? 20 DG B N1     2 
ATOM 1304 C C2     . DG B 2 9  ? 5.306   -1.155  8.586   1.00 0.00 ? 20 DG B C2     2 
ATOM 1305 N N2     . DG B 2 9  ? 5.205   -2.481  8.727   1.00 0.00 ? 20 DG B N2     2 
ATOM 1306 N N3     . DG B 2 9  ? 4.556   -0.350  9.352   1.00 0.00 ? 20 DG B N3     2 
ATOM 1307 C C4     . DG B 2 9  ? 4.799   0.972   9.143   1.00 0.00 ? 20 DG B C4     2 
ATOM 1308 H "H5'"  . DG B 2 9  ? 0.002   4.313   10.022  1.00 0.00 ? 20 DG B "H5'"  2 
ATOM 1309 H "H5''" . DG B 2 9  ? -0.059  4.691   11.756  1.00 0.00 ? 20 DG B "H5''" 2 
ATOM 1310 H "H4'"  . DG B 2 9  ? 0.221   2.288   11.344  1.00 0.00 ? 20 DG B "H4'"  2 
ATOM 1311 H "H3'"  . DG B 2 9  ? 1.789   3.758   13.179  1.00 0.00 ? 20 DG B "H3'"  2 
ATOM 1312 H "H2'"  . DG B 2 9  ? 3.702   3.744   11.775  1.00 0.00 ? 20 DG B "H2'"  2 
ATOM 1313 H "H2''" . DG B 2 9  ? 4.026   2.255   12.700  1.00 0.00 ? 20 DG B "H2''" 2 
ATOM 1314 H "H1'"  . DG B 2 9  ? 2.892   0.896   11.035  1.00 0.00 ? 20 DG B "H1'"  2 
ATOM 1315 H H8     . DG B 2 9  ? 4.552   4.150   9.595   1.00 0.00 ? 20 DG B H8     2 
ATOM 1316 H H1     . DG B 2 9  ? 6.728   -1.343  7.088   1.00 0.00 ? 20 DG B H1     2 
ATOM 1317 H H21    . DG B 2 9  ? 5.772   -3.099  8.162   1.00 0.00 ? 20 DG B H21    2 
ATOM 1318 H H22    . DG B 2 9  ? 4.556   -2.863  9.400   1.00 0.00 ? 20 DG B H22    2 
ATOM 1319 P P      . DG B 2 10 ? 2.165   1.261   14.686  1.00 0.00 ? 21 DG B P      2 
ATOM 1320 O OP1    . DG B 2 10 ? 1.082   0.777   15.571  1.00 0.00 ? 21 DG B OP1    2 
ATOM 1321 O OP2    . DG B 2 10 ? 3.069   2.333   15.156  1.00 0.00 ? 21 DG B OP2    2 
ATOM 1322 O "O5'"  . DG B 2 10 ? 3.068   -0.007  14.255  1.00 0.00 ? 21 DG B "O5'"  2 
ATOM 1323 C "C5'"  . DG B 2 10 ? 2.470   -1.226  13.850  1.00 0.00 ? 21 DG B "C5'"  2 
ATOM 1324 C "C4'"  . DG B 2 10 ? 3.530   -2.277  13.500  1.00 0.00 ? 21 DG B "C4'"  2 
ATOM 1325 O "O4'"  . DG B 2 10 ? 4.312   -1.812  12.410  1.00 0.00 ? 21 DG B "O4'"  2 
ATOM 1326 C "C3'"  . DG B 2 10 ? 4.481   -2.584  14.669  1.00 0.00 ? 21 DG B "C3'"  2 
ATOM 1327 O "O3'"  . DG B 2 10 ? 4.682   -3.989  14.730  1.00 0.00 ? 21 DG B "O3'"  2 
ATOM 1328 C "C2'"  . DG B 2 10 ? 5.736   -1.827  14.246  1.00 0.00 ? 21 DG B "C2'"  2 
ATOM 1329 C "C1'"  . DG B 2 10 ? 5.675   -2.001  12.732  1.00 0.00 ? 21 DG B "C1'"  2 
ATOM 1330 N N9     . DG B 2 10 ? 6.511   -1.015  12.013  1.00 0.00 ? 21 DG B N9     2 
ATOM 1331 C C8     . DG B 2 10 ? 6.498   0.353   12.114  1.00 0.00 ? 21 DG B C8     2 
ATOM 1332 N N7     . DG B 2 10 ? 7.301   0.960   11.288  1.00 0.00 ? 21 DG B N7     2 
ATOM 1333 C C5     . DG B 2 10 ? 7.896   -0.079  10.582  1.00 0.00 ? 21 DG B C5     2 
ATOM 1334 C C6     . DG B 2 10 ? 8.851   -0.038  9.522   1.00 0.00 ? 21 DG B C6     2 
ATOM 1335 O O6     . DG B 2 10 ? 9.327   0.952   8.975   1.00 0.00 ? 21 DG B O6     2 
ATOM 1336 N N1     . DG B 2 10 ? 9.231   -1.309  9.101   1.00 0.00 ? 21 DG B N1     2 
ATOM 1337 C C2     . DG B 2 10 ? 8.728   -2.489  9.619   1.00 0.00 ? 21 DG B C2     2 
ATOM 1338 N N2     . DG B 2 10 ? 9.237   -3.631  9.148   1.00 0.00 ? 21 DG B N2     2 
ATOM 1339 N N3     . DG B 2 10 ? 7.808   -2.527  10.594  1.00 0.00 ? 21 DG B N3     2 
ATOM 1340 C C4     . DG B 2 10 ? 7.435   -1.294  11.032  1.00 0.00 ? 21 DG B C4     2 
ATOM 1341 H "H5'"  . DG B 2 10 ? 1.845   -1.053  12.973  1.00 0.00 ? 21 DG B "H5'"  2 
ATOM 1342 H "H5''" . DG B 2 10 ? 1.847   -1.617  14.655  1.00 0.00 ? 21 DG B "H5''" 2 
ATOM 1343 H "H4'"  . DG B 2 10 ? 3.013   -3.190  13.199  1.00 0.00 ? 21 DG B "H4'"  2 
ATOM 1344 H "H3'"  . DG B 2 10 ? 4.092   -2.218  15.621  1.00 0.00 ? 21 DG B "H3'"  2 
ATOM 1345 H "H2'"  . DG B 2 10 ? 5.624   -0.777  14.519  1.00 0.00 ? 21 DG B "H2'"  2 
ATOM 1346 H "H2''" . DG B 2 10 ? 6.651   -2.222  14.679  1.00 0.00 ? 21 DG B "H2''" 2 
ATOM 1347 H "H1'"  . DG B 2 10 ? 5.962   -3.022  12.477  1.00 0.00 ? 21 DG B "H1'"  2 
ATOM 1348 H H8     . DG B 2 10 ? 5.874   0.884   12.814  1.00 0.00 ? 21 DG B H8     2 
ATOM 1349 H H1     . DG B 2 10 ? 9.916   -1.351  8.357   1.00 0.00 ? 21 DG B H1     2 
ATOM 1350 H H21    . DG B 2 10 ? 9.965   -3.613  8.445   1.00 0.00 ? 21 DG B H21    2 
ATOM 1351 H H22    . DG B 2 10 ? 8.900   -4.513  9.505   1.00 0.00 ? 21 DG B H22    2 
ATOM 1352 P P      . DC B 2 11 ? 5.673   -4.695  15.799  1.00 0.00 ? 22 DC B P      2 
ATOM 1353 O OP1    . DC B 2 11 ? 5.078   -5.992  16.193  1.00 0.00 ? 22 DC B OP1    2 
ATOM 1354 O OP2    . DC B 2 11 ? 6.035   -3.708  16.841  1.00 0.00 ? 22 DC B OP2    2 
ATOM 1355 O "O5'"  . DC B 2 11 ? 6.988   -4.996  14.910  1.00 0.00 ? 22 DC B "O5'"  2 
ATOM 1356 C "C5'"  . DC B 2 11 ? 6.962   -5.961  13.874  1.00 0.00 ? 22 DC B "C5'"  2 
ATOM 1357 C "C4'"  . DC B 2 11 ? 8.305   -6.008  13.140  1.00 0.00 ? 22 DC B "C4'"  2 
ATOM 1358 O "O4'"  . DC B 2 11 ? 8.589   -4.730  12.601  1.00 0.00 ? 22 DC B "O4'"  2 
ATOM 1359 C "C3'"  . DC B 2 11 ? 9.479   -6.396  14.052  1.00 0.00 ? 22 DC B "C3'"  2 
ATOM 1360 O "O3'"  . DC B 2 11 ? 10.258  -7.404  13.440  1.00 0.00 ? 22 DC B "O3'"  2 
ATOM 1361 C "C2'"  . DC B 2 11 ? 10.292  -5.109  14.138  1.00 0.00 ? 22 DC B "C2'"  2 
ATOM 1362 C "C1'"  . DC B 2 11 ? 9.963   -4.467  12.790  1.00 0.00 ? 22 DC B "C1'"  2 
ATOM 1363 N N1     . DC B 2 11 ? 10.212  -2.999  12.772  1.00 0.00 ? 22 DC B N1     2 
ATOM 1364 C C2     . DC B 2 11 ? 11.107  -2.467  11.839  1.00 0.00 ? 22 DC B C2     2 
ATOM 1365 O O2     . DC B 2 11 ? 11.765  -3.191  11.096  1.00 0.00 ? 22 DC B O2     2 
ATOM 1366 N N3     . DC B 2 11 ? 11.233  -1.112  11.758  1.00 0.00 ? 22 DC B N3     2 
ATOM 1367 C C4     . DC B 2 11 ? 10.529  -0.297  12.560  1.00 0.00 ? 22 DC B C4     2 
ATOM 1368 N N4     . DC B 2 11 ? 10.654  1.023   12.402  1.00 0.00 ? 22 DC B N4     2 
ATOM 1369 C C5     . DC B 2 11 ? 9.628   -0.821  13.546  1.00 0.00 ? 22 DC B C5     2 
ATOM 1370 C C6     . DC B 2 11 ? 9.504   -2.169  13.606  1.00 0.00 ? 22 DC B C6     2 
ATOM 1371 H "H5'"  . DC B 2 11 ? 6.181   -5.707  13.156  1.00 0.00 ? 22 DC B "H5'"  2 
ATOM 1372 H "H5''" . DC B 2 11 ? 6.750   -6.948  14.290  1.00 0.00 ? 22 DC B "H5''" 2 
ATOM 1373 H "H4'"  . DC B 2 11 ? 8.227   -6.725  12.321  1.00 0.00 ? 22 DC B "H4'"  2 
ATOM 1374 H "H3'"  . DC B 2 11 ? 9.154   -6.728  15.039  1.00 0.00 ? 22 DC B "H3'"  2 
ATOM 1375 H "HO3'" . DC B 2 11 ? 10.994  -7.614  14.019  1.00 0.00 ? 22 DC B "HO3'" 2 
ATOM 1376 H "H2'"  . DC B 2 11 ? 9.913   -4.511  14.968  1.00 0.00 ? 22 DC B "H2'"  2 
ATOM 1377 H "H2''" . DC B 2 11 ? 11.360  -5.289  14.262  1.00 0.00 ? 22 DC B "H2''" 2 
ATOM 1378 H "H1'"  . DC B 2 11 ? 10.511  -5.004  12.014  1.00 0.00 ? 22 DC B "H1'"  2 
ATOM 1379 H H41    . DC B 2 11 ? 11.244  1.385   11.663  1.00 0.00 ? 22 DC B H41    2 
ATOM 1380 H H42    . DC B 2 11 ? 10.108  1.656   12.968  1.00 0.00 ? 22 DC B H42    2 
ATOM 1381 H H5     . DC B 2 11 ? 9.044   -0.201  14.211  1.00 0.00 ? 22 DC B H5     2 
ATOM 1382 H H6     . DC B 2 11 ? 8.824   -2.599  14.325  1.00 0.00 ? 22 DC B H6     2 
# 
